data_6Q2M
#
_entry.id   6Q2M
#
_cell.length_a   66.268
_cell.length_b   95.455
_cell.length_c   152.020
_cell.angle_alpha   90.000
_cell.angle_beta   101.556
_cell.angle_gamma   90.000
#
_symmetry.space_group_name_H-M   'P 1 21 1'
#
loop_
_entity.id
_entity.type
_entity.pdbx_description
1 polymer 'Luciferin 4-monooxygenase'
2 non-polymer 'SULFATE ION'
3 non-polymer (2S,5S)-hexane-2,5-diol
4 non-polymer 1,2-ETHANEDIOL
5 non-polymer "5'-O-[N-(DEHYDROLUCIFERYL)-SULFAMOYL] ADENOSINE"
6 water water
#
_entity_poly.entity_id   1
_entity_poly.type   'polypeptide(L)'
_entity_poly.pdbx_seq_one_letter_code
;GPLGSMEDAKNIKKGPAPFYPLEDGTAGEQLHKAMKRYALVPGTIAFTDAHIEVNITYAEYFEMSVRLAEAMKRYGLNTN
HRIVVCSENSLQFFMPVLGALFIGVAVAPANDIYNERELLNSMNISQPTVVFVSKKGLQKILNVQKKLPIIQKIIIMDSK
TDYQGFQSMYTFVTSHLPPGFNEYDFVPESFDRDKTIALIMNSSGSTGLPKGVALPHRNACVRFSHCRDPIFGNQIIPDT
AILSVVPFHHGFGMFTTLGFLICGFRVVLMYRFEEELFLRTLQDYKIQSALLVPTLFSFFAKSTLIDKYDLSNLHEIASG
GAPLSKEVGEAVAKRFNLPGIRQGYGLTETTSAILITPNGDDKPGAVGKVVPFFEAKVVDLDTGKTLGVNQRGELCVRGP
MIMSGYVNNPEATNALIDKDGWLHSGDIAYWDEDEHFFIVDRLKSLIKYKGYQVAPAELESILLQHPNIFDAGVAGLPDD
DAGELPAAVVVLEHGKTMTEKEIVDYVASQVTTAKKLRGGVVFVDEVPKGLTGKLDARKIREILIKAKKGGKSKL
;
_entity_poly.pdbx_strand_id   A,B,C
#
loop_
_chem_comp.id
_chem_comp.type
_chem_comp.name
_chem_comp.formula
DYD non-polymer (2S,5S)-hexane-2,5-diol 'C6 H14 O2'
EDO non-polymer 1,2-ETHANEDIOL 'C2 H6 O2'
SLU non-polymer '5'-O-[N-(DEHYDROLUCIFERYL)-SULFAMOYL] ADENOSINE' 'C21 H18 N8 O8 S3'
SO4 non-polymer 'SULFATE ION' 'O4 S -2'
#
# COMPACT_ATOMS: atom_id res chain seq x y z
N GLU A 7 -16.80 27.18 -44.39
CA GLU A 7 -15.36 27.25 -44.59
C GLU A 7 -14.68 27.88 -43.38
N ASP A 8 -15.00 27.39 -42.19
CA ASP A 8 -14.50 27.97 -40.95
C ASP A 8 -13.32 27.14 -40.46
N ALA A 9 -12.11 27.64 -40.71
CA ALA A 9 -10.89 27.01 -40.23
C ALA A 9 -10.60 27.37 -38.79
N LYS A 10 -11.42 28.21 -38.16
CA LYS A 10 -11.24 28.48 -36.73
C LYS A 10 -11.59 27.25 -35.89
N ASN A 11 -12.32 26.30 -36.47
CA ASN A 11 -12.71 25.08 -35.78
C ASN A 11 -11.85 23.88 -36.13
N ILE A 12 -10.79 24.07 -36.91
CA ILE A 12 -9.83 23.01 -37.20
C ILE A 12 -8.57 23.27 -36.38
N LYS A 13 -8.29 22.38 -35.43
CA LYS A 13 -7.10 22.51 -34.58
C LYS A 13 -5.87 22.06 -35.36
N LYS A 14 -4.91 22.97 -35.51
CA LYS A 14 -3.72 22.72 -36.30
C LYS A 14 -2.51 22.60 -35.38
N GLY A 15 -1.57 21.75 -35.77
CA GLY A 15 -0.34 21.55 -35.02
C GLY A 15 0.71 22.60 -35.35
N PRO A 16 1.49 23.00 -34.36
CA PRO A 16 2.51 24.02 -34.61
C PRO A 16 3.57 23.46 -35.53
N ALA A 17 4.44 24.34 -36.02
CA ALA A 17 5.55 23.86 -36.81
C ALA A 17 6.54 23.12 -35.90
N PRO A 18 7.18 22.08 -36.41
CA PRO A 18 8.16 21.35 -35.60
C PRO A 18 9.36 22.21 -35.24
N PHE A 19 9.89 21.98 -34.05
CA PHE A 19 11.12 22.65 -33.66
C PHE A 19 12.23 22.33 -34.67
N TYR A 20 12.40 21.05 -35.01
CA TYR A 20 13.38 20.69 -36.03
C TYR A 20 12.68 20.32 -37.32
N PRO A 21 13.16 20.84 -38.46
CA PRO A 21 12.58 20.43 -39.74
C PRO A 21 12.75 18.93 -39.94
N LEU A 22 11.84 18.38 -40.73
CA LEU A 22 11.80 16.94 -40.97
C LEU A 22 13.08 16.48 -41.66
N GLU A 23 13.76 15.47 -41.08
CA GLU A 23 15.00 15.00 -41.66
C GLU A 23 14.74 14.21 -42.94
N ASP A 24 15.73 14.22 -43.84
CA ASP A 24 15.67 13.42 -45.06
C ASP A 24 16.12 11.99 -44.78
N GLY A 25 15.87 11.12 -45.74
CA GLY A 25 16.25 9.73 -45.65
C GLY A 25 15.08 8.83 -45.27
N THR A 26 15.26 7.53 -45.48
CA THR A 26 14.30 6.57 -45.01
C THR A 26 14.37 6.49 -43.49
N ALA A 27 13.32 5.89 -42.89
CA ALA A 27 13.37 5.62 -41.46
C ALA A 27 14.57 4.76 -41.12
N GLY A 28 14.89 3.81 -41.99
CA GLY A 28 16.09 3.01 -41.76
C GLY A 28 17.35 3.85 -41.78
N GLU A 29 17.44 4.81 -42.70
CA GLU A 29 18.65 5.65 -42.75
C GLU A 29 18.78 6.53 -41.51
N GLN A 30 17.67 7.10 -41.02
CA GLN A 30 17.74 7.92 -39.82
C GLN A 30 18.09 7.07 -38.60
N LEU A 31 17.48 5.89 -38.48
CA LEU A 31 17.82 5.00 -37.39
C LEU A 31 19.28 4.59 -37.44
N HIS A 32 19.76 4.18 -38.62
CA HIS A 32 21.14 3.76 -38.78
C HIS A 32 22.08 4.88 -38.39
N LYS A 33 21.82 6.10 -38.88
CA LYS A 33 22.69 7.23 -38.57
C LYS A 33 22.79 7.43 -37.06
N ALA A 34 21.64 7.57 -36.40
CA ALA A 34 21.63 7.85 -34.97
C ALA A 34 22.36 6.75 -34.20
N MET A 35 22.06 5.49 -34.51
CA MET A 35 22.65 4.41 -33.73
C MET A 35 24.12 4.24 -34.01
N LYS A 36 24.59 4.53 -35.21
CA LYS A 36 26.02 4.50 -35.43
C LYS A 36 26.71 5.56 -34.58
N ARG A 37 26.12 6.75 -34.53
CA ARG A 37 26.71 7.78 -33.68
C ARG A 37 26.79 7.32 -32.24
N TYR A 38 25.69 6.73 -31.72
CA TYR A 38 25.72 6.35 -30.30
C TYR A 38 26.62 5.13 -30.07
N ALA A 39 26.79 4.29 -31.09
CA ALA A 39 27.68 3.15 -30.94
C ALA A 39 29.13 3.58 -30.89
N LEU A 40 29.43 4.75 -31.46
CA LEU A 40 30.77 5.31 -31.36
C LEU A 40 31.02 6.09 -30.06
N VAL A 41 30.03 6.19 -29.17
CA VAL A 41 30.19 6.84 -27.87
C VAL A 41 30.34 5.75 -26.82
N PRO A 42 31.41 5.73 -26.05
CA PRO A 42 31.67 4.58 -25.16
C PRO A 42 30.67 4.52 -24.00
N GLY A 43 30.21 3.30 -23.70
CA GLY A 43 29.36 3.05 -22.56
C GLY A 43 27.88 3.34 -22.75
N THR A 44 27.43 3.60 -23.97
CA THR A 44 26.03 3.86 -24.21
C THR A 44 25.27 2.55 -24.24
N ILE A 45 24.20 2.47 -23.46
CA ILE A 45 23.41 1.24 -23.36
C ILE A 45 22.09 1.48 -24.06
N ALA A 46 21.72 0.56 -24.97
CA ALA A 46 20.47 0.68 -25.71
C ALA A 46 19.31 0.04 -24.95
N PHE A 47 19.47 -1.21 -24.53
CA PHE A 47 18.44 -1.95 -23.81
C PHE A 47 19.00 -2.60 -22.55
N THR A 48 18.18 -2.61 -21.51
CA THR A 48 18.51 -3.25 -20.25
C THR A 48 17.31 -4.09 -19.82
N ASP A 49 17.51 -5.40 -19.67
CA ASP A 49 16.50 -6.25 -19.06
C ASP A 49 16.61 -6.08 -17.55
N ALA A 50 15.59 -5.45 -16.94
CA ALA A 50 15.69 -5.15 -15.52
C ALA A 50 15.51 -6.39 -14.65
N HIS A 51 14.90 -7.45 -15.19
CA HIS A 51 14.70 -8.67 -14.41
C HIS A 51 16.00 -9.43 -14.22
N ILE A 52 16.67 -9.76 -15.33
CA ILE A 52 17.94 -10.49 -15.25
C ILE A 52 19.15 -9.58 -15.14
N GLU A 53 18.97 -8.26 -15.24
CA GLU A 53 20.09 -7.33 -15.14
C GLU A 53 21.16 -7.62 -16.20
N VAL A 54 20.73 -7.61 -17.45
CA VAL A 54 21.62 -7.76 -18.61
C VAL A 54 21.50 -6.49 -19.45
N ASN A 55 22.63 -5.96 -19.88
CA ASN A 55 22.66 -4.78 -20.72
C ASN A 55 23.13 -5.13 -22.13
N ILE A 56 22.64 -4.39 -23.11
CA ILE A 56 23.16 -4.46 -24.48
C ILE A 56 23.48 -3.05 -24.91
N THR A 57 24.73 -2.83 -25.32
CA THR A 57 25.19 -1.51 -25.67
C THR A 57 24.69 -1.14 -27.06
N TYR A 58 24.61 0.17 -27.32
CA TYR A 58 24.33 0.61 -28.68
C TYR A 58 25.32 0.03 -29.68
N ALA A 59 26.56 -0.23 -29.25
CA ALA A 59 27.55 -0.81 -30.15
C ALA A 59 27.13 -2.21 -30.58
N GLU A 60 26.88 -3.09 -29.61
CA GLU A 60 26.43 -4.43 -29.96
C GLU A 60 25.10 -4.41 -30.71
N TYR A 61 24.19 -3.51 -30.31
CA TYR A 61 22.87 -3.55 -30.94
C TYR A 61 22.97 -3.10 -32.40
N PHE A 62 23.73 -2.04 -32.65
CA PHE A 62 24.02 -1.59 -34.01
C PHE A 62 24.72 -2.69 -34.81
N GLU A 63 25.76 -3.30 -34.26
CA GLU A 63 26.51 -4.29 -35.03
C GLU A 63 25.62 -5.48 -35.39
N MET A 64 24.77 -5.93 -34.46
CA MET A 64 23.91 -7.07 -34.75
C MET A 64 22.78 -6.70 -35.70
N SER A 65 22.24 -5.49 -35.61
CA SER A 65 21.22 -5.08 -36.57
C SER A 65 21.80 -4.98 -37.99
N VAL A 66 23.00 -4.41 -38.10
CA VAL A 66 23.68 -4.34 -39.39
C VAL A 66 23.96 -5.73 -39.93
N ARG A 67 24.43 -6.65 -39.07
CA ARG A 67 24.69 -7.99 -39.55
C ARG A 67 23.40 -8.64 -40.04
N LEU A 68 22.29 -8.44 -39.35
CA LEU A 68 21.04 -9.01 -39.80
C LEU A 68 20.61 -8.41 -41.13
N ALA A 69 20.82 -7.10 -41.30
CA ALA A 69 20.48 -6.46 -42.57
C ALA A 69 21.27 -7.08 -43.71
N GLU A 70 22.61 -7.17 -43.56
CA GLU A 70 23.41 -7.75 -44.63
C GLU A 70 23.10 -9.22 -44.83
N ALA A 71 22.81 -9.96 -43.76
CA ALA A 71 22.49 -11.37 -43.92
C ALA A 71 21.18 -11.55 -44.68
N MET A 72 20.14 -10.78 -44.33
CA MET A 72 18.88 -10.91 -45.05
C MET A 72 19.06 -10.50 -46.50
N LYS A 73 19.87 -9.46 -46.74
CA LYS A 73 20.14 -9.02 -48.11
C LYS A 73 20.85 -10.11 -48.91
N ARG A 74 21.91 -10.71 -48.36
CA ARG A 74 22.59 -11.81 -49.05
C ARG A 74 21.67 -13.01 -49.23
N TYR A 75 20.79 -13.25 -48.25
CA TYR A 75 19.79 -14.31 -48.37
C TYR A 75 18.88 -14.07 -49.55
N GLY A 76 18.68 -12.81 -49.93
CA GLY A 76 17.89 -12.48 -51.10
C GLY A 76 16.65 -11.63 -50.83
N LEU A 77 16.55 -11.01 -49.66
CA LEU A 77 15.37 -10.22 -49.34
C LEU A 77 15.57 -8.79 -49.80
N ASN A 78 14.50 -8.19 -50.32
CA ASN A 78 14.57 -6.83 -50.85
C ASN A 78 13.19 -6.20 -50.61
N THR A 79 12.95 -5.02 -51.20
CA THR A 79 11.71 -4.32 -50.92
C THR A 79 10.48 -5.11 -51.32
N ASN A 80 10.60 -6.20 -52.08
CA ASN A 80 9.43 -7.00 -52.38
C ASN A 80 9.05 -7.95 -51.26
N HIS A 81 9.78 -7.96 -50.16
CA HIS A 81 9.55 -8.99 -49.17
C HIS A 81 9.12 -8.39 -47.84
N ARG A 82 8.64 -9.30 -46.99
CA ARG A 82 8.21 -8.99 -45.64
CA ARG A 82 8.22 -9.00 -45.63
C ARG A 82 8.76 -10.05 -44.69
N ILE A 83 9.07 -9.63 -43.46
CA ILE A 83 9.38 -10.56 -42.38
C ILE A 83 8.38 -10.34 -41.28
N VAL A 84 8.11 -11.39 -40.52
CA VAL A 84 7.31 -11.30 -39.31
C VAL A 84 8.24 -11.33 -38.10
N VAL A 85 7.90 -10.59 -37.06
CA VAL A 85 8.59 -10.67 -35.78
C VAL A 85 7.54 -11.02 -34.75
N CYS A 86 7.63 -12.23 -34.19
CA CYS A 86 6.66 -12.74 -33.23
C CYS A 86 7.35 -13.04 -31.91
N SER A 87 7.22 -12.15 -30.94
CA SER A 87 7.93 -12.34 -29.69
C SER A 87 7.33 -11.46 -28.60
N GLU A 88 7.35 -11.98 -27.38
CA GLU A 88 7.18 -11.13 -26.23
C GLU A 88 8.29 -10.10 -26.20
N ASN A 89 8.14 -9.07 -25.36
CA ASN A 89 9.22 -8.10 -25.27
C ASN A 89 10.49 -8.80 -24.78
N SER A 90 11.63 -8.37 -25.29
CA SER A 90 12.91 -8.99 -24.95
C SER A 90 14.01 -8.07 -25.44
N LEU A 91 15.25 -8.45 -25.15
CA LEU A 91 16.39 -7.65 -25.61
C LEU A 91 16.63 -7.80 -27.11
N GLN A 92 16.13 -8.88 -27.73
CA GLN A 92 16.41 -9.17 -29.14
C GLN A 92 15.32 -8.67 -30.08
N PHE A 93 14.20 -8.15 -29.55
CA PHE A 93 13.06 -7.87 -30.41
C PHE A 93 13.45 -6.98 -31.57
N PHE A 94 14.13 -5.87 -31.28
CA PHE A 94 14.35 -4.85 -32.30
C PHE A 94 15.55 -5.12 -33.20
N MET A 95 16.30 -6.20 -32.99
CA MET A 95 17.39 -6.51 -33.91
C MET A 95 16.89 -6.81 -35.31
N PRO A 96 16.00 -7.78 -35.52
CA PRO A 96 15.48 -7.99 -36.88
C PRO A 96 14.62 -6.83 -37.39
N VAL A 97 13.94 -6.08 -36.51
CA VAL A 97 13.18 -4.92 -36.96
C VAL A 97 14.12 -3.88 -37.57
N LEU A 98 15.17 -3.49 -36.84
CA LEU A 98 16.10 -2.53 -37.40
C LEU A 98 16.78 -3.08 -38.65
N GLY A 99 17.14 -4.37 -38.62
CA GLY A 99 17.78 -4.95 -39.77
C GLY A 99 16.93 -4.79 -41.01
N ALA A 100 15.64 -5.10 -40.89
CA ALA A 100 14.75 -5.00 -42.03
C ALA A 100 14.56 -3.56 -42.47
N LEU A 101 14.43 -2.64 -41.50
CA LEU A 101 14.29 -1.23 -41.86
C LEU A 101 15.49 -0.72 -42.63
N PHE A 102 16.69 -1.22 -42.32
CA PHE A 102 17.88 -0.75 -43.01
C PHE A 102 17.87 -1.08 -44.50
N ILE A 103 17.23 -2.18 -44.88
CA ILE A 103 17.24 -2.61 -46.28
C ILE A 103 15.87 -2.54 -46.94
N GLY A 104 14.91 -1.85 -46.33
CA GLY A 104 13.61 -1.69 -47.00
C GLY A 104 12.74 -2.93 -47.03
N VAL A 105 12.94 -3.86 -46.12
CA VAL A 105 12.05 -5.01 -45.98
C VAL A 105 11.00 -4.66 -44.93
N ALA A 106 9.73 -4.91 -45.25
CA ALA A 106 8.67 -4.52 -44.34
C ALA A 106 8.53 -5.52 -43.20
N VAL A 107 8.35 -4.96 -41.99
CA VAL A 107 8.29 -5.74 -40.76
C VAL A 107 6.84 -5.80 -40.30
N ALA A 108 6.34 -7.01 -40.07
CA ALA A 108 5.01 -7.21 -39.51
C ALA A 108 5.14 -7.84 -38.13
N PRO A 109 4.98 -7.07 -37.05
CA PRO A 109 4.96 -7.69 -35.73
C PRO A 109 3.65 -8.42 -35.52
N ALA A 110 3.73 -9.68 -35.10
CA ALA A 110 2.55 -10.47 -34.79
C ALA A 110 2.47 -10.65 -33.29
N ASN A 111 1.31 -10.33 -32.73
CA ASN A 111 1.09 -10.39 -31.29
C ASN A 111 1.45 -11.77 -30.75
N ASP A 112 2.39 -11.81 -29.80
CA ASP A 112 2.85 -13.08 -29.27
C ASP A 112 1.77 -13.88 -28.53
N ILE A 113 0.70 -13.25 -28.05
CA ILE A 113 -0.33 -14.00 -27.34
C ILE A 113 -1.58 -14.22 -28.19
N TYR A 114 -1.48 -13.99 -29.49
CA TYR A 114 -2.51 -14.44 -30.42
C TYR A 114 -2.74 -15.94 -30.28
N ASN A 115 -3.99 -16.35 -30.46
CA ASN A 115 -4.22 -17.76 -30.70
C ASN A 115 -3.86 -18.08 -32.15
N GLU A 116 -3.82 -19.36 -32.50
CA GLU A 116 -3.35 -19.72 -33.83
C GLU A 116 -4.22 -19.12 -34.92
N ARG A 117 -5.51 -18.94 -34.68
CA ARG A 117 -6.35 -18.37 -35.72
C ARG A 117 -5.97 -16.92 -35.99
N GLU A 118 -5.78 -16.13 -34.94
CA GLU A 118 -5.41 -14.73 -35.10
C GLU A 118 -4.01 -14.60 -35.70
N LEU A 119 -3.11 -15.51 -35.32
CA LEU A 119 -1.77 -15.51 -35.90
C LEU A 119 -1.82 -15.83 -37.39
N LEU A 120 -2.63 -16.82 -37.77
CA LEU A 120 -2.80 -17.13 -39.18
C LEU A 120 -3.33 -15.92 -39.94
N ASN A 121 -4.31 -15.22 -39.37
CA ASN A 121 -4.79 -14.00 -40.03
C ASN A 121 -3.66 -13.01 -40.24
N SER A 122 -2.88 -12.75 -39.18
CA SER A 122 -1.84 -11.73 -39.28
C SER A 122 -0.83 -12.07 -40.37
N MET A 123 -0.39 -13.34 -40.40
CA MET A 123 0.60 -13.69 -41.41
C MET A 123 0.00 -13.89 -42.79
N ASN A 124 -1.31 -14.14 -42.87
CA ASN A 124 -1.96 -14.19 -44.17
C ASN A 124 -1.99 -12.82 -44.81
N ILE A 125 -2.19 -11.79 -43.99
CA ILE A 125 -2.16 -10.41 -44.49
C ILE A 125 -0.74 -10.01 -44.84
N SER A 126 0.21 -10.23 -43.92
CA SER A 126 1.57 -9.74 -44.15
C SER A 126 2.31 -10.57 -45.20
N GLN A 127 1.99 -11.86 -45.32
CA GLN A 127 2.63 -12.75 -46.28
C GLN A 127 4.15 -12.76 -46.13
N PRO A 128 4.68 -13.18 -44.99
CA PRO A 128 6.12 -13.07 -44.76
C PRO A 128 6.91 -14.16 -45.46
N THR A 129 8.12 -13.80 -45.90
CA THR A 129 9.05 -14.78 -46.45
C THR A 129 9.90 -15.43 -45.36
N VAL A 130 10.29 -14.66 -44.37
CA VAL A 130 11.05 -15.14 -43.22
C VAL A 130 10.28 -14.78 -41.96
N VAL A 131 10.35 -15.66 -40.96
CA VAL A 131 9.65 -15.47 -39.69
C VAL A 131 10.68 -15.51 -38.56
N PHE A 132 10.77 -14.41 -37.82
CA PHE A 132 11.55 -14.34 -36.59
C PHE A 132 10.60 -14.60 -35.42
N VAL A 133 10.89 -15.64 -34.64
CA VAL A 133 9.99 -16.00 -33.55
C VAL A 133 10.80 -16.43 -32.33
N SER A 134 10.31 -16.04 -31.15
CA SER A 134 10.92 -16.50 -29.92
C SER A 134 10.60 -17.98 -29.74
N LYS A 135 11.28 -18.62 -28.78
CA LYS A 135 10.97 -20.01 -28.47
C LYS A 135 9.49 -20.17 -28.11
N LYS A 136 9.01 -19.33 -27.20
CA LYS A 136 7.63 -19.46 -26.73
C LYS A 136 6.63 -19.51 -27.88
N GLY A 137 6.93 -18.85 -29.00
CA GLY A 137 5.99 -18.81 -30.10
C GLY A 137 6.23 -19.81 -31.21
N LEU A 138 7.33 -20.56 -31.15
CA LEU A 138 7.69 -21.42 -32.28
C LEU A 138 6.54 -22.34 -32.65
N GLN A 139 6.01 -23.07 -31.67
CA GLN A 139 5.01 -24.08 -31.99
C GLN A 139 3.85 -23.46 -32.77
N LYS A 140 3.35 -22.29 -32.31
CA LYS A 140 2.21 -21.73 -33.03
C LYS A 140 2.58 -21.43 -34.47
N ILE A 141 3.75 -20.83 -34.69
CA ILE A 141 4.20 -20.58 -36.06
C ILE A 141 4.18 -21.88 -36.87
N LEU A 142 4.71 -22.96 -36.28
CA LEU A 142 4.73 -24.20 -37.04
C LEU A 142 3.32 -24.62 -37.42
N ASN A 143 2.40 -24.58 -36.46
CA ASN A 143 1.05 -25.06 -36.75
C ASN A 143 0.36 -24.18 -37.78
N VAL A 144 0.87 -22.96 -37.99
CA VAL A 144 0.24 -22.04 -38.92
C VAL A 144 0.97 -22.15 -40.26
N GLN A 145 2.26 -22.49 -40.19
CA GLN A 145 3.13 -22.35 -41.34
C GLN A 145 2.63 -23.21 -42.49
N LYS A 146 1.99 -24.34 -42.16
CA LYS A 146 1.53 -25.27 -43.18
C LYS A 146 0.55 -24.62 -44.14
N LYS A 147 -0.18 -23.60 -43.67
CA LYS A 147 -1.16 -22.91 -44.48
C LYS A 147 -0.61 -21.66 -45.16
N LEU A 148 0.70 -21.40 -45.07
CA LEU A 148 1.31 -20.21 -45.68
C LEU A 148 2.60 -20.60 -46.40
N PRO A 149 2.49 -21.18 -47.60
CA PRO A 149 3.70 -21.62 -48.32
C PRO A 149 4.66 -20.48 -48.63
N ILE A 150 4.24 -19.23 -48.51
CA ILE A 150 5.14 -18.11 -48.74
C ILE A 150 6.31 -18.16 -47.76
N ILE A 151 6.11 -18.76 -46.59
CA ILE A 151 7.13 -18.79 -45.55
C ILE A 151 8.20 -19.81 -45.92
N GLN A 152 9.44 -19.35 -46.03
CA GLN A 152 10.55 -20.19 -46.45
C GLN A 152 11.60 -20.38 -45.38
N LYS A 153 11.59 -19.59 -44.32
CA LYS A 153 12.67 -19.62 -43.35
C LYS A 153 12.10 -19.18 -42.01
N ILE A 154 12.41 -19.96 -40.98
CA ILE A 154 12.03 -19.64 -39.61
C ILE A 154 13.32 -19.51 -38.80
N ILE A 155 13.41 -18.43 -38.02
CA ILE A 155 14.63 -18.11 -37.27
C ILE A 155 14.25 -17.83 -35.83
N ILE A 156 14.97 -18.44 -34.89
CA ILE A 156 14.72 -18.30 -33.46
C ILE A 156 15.44 -17.06 -32.94
N MET A 157 14.72 -16.22 -32.19
CA MET A 157 15.28 -14.94 -31.76
C MET A 157 16.05 -15.05 -30.46
N ASP A 158 15.53 -15.79 -29.48
CA ASP A 158 16.11 -15.83 -28.13
C ASP A 158 17.00 -17.06 -27.93
N SER A 159 17.74 -17.45 -28.96
CA SER A 159 18.69 -18.55 -28.88
C SER A 159 20.02 -18.14 -29.48
N LYS A 160 21.09 -18.66 -28.90
CA LYS A 160 22.42 -18.39 -29.43
C LYS A 160 22.84 -19.44 -30.45
N THR A 161 22.50 -20.70 -30.21
CA THR A 161 22.78 -21.82 -31.09
C THR A 161 21.55 -22.13 -31.94
N ASP A 162 21.72 -23.02 -32.92
CA ASP A 162 20.54 -23.57 -33.57
C ASP A 162 19.64 -24.17 -32.49
N TYR A 163 18.34 -24.13 -32.73
CA TYR A 163 17.33 -24.53 -31.74
C TYR A 163 16.32 -25.42 -32.43
N GLN A 164 16.27 -26.69 -32.02
CA GLN A 164 15.23 -27.61 -32.46
C GLN A 164 15.16 -27.71 -33.98
N GLY A 165 16.30 -27.57 -34.65
CA GLY A 165 16.37 -27.64 -36.09
C GLY A 165 16.24 -26.33 -36.82
N PHE A 166 16.18 -25.21 -36.10
CA PHE A 166 16.03 -23.90 -36.72
C PHE A 166 17.27 -23.08 -36.40
N GLN A 167 17.67 -22.26 -37.36
CA GLN A 167 18.76 -21.34 -37.11
C GLN A 167 18.33 -20.25 -36.12
N SER A 168 19.28 -19.79 -35.32
CA SER A 168 19.08 -18.61 -34.51
C SER A 168 19.56 -17.41 -35.30
N MET A 169 19.35 -16.22 -34.76
CA MET A 169 19.76 -15.05 -35.52
C MET A 169 21.27 -15.06 -35.73
N TYR A 170 22.03 -15.59 -34.75
CA TYR A 170 23.49 -15.61 -34.86
C TYR A 170 23.97 -16.63 -35.90
N THR A 171 23.44 -17.85 -35.87
CA THR A 171 23.87 -18.81 -36.87
C THR A 171 23.39 -18.42 -38.27
N PHE A 172 22.22 -17.79 -38.38
CA PHE A 172 21.77 -17.28 -39.68
C PHE A 172 22.74 -16.24 -40.21
N VAL A 173 23.01 -15.22 -39.40
CA VAL A 173 23.99 -14.21 -39.78
C VAL A 173 25.29 -14.87 -40.21
N THR A 174 25.77 -15.86 -39.45
CA THR A 174 27.05 -16.48 -39.80
C THR A 174 26.96 -17.25 -41.11
N SER A 175 25.81 -17.83 -41.43
CA SER A 175 25.62 -18.48 -42.73
C SER A 175 25.67 -17.49 -43.89
N HIS A 176 25.33 -16.24 -43.66
CA HIS A 176 25.24 -15.33 -44.79
C HIS A 176 26.17 -14.13 -44.72
N LEU A 177 27.01 -14.04 -43.77
CA LEU A 177 27.81 -12.84 -43.91
C LEU A 177 29.11 -13.12 -44.67
N PRO A 178 29.56 -12.16 -45.45
CA PRO A 178 30.79 -12.35 -46.24
C PRO A 178 32.02 -12.26 -45.34
N PRO A 179 33.15 -12.79 -45.77
CA PRO A 179 34.34 -12.78 -44.91
C PRO A 179 34.83 -11.36 -44.66
N GLY A 180 35.20 -11.09 -43.42
CA GLY A 180 35.71 -9.78 -43.06
C GLY A 180 34.69 -8.67 -43.16
N PHE A 181 33.41 -9.00 -43.03
CA PHE A 181 32.36 -7.98 -43.01
C PHE A 181 32.56 -7.04 -41.85
N ASN A 182 32.54 -5.74 -42.13
CA ASN A 182 32.70 -4.72 -41.12
C ASN A 182 31.40 -3.93 -41.01
N GLU A 183 30.72 -4.05 -39.86
CA GLU A 183 29.42 -3.40 -39.71
C GLU A 183 29.50 -1.91 -39.97
N TYR A 184 30.62 -1.28 -39.62
CA TYR A 184 30.73 0.18 -39.70
C TYR A 184 30.99 0.67 -41.11
N ASP A 185 31.21 -0.23 -42.07
CA ASP A 185 31.28 0.12 -43.48
C ASP A 185 29.97 -0.15 -44.20
N PHE A 186 29.00 -0.75 -43.49
CA PHE A 186 27.70 -1.00 -44.07
C PHE A 186 26.98 0.30 -44.40
N VAL A 187 26.30 0.30 -45.54
CA VAL A 187 25.51 1.45 -45.97
C VAL A 187 24.08 0.99 -46.16
N PRO A 188 23.12 1.54 -45.42
CA PRO A 188 21.73 1.11 -45.58
C PRO A 188 21.19 1.45 -46.95
N GLU A 189 20.19 0.68 -47.36
CA GLU A 189 19.59 0.88 -48.66
C GLU A 189 18.84 2.19 -48.70
N SER A 190 18.84 2.81 -49.87
CA SER A 190 18.06 4.01 -50.13
C SER A 190 16.87 3.60 -50.98
N PHE A 191 15.73 4.23 -50.74
CA PHE A 191 14.51 3.85 -51.44
C PHE A 191 13.45 4.88 -51.10
N ASP A 192 12.35 4.81 -51.83
CA ASP A 192 11.26 5.76 -51.72
C ASP A 192 10.59 5.63 -50.36
N ARG A 193 10.70 6.69 -49.54
CA ARG A 193 10.18 6.57 -48.18
C ARG A 193 8.67 6.71 -48.11
N ASP A 194 8.02 7.16 -49.18
CA ASP A 194 6.57 7.26 -49.19
C ASP A 194 5.91 5.95 -49.62
N LYS A 195 6.60 5.16 -50.44
CA LYS A 195 6.03 3.98 -51.05
C LYS A 195 6.55 2.68 -50.47
N THR A 196 7.68 2.70 -49.77
CA THR A 196 8.22 1.50 -49.14
C THR A 196 7.62 1.39 -47.75
N ILE A 197 6.96 0.29 -47.47
CA ILE A 197 6.32 0.10 -46.18
C ILE A 197 7.39 -0.27 -45.16
N ALA A 198 7.36 0.41 -44.01
CA ALA A 198 8.25 0.11 -42.90
C ALA A 198 7.64 -0.98 -42.00
N LEU A 199 6.41 -0.76 -41.52
CA LEU A 199 5.75 -1.71 -40.64
C LEU A 199 4.35 -2.03 -41.10
N ILE A 200 3.96 -3.30 -40.92
CA ILE A 200 2.57 -3.72 -41.07
C ILE A 200 2.09 -4.13 -39.68
N MET A 201 1.35 -3.25 -39.02
CA MET A 201 0.83 -3.49 -37.68
C MET A 201 -0.57 -4.05 -37.80
N ASN A 202 -1.01 -4.76 -36.76
CA ASN A 202 -2.36 -5.32 -36.75
C ASN A 202 -3.31 -4.39 -35.99
N SER A 203 -4.46 -4.14 -36.58
CA SER A 203 -5.46 -3.25 -36.01
C SER A 203 -6.23 -3.95 -34.88
N SER A 204 -6.79 -3.12 -34.02
CA SER A 204 -7.43 -3.53 -32.81
C SER A 204 -8.87 -3.07 -32.60
N GLY A 205 -9.56 -3.63 -31.61
CA GLY A 205 -10.87 -3.15 -31.19
C GLY A 205 -12.03 -3.54 -32.08
N SER A 206 -11.87 -3.37 -33.39
CA SER A 206 -12.95 -3.54 -34.35
C SER A 206 -13.42 -4.99 -34.44
N THR A 207 -14.72 -5.15 -34.70
CA THR A 207 -15.27 -6.48 -34.91
C THR A 207 -14.53 -7.17 -36.04
N GLY A 208 -14.60 -8.51 -36.03
CA GLY A 208 -13.96 -9.30 -37.06
C GLY A 208 -12.48 -9.51 -36.78
N LEU A 209 -11.84 -10.22 -37.69
CA LEU A 209 -10.42 -10.43 -37.59
C LEU A 209 -9.68 -9.11 -37.79
N PRO A 210 -8.53 -8.93 -37.15
CA PRO A 210 -7.75 -7.70 -37.32
C PRO A 210 -7.41 -7.45 -38.78
N LYS A 211 -6.96 -6.22 -39.05
CA LYS A 211 -6.55 -5.83 -40.39
C LYS A 211 -5.05 -5.56 -40.42
N GLY A 212 -4.49 -5.51 -41.64
CA GLY A 212 -3.11 -5.14 -41.83
C GLY A 212 -2.93 -3.66 -42.10
N VAL A 213 -2.35 -2.96 -41.15
CA VAL A 213 -2.14 -1.51 -41.23
C VAL A 213 -0.75 -1.25 -41.82
N ALA A 214 -0.71 -0.79 -43.07
CA ALA A 214 0.54 -0.53 -43.76
C ALA A 214 1.03 0.88 -43.47
N LEU A 215 2.25 1.00 -42.98
CA LEU A 215 2.80 2.28 -42.55
C LEU A 215 4.12 2.50 -43.28
N PRO A 216 4.21 3.49 -44.16
CA PRO A 216 5.48 3.72 -44.87
C PRO A 216 6.52 4.41 -44.01
N HIS A 217 7.77 4.32 -44.49
CA HIS A 217 8.91 4.93 -43.80
C HIS A 217 8.67 6.40 -43.48
N ARG A 218 7.92 7.10 -44.34
CA ARG A 218 7.60 8.51 -44.08
C ARG A 218 6.98 8.68 -42.70
N ASN A 219 6.06 7.78 -42.33
CA ASN A 219 5.37 7.92 -41.05
C ASN A 219 6.36 7.81 -39.90
N ALA A 220 7.30 6.86 -40.00
CA ALA A 220 8.32 6.71 -38.97
C ALA A 220 9.20 7.95 -38.91
N CYS A 221 9.49 8.55 -40.07
CA CYS A 221 10.29 9.76 -40.11
C CYS A 221 9.57 10.91 -39.40
N VAL A 222 8.25 11.02 -39.57
CA VAL A 222 7.53 12.09 -38.87
C VAL A 222 7.51 11.83 -37.38
N ARG A 223 7.38 10.57 -36.99
CA ARG A 223 7.51 10.22 -35.58
C ARG A 223 8.87 10.63 -35.04
N PHE A 224 9.93 10.41 -35.82
CA PHE A 224 11.27 10.77 -35.37
C PHE A 224 11.44 12.28 -35.29
N SER A 225 10.63 13.04 -36.03
CA SER A 225 10.56 14.47 -35.78
C SER A 225 9.95 14.75 -34.41
N HIS A 226 8.83 14.11 -34.11
CA HIS A 226 8.12 14.38 -32.85
C HIS A 226 8.95 13.99 -31.61
N CYS A 227 9.55 12.80 -31.63
CA CYS A 227 10.11 12.26 -30.40
C CYS A 227 11.29 13.08 -29.89
N ARG A 228 11.99 13.82 -30.75
CA ARG A 228 13.07 14.68 -30.30
C ARG A 228 12.66 16.15 -30.23
N ASP A 229 11.36 16.44 -30.33
CA ASP A 229 10.84 17.80 -30.25
C ASP A 229 10.74 18.23 -28.79
N PRO A 230 11.24 19.42 -28.44
CA PRO A 230 11.26 19.81 -27.02
C PRO A 230 9.89 19.87 -26.37
N ILE A 231 8.82 20.09 -27.14
CA ILE A 231 7.48 20.21 -26.59
C ILE A 231 6.70 18.91 -26.72
N PHE A 232 6.75 18.27 -27.88
CA PHE A 232 5.97 17.07 -28.13
C PHE A 232 6.78 15.80 -27.98
N GLY A 233 8.06 15.91 -27.62
CA GLY A 233 8.89 14.73 -27.47
C GLY A 233 9.72 14.80 -26.22
N ASN A 234 10.93 14.26 -26.27
CA ASN A 234 11.87 14.27 -25.16
C ASN A 234 13.17 14.86 -25.65
N GLN A 235 13.75 15.75 -24.84
CA GLN A 235 15.03 16.36 -25.18
C GLN A 235 16.16 15.34 -25.13
N ILE A 236 16.99 15.32 -26.17
CA ILE A 236 18.11 14.39 -26.28
C ILE A 236 19.22 14.90 -25.36
N ILE A 237 19.33 14.27 -24.19
CA ILE A 237 20.37 14.53 -23.21
C ILE A 237 21.07 13.20 -22.91
N PRO A 238 22.40 13.16 -22.89
CA PRO A 238 23.09 11.89 -22.62
C PRO A 238 22.75 11.35 -21.24
N ASP A 239 22.90 10.02 -21.11
CA ASP A 239 22.65 9.29 -19.87
C ASP A 239 21.20 9.43 -19.42
N THR A 240 20.26 9.26 -20.36
CA THR A 240 18.84 9.23 -20.04
C THR A 240 18.31 7.80 -20.13
N ALA A 241 17.68 7.35 -19.06
CA ALA A 241 17.08 6.03 -18.97
C ALA A 241 15.57 6.14 -18.92
N ILE A 242 14.89 5.38 -19.77
CA ILE A 242 13.42 5.27 -19.81
C ILE A 242 13.05 3.88 -19.34
N LEU A 243 11.94 3.76 -18.62
CA LEU A 243 11.40 2.46 -18.24
C LEU A 243 10.13 2.21 -19.05
N SER A 244 10.15 1.19 -19.90
CA SER A 244 9.03 0.89 -20.76
C SER A 244 8.38 -0.44 -20.37
N VAL A 245 7.06 -0.42 -20.23
CA VAL A 245 6.29 -1.61 -19.90
C VAL A 245 5.14 -1.72 -20.91
N VAL A 246 5.45 -1.47 -22.17
CA VAL A 246 4.47 -1.41 -23.24
C VAL A 246 4.82 -2.46 -24.30
N PRO A 247 3.86 -3.19 -24.84
CA PRO A 247 4.19 -4.27 -25.79
C PRO A 247 4.78 -3.77 -27.11
N PHE A 248 5.80 -4.48 -27.60
CA PHE A 248 6.57 -4.02 -28.76
C PHE A 248 5.84 -4.25 -30.07
N HIS A 249 5.00 -5.28 -30.16
CA HIS A 249 4.27 -5.52 -31.40
C HIS A 249 3.17 -4.49 -31.65
N HIS A 250 2.82 -3.68 -30.66
CA HIS A 250 1.77 -2.68 -30.75
C HIS A 250 2.38 -1.32 -31.07
N GLY A 251 1.63 -0.48 -31.78
CA GLY A 251 2.17 0.78 -32.25
C GLY A 251 2.70 1.65 -31.14
N PHE A 252 2.09 1.54 -29.95
CA PHE A 252 2.50 2.33 -28.80
C PHE A 252 3.87 1.89 -28.28
N GLY A 253 4.19 0.60 -28.35
CA GLY A 253 5.53 0.16 -27.98
C GLY A 253 6.54 0.37 -29.10
N MET A 254 6.09 0.07 -30.32
CA MET A 254 6.96 0.15 -31.49
C MET A 254 7.52 1.55 -31.67
N PHE A 255 6.64 2.56 -31.78
CA PHE A 255 7.15 3.85 -32.22
C PHE A 255 7.71 4.69 -31.09
N THR A 256 7.29 4.46 -29.85
CA THR A 256 8.02 5.03 -28.74
C THR A 256 9.44 4.43 -28.65
N THR A 257 9.57 3.10 -28.74
CA THR A 257 10.91 2.53 -28.60
C THR A 257 11.83 2.96 -29.72
N LEU A 258 11.30 3.02 -30.96
CA LEU A 258 12.12 3.49 -32.07
C LEU A 258 12.57 4.92 -31.84
N GLY A 259 11.67 5.80 -31.39
CA GLY A 259 12.08 7.15 -31.07
C GLY A 259 13.08 7.23 -29.94
N PHE A 260 12.96 6.34 -28.94
CA PHE A 260 13.92 6.29 -27.85
C PHE A 260 15.31 5.93 -28.37
N LEU A 261 15.39 5.01 -29.33
CA LEU A 261 16.68 4.72 -29.96
C LEU A 261 17.18 5.94 -30.74
N ILE A 262 16.28 6.63 -31.44
CA ILE A 262 16.68 7.83 -32.18
C ILE A 262 17.29 8.85 -31.23
N CYS A 263 16.85 8.86 -29.97
CA CYS A 263 17.33 9.81 -28.97
C CYS A 263 18.54 9.30 -28.20
N GLY A 264 18.99 8.06 -28.44
CA GLY A 264 20.11 7.55 -27.68
C GLY A 264 19.77 7.22 -26.25
N PHE A 265 18.50 6.96 -25.95
CA PHE A 265 18.11 6.67 -24.57
C PHE A 265 18.44 5.23 -24.22
N ARG A 266 18.43 4.96 -22.93
CA ARG A 266 18.57 3.61 -22.39
C ARG A 266 17.17 3.10 -22.07
N VAL A 267 16.72 2.08 -22.80
CA VAL A 267 15.38 1.55 -22.63
C VAL A 267 15.47 0.37 -21.65
N VAL A 268 14.88 0.55 -20.47
CA VAL A 268 14.86 -0.45 -19.43
C VAL A 268 13.52 -1.16 -19.47
N LEU A 269 13.54 -2.49 -19.46
CA LEU A 269 12.39 -3.32 -19.75
C LEU A 269 11.99 -4.10 -18.52
N MET A 270 10.70 -4.08 -18.22
CA MET A 270 10.07 -5.00 -17.27
C MET A 270 9.02 -5.79 -18.03
N TYR A 271 8.92 -7.09 -17.75
CA TYR A 271 7.85 -7.90 -18.32
C TYR A 271 6.83 -8.34 -17.30
N ARG A 272 7.22 -8.58 -16.06
CA ARG A 272 6.30 -8.88 -14.98
C ARG A 272 6.30 -7.68 -14.05
N PHE A 273 5.14 -7.05 -13.89
CA PHE A 273 5.05 -5.79 -13.18
C PHE A 273 4.61 -6.03 -11.75
N GLU A 274 5.46 -5.64 -10.81
CA GLU A 274 5.15 -5.74 -9.40
C GLU A 274 5.57 -4.43 -8.73
N GLU A 275 4.88 -4.09 -7.65
CA GLU A 275 5.06 -2.79 -6.99
C GLU A 275 6.53 -2.55 -6.61
N GLU A 276 7.11 -3.49 -5.85
CA GLU A 276 8.44 -3.25 -5.32
C GLU A 276 9.51 -3.34 -6.40
N LEU A 277 9.35 -4.28 -7.34
CA LEU A 277 10.31 -4.37 -8.44
C LEU A 277 10.30 -3.09 -9.28
N PHE A 278 9.11 -2.52 -9.47
CA PHE A 278 8.98 -1.25 -10.17
C PHE A 278 9.76 -0.16 -9.46
N LEU A 279 9.59 -0.04 -8.14
CA LEU A 279 10.28 1.04 -7.44
C LEU A 279 11.79 0.81 -7.41
N ARG A 280 12.21 -0.45 -7.24
CA ARG A 280 13.63 -0.75 -7.28
C ARG A 280 14.23 -0.39 -8.64
N THR A 281 13.51 -0.68 -9.71
CA THR A 281 14.04 -0.41 -11.04
C THR A 281 14.16 1.08 -11.27
N LEU A 282 13.13 1.84 -10.87
CA LEU A 282 13.21 3.29 -11.00
C LEU A 282 14.41 3.83 -10.22
N GLN A 283 14.69 3.25 -9.05
CA GLN A 283 15.80 3.77 -8.25
C GLN A 283 17.14 3.38 -8.84
N ASP A 284 17.33 2.08 -9.10
CA ASP A 284 18.66 1.55 -9.40
C ASP A 284 19.15 1.94 -10.78
N TYR A 285 18.25 2.16 -11.74
CA TYR A 285 18.66 2.58 -13.07
C TYR A 285 18.49 4.07 -13.28
N LYS A 286 18.10 4.81 -12.24
CA LYS A 286 17.96 6.27 -12.33
C LYS A 286 17.00 6.66 -13.45
N ILE A 287 15.80 6.08 -13.41
CA ILE A 287 14.81 6.27 -14.45
C ILE A 287 14.31 7.71 -14.40
N GLN A 288 14.31 8.38 -15.55
CA GLN A 288 13.77 9.74 -15.63
C GLN A 288 12.34 9.77 -16.15
N SER A 289 11.94 8.77 -16.91
CA SER A 289 10.57 8.70 -17.39
C SER A 289 10.14 7.25 -17.42
N ALA A 290 8.94 6.98 -16.91
CA ALA A 290 8.35 5.66 -17.00
C ALA A 290 7.19 5.76 -17.98
N LEU A 291 7.14 4.84 -18.95
CA LEU A 291 6.11 4.79 -19.95
C LEU A 291 5.21 3.60 -19.69
N LEU A 292 3.94 3.86 -19.41
CA LEU A 292 3.03 2.84 -18.92
C LEU A 292 1.69 2.86 -19.66
N VAL A 293 0.93 1.80 -19.44
CA VAL A 293 -0.49 1.74 -19.80
C VAL A 293 -1.27 1.85 -18.49
N PRO A 294 -2.49 2.41 -18.52
CA PRO A 294 -3.17 2.71 -17.25
C PRO A 294 -3.49 1.50 -16.40
N THR A 295 -3.64 0.31 -16.99
CA THR A 295 -3.93 -0.87 -16.19
C THR A 295 -2.85 -1.16 -15.14
N LEU A 296 -1.65 -0.61 -15.28
CA LEU A 296 -0.58 -0.86 -14.32
C LEU A 296 -0.61 0.09 -13.13
N PHE A 297 -1.40 1.16 -13.21
CA PHE A 297 -1.32 2.20 -12.19
C PHE A 297 -1.77 1.67 -10.83
N SER A 298 -2.85 0.88 -10.80
CA SER A 298 -3.30 0.36 -9.52
C SER A 298 -2.18 -0.35 -8.77
N PHE A 299 -1.23 -0.97 -9.50
CA PHE A 299 -0.22 -1.72 -8.79
C PHE A 299 0.67 -0.84 -7.91
N PHE A 300 0.70 0.48 -8.14
CA PHE A 300 1.52 1.32 -7.27
C PHE A 300 0.85 2.62 -6.85
N ALA A 301 -0.41 2.84 -7.20
CA ALA A 301 -0.99 4.16 -6.94
C ALA A 301 -1.14 4.42 -5.45
N LYS A 302 -1.45 3.37 -4.68
CA LYS A 302 -1.65 3.49 -3.24
C LYS A 302 -0.57 2.73 -2.45
N SER A 303 0.65 2.69 -2.98
CA SER A 303 1.73 2.04 -2.26
C SER A 303 2.24 2.94 -1.14
N THR A 304 2.80 2.31 -0.10
CA THR A 304 3.44 3.01 1.00
C THR A 304 4.96 3.05 0.87
N LEU A 305 5.50 2.48 -0.21
CA LEU A 305 6.94 2.30 -0.38
C LEU A 305 7.59 3.46 -1.10
N ILE A 306 6.81 4.34 -1.72
CA ILE A 306 7.36 5.32 -2.65
C ILE A 306 8.41 6.18 -1.97
N ASP A 307 8.16 6.55 -0.71
CA ASP A 307 9.08 7.42 0.03
C ASP A 307 10.35 6.70 0.46
N LYS A 308 10.33 5.36 0.50
CA LYS A 308 11.50 4.60 0.91
C LYS A 308 12.54 4.47 -0.20
N TYR A 309 12.21 4.96 -1.40
CA TYR A 309 13.07 4.87 -2.57
C TYR A 309 13.51 6.25 -3.03
N ASP A 310 14.73 6.32 -3.56
CA ASP A 310 15.25 7.55 -4.14
C ASP A 310 14.76 7.66 -5.57
N LEU A 311 13.84 8.59 -5.83
CA LEU A 311 13.31 8.79 -7.16
C LEU A 311 13.66 10.18 -7.67
N SER A 312 14.76 10.73 -7.18
CA SER A 312 15.13 12.09 -7.55
C SER A 312 15.39 12.22 -9.05
N ASN A 313 15.71 11.12 -9.72
CA ASN A 313 15.93 11.16 -11.15
C ASN A 313 14.62 11.07 -11.94
N LEU A 314 13.54 10.65 -11.30
CA LEU A 314 12.28 10.45 -12.00
C LEU A 314 11.58 11.79 -12.18
N HIS A 315 11.38 12.18 -13.45
CA HIS A 315 10.75 13.45 -13.77
C HIS A 315 9.43 13.30 -14.49
N GLU A 316 9.10 12.12 -14.99
CA GLU A 316 7.95 11.96 -15.86
C GLU A 316 7.35 10.57 -15.73
N ILE A 317 6.03 10.52 -15.66
CA ILE A 317 5.30 9.29 -15.86
C ILE A 317 4.34 9.56 -17.00
N ALA A 318 4.50 8.81 -18.09
CA ALA A 318 3.67 8.94 -19.27
C ALA A 318 2.78 7.71 -19.37
N SER A 319 1.59 7.92 -19.94
CA SER A 319 0.64 6.83 -20.12
C SER A 319 0.03 6.93 -21.51
N GLY A 320 -0.48 5.80 -21.99
CA GLY A 320 -1.13 5.85 -23.29
C GLY A 320 -1.89 4.59 -23.56
N GLY A 321 -2.59 4.59 -24.72
CA GLY A 321 -3.27 3.41 -25.21
C GLY A 321 -4.68 3.19 -24.70
N ALA A 322 -5.12 3.92 -23.66
CA ALA A 322 -6.47 3.76 -23.14
C ALA A 322 -6.78 4.89 -22.18
N PRO A 323 -8.03 5.06 -21.76
CA PRO A 323 -8.36 6.13 -20.82
C PRO A 323 -7.62 5.95 -19.50
N LEU A 324 -7.09 7.04 -18.97
CA LEU A 324 -6.56 7.07 -17.62
C LEU A 324 -7.48 7.93 -16.78
N SER A 325 -7.93 7.41 -15.65
CA SER A 325 -8.83 8.17 -14.78
C SER A 325 -8.18 9.49 -14.37
N LYS A 326 -8.96 10.57 -14.44
CA LYS A 326 -8.42 11.85 -14.02
C LYS A 326 -7.99 11.83 -12.55
N GLU A 327 -8.80 11.20 -11.69
CA GLU A 327 -8.48 11.19 -10.26
C GLU A 327 -7.23 10.35 -9.98
N VAL A 328 -7.14 9.16 -10.58
CA VAL A 328 -5.94 8.34 -10.42
C VAL A 328 -4.71 9.08 -10.94
N GLY A 329 -4.85 9.74 -12.08
CA GLY A 329 -3.71 10.46 -12.64
C GLY A 329 -3.26 11.60 -11.75
N GLU A 330 -4.20 12.40 -11.24
CA GLU A 330 -3.84 13.50 -10.35
C GLU A 330 -3.20 12.98 -9.06
N ALA A 331 -3.75 11.91 -8.50
CA ALA A 331 -3.19 11.35 -7.28
C ALA A 331 -1.75 10.90 -7.52
N VAL A 332 -1.55 10.10 -8.57
CA VAL A 332 -0.21 9.58 -8.84
C VAL A 332 0.76 10.71 -9.15
N ALA A 333 0.32 11.70 -9.92
CA ALA A 333 1.22 12.80 -10.23
C ALA A 333 1.62 13.57 -8.98
N LYS A 334 0.71 13.69 -8.02
CA LYS A 334 1.02 14.43 -6.80
C LYS A 334 1.93 13.62 -5.88
N ARG A 335 1.80 12.29 -5.88
CA ARG A 335 2.64 11.47 -5.02
C ARG A 335 4.10 11.41 -5.49
N PHE A 336 4.35 11.55 -6.79
CA PHE A 336 5.70 11.52 -7.33
C PHE A 336 6.22 12.92 -7.66
N ASN A 337 5.53 13.95 -7.18
CA ASN A 337 5.93 15.32 -7.41
C ASN A 337 6.03 15.60 -8.92
N LEU A 338 5.01 15.19 -9.65
CA LEU A 338 4.98 15.34 -11.09
C LEU A 338 3.92 16.38 -11.47
N PRO A 339 4.16 17.19 -12.51
CA PRO A 339 3.13 18.14 -12.96
C PRO A 339 1.91 17.46 -13.54
N GLY A 340 1.94 16.16 -13.69
CA GLY A 340 0.85 15.40 -14.28
C GLY A 340 1.36 14.13 -14.90
N ILE A 341 0.44 13.32 -15.36
CA ILE A 341 0.76 12.13 -16.13
C ILE A 341 0.70 12.52 -17.61
N ARG A 342 1.84 12.48 -18.28
CA ARG A 342 1.86 12.86 -19.69
C ARG A 342 1.06 11.88 -20.53
N GLN A 343 0.26 12.42 -21.45
CA GLN A 343 -0.64 11.60 -22.24
C GLN A 343 -0.25 11.63 -23.72
N GLY A 344 -0.60 10.54 -24.40
CA GLY A 344 -0.51 10.45 -25.84
C GLY A 344 -1.68 9.65 -26.35
N TYR A 345 -2.35 10.17 -27.38
CA TYR A 345 -3.49 9.52 -28.01
C TYR A 345 -3.14 9.20 -29.45
N GLY A 346 -3.40 7.96 -29.86
CA GLY A 346 -3.19 7.56 -31.24
C GLY A 346 -3.99 6.32 -31.54
N LEU A 347 -3.99 5.97 -32.83
CA LEU A 347 -4.52 4.69 -33.29
C LEU A 347 -3.43 3.96 -34.07
N THR A 348 -3.56 2.64 -34.18
CA THR A 348 -2.60 1.91 -35.00
C THR A 348 -2.53 2.54 -36.38
N GLU A 349 -3.67 3.06 -36.87
CA GLU A 349 -3.80 3.64 -38.20
C GLU A 349 -3.18 5.02 -38.33
N THR A 350 -2.84 5.67 -37.20
CA THR A 350 -2.15 6.95 -37.23
C THR A 350 -0.67 6.83 -36.87
N THR A 351 -0.15 5.59 -36.84
CA THR A 351 1.25 5.24 -36.60
C THR A 351 1.60 5.38 -35.12
N SER A 352 1.22 6.50 -34.52
CA SER A 352 1.68 6.85 -33.19
C SER A 352 0.76 7.93 -32.65
N ALA A 353 1.12 8.49 -31.50
CA ALA A 353 0.33 9.54 -30.89
C ALA A 353 0.28 10.78 -31.79
N ILE A 354 -0.94 11.15 -32.20
CA ILE A 354 -1.15 12.40 -32.92
C ILE A 354 -1.72 13.49 -32.03
N LEU A 355 -2.05 13.18 -30.77
CA LEU A 355 -2.32 14.18 -29.73
C LEU A 355 -1.43 13.89 -28.54
N ILE A 356 -0.58 14.84 -28.18
CA ILE A 356 0.39 14.67 -27.11
C ILE A 356 0.26 15.85 -26.17
N THR A 357 0.32 15.59 -24.88
CA THR A 357 0.35 16.68 -23.94
C THR A 357 1.70 17.37 -24.10
N PRO A 358 1.73 18.64 -24.46
CA PRO A 358 3.02 19.31 -24.70
C PRO A 358 3.71 19.61 -23.38
N ASN A 359 5.03 19.55 -23.40
CA ASN A 359 5.79 19.76 -22.19
C ASN A 359 5.53 21.14 -21.62
N GLY A 360 5.17 21.19 -20.36
CA GLY A 360 4.87 22.44 -19.69
C GLY A 360 3.45 22.92 -19.84
N ASP A 361 2.59 22.16 -20.51
CA ASP A 361 1.21 22.57 -20.78
C ASP A 361 0.25 21.46 -20.39
N ASP A 362 0.33 21.03 -19.14
CA ASP A 362 -0.53 19.98 -18.65
C ASP A 362 -1.94 20.52 -18.38
N LYS A 363 -2.93 19.67 -18.60
CA LYS A 363 -4.29 20.01 -18.22
C LYS A 363 -4.99 18.70 -17.90
N PRO A 364 -5.29 18.46 -16.63
CA PRO A 364 -5.66 17.11 -16.19
C PRO A 364 -6.94 16.63 -16.85
N GLY A 365 -6.90 15.37 -17.29
CA GLY A 365 -8.00 14.77 -18.01
C GLY A 365 -7.90 14.85 -19.52
N ALA A 366 -7.07 15.74 -20.05
CA ALA A 366 -6.89 15.84 -21.49
C ALA A 366 -5.83 14.85 -21.95
N VAL A 367 -5.79 14.63 -23.27
CA VAL A 367 -4.76 13.80 -23.88
C VAL A 367 -3.76 14.62 -24.66
N GLY A 368 -3.87 15.96 -24.65
CA GLY A 368 -2.84 16.80 -25.25
C GLY A 368 -3.34 17.77 -26.31
N LYS A 369 -2.43 18.24 -27.17
CA LYS A 369 -2.76 19.09 -28.31
C LYS A 369 -2.27 18.39 -29.59
N VAL A 370 -2.75 18.91 -30.72
CA VAL A 370 -2.39 18.34 -32.01
C VAL A 370 -0.90 18.45 -32.25
N VAL A 371 -0.30 17.36 -32.75
CA VAL A 371 1.15 17.30 -32.95
C VAL A 371 1.52 18.05 -34.23
N PRO A 372 2.79 18.45 -34.39
CA PRO A 372 3.21 19.03 -35.67
C PRO A 372 2.87 18.13 -36.84
N PHE A 373 2.50 18.75 -37.96
CA PHE A 373 2.16 18.13 -39.22
C PHE A 373 0.73 17.63 -39.25
N PHE A 374 -0.03 17.76 -38.18
CA PHE A 374 -1.36 17.19 -38.11
C PHE A 374 -2.41 18.25 -37.90
N GLU A 375 -3.62 17.91 -38.29
CA GLU A 375 -4.82 18.68 -38.00
C GLU A 375 -5.88 17.74 -37.42
N ALA A 376 -6.77 18.30 -36.62
CA ALA A 376 -7.83 17.52 -35.98
C ALA A 376 -9.10 18.35 -35.91
N LYS A 377 -10.24 17.68 -36.10
CA LYS A 377 -11.54 18.32 -35.98
C LYS A 377 -12.49 17.36 -35.28
N VAL A 378 -13.65 17.89 -34.92
CA VAL A 378 -14.71 17.13 -34.27
C VAL A 378 -15.98 17.37 -35.05
N VAL A 379 -16.60 16.29 -35.54
CA VAL A 379 -17.72 16.41 -36.47
C VAL A 379 -18.99 15.81 -35.86
N ASP A 380 -20.11 16.27 -36.38
CA ASP A 380 -21.43 15.80 -35.99
C ASP A 380 -21.64 14.36 -36.42
N LEU A 381 -22.26 13.56 -35.56
CA LEU A 381 -22.33 12.12 -35.82
C LEU A 381 -23.30 11.76 -36.94
N ASP A 382 -24.21 12.66 -37.30
CA ASP A 382 -25.25 12.38 -38.28
C ASP A 382 -25.12 13.14 -39.58
N THR A 383 -24.52 14.34 -39.55
CA THR A 383 -24.34 15.16 -40.74
C THR A 383 -22.88 15.44 -41.07
N GLY A 384 -21.95 15.09 -40.19
CA GLY A 384 -20.54 15.31 -40.48
C GLY A 384 -20.08 16.75 -40.43
N LYS A 385 -20.93 17.68 -40.01
CA LYS A 385 -20.51 19.07 -39.97
C LYS A 385 -19.48 19.29 -38.88
N THR A 386 -18.47 20.10 -39.19
CA THR A 386 -17.44 20.41 -38.22
C THR A 386 -18.06 21.18 -37.05
N LEU A 387 -17.71 20.78 -35.83
CA LEU A 387 -18.25 21.40 -34.63
C LEU A 387 -17.25 22.41 -34.07
N GLY A 388 -17.72 23.22 -33.12
CA GLY A 388 -16.93 24.26 -32.51
C GLY A 388 -16.47 23.89 -31.12
N VAL A 389 -15.88 24.87 -30.44
CA VAL A 389 -15.22 24.65 -29.16
C VAL A 389 -16.17 23.98 -28.16
N ASN A 390 -15.64 23.04 -27.39
CA ASN A 390 -16.36 22.40 -26.29
C ASN A 390 -17.64 21.69 -26.74
N GLN A 391 -17.73 21.29 -27.99
CA GLN A 391 -18.83 20.47 -28.49
C GLN A 391 -18.33 19.06 -28.82
N ARG A 392 -19.11 18.06 -28.44
CA ARG A 392 -18.70 16.68 -28.58
C ARG A 392 -19.10 16.11 -29.94
N GLY A 393 -18.20 15.35 -30.53
CA GLY A 393 -18.46 14.69 -31.79
C GLY A 393 -17.37 13.68 -32.09
N GLU A 394 -17.38 13.15 -33.31
CA GLU A 394 -16.35 12.19 -33.67
C GLU A 394 -15.06 12.92 -33.97
N LEU A 395 -13.96 12.41 -33.43
CA LEU A 395 -12.64 12.96 -33.67
C LEU A 395 -12.09 12.53 -35.03
N CYS A 396 -11.67 13.49 -35.83
CA CYS A 396 -11.06 13.24 -37.13
C CYS A 396 -9.67 13.87 -37.16
N VAL A 397 -8.74 13.17 -37.78
CA VAL A 397 -7.34 13.60 -37.78
C VAL A 397 -6.78 13.38 -39.17
N ARG A 398 -5.83 14.23 -39.54
CA ARG A 398 -5.18 14.04 -40.84
C ARG A 398 -3.75 14.58 -40.79
N GLY A 399 -2.86 13.86 -41.44
CA GLY A 399 -1.48 14.24 -41.48
C GLY A 399 -0.64 13.12 -42.05
N PRO A 400 0.67 13.35 -42.08
CA PRO A 400 1.59 12.38 -42.71
C PRO A 400 1.91 11.14 -41.88
N MET A 401 1.28 10.92 -40.72
CA MET A 401 1.37 9.62 -40.08
C MET A 401 0.10 8.78 -40.27
N ILE A 402 -0.89 9.27 -41.02
CA ILE A 402 -2.00 8.41 -41.37
C ILE A 402 -1.49 7.26 -42.22
N MET A 403 -2.06 6.07 -42.00
CA MET A 403 -1.59 4.89 -42.70
C MET A 403 -1.77 5.07 -44.20
N SER A 404 -0.92 4.39 -44.98
CA SER A 404 -1.14 4.40 -46.42
C SER A 404 -2.40 3.61 -46.78
N GLY A 405 -2.78 2.67 -45.95
CA GLY A 405 -4.01 1.92 -46.15
C GLY A 405 -3.92 0.56 -45.49
N TYR A 406 -5.07 -0.09 -45.42
CA TYR A 406 -5.13 -1.46 -44.95
C TYR A 406 -4.65 -2.41 -46.06
N VAL A 407 -3.87 -3.41 -45.69
CA VAL A 407 -3.22 -4.24 -46.68
C VAL A 407 -4.28 -5.08 -47.40
N ASN A 408 -4.37 -4.93 -48.72
CA ASN A 408 -5.31 -5.68 -49.56
C ASN A 408 -6.77 -5.43 -49.16
N ASN A 409 -7.10 -4.24 -48.68
CA ASN A 409 -8.47 -3.96 -48.25
C ASN A 409 -8.76 -2.50 -48.53
N PRO A 410 -8.84 -2.14 -49.81
CA PRO A 410 -9.11 -0.73 -50.15
C PRO A 410 -10.48 -0.29 -49.69
N GLU A 411 -11.44 -1.21 -49.61
CA GLU A 411 -12.78 -0.82 -49.19
C GLU A 411 -12.79 -0.37 -47.74
N ALA A 412 -12.10 -1.09 -46.85
CA ALA A 412 -12.02 -0.64 -45.47
C ALA A 412 -11.25 0.68 -45.39
N THR A 413 -10.22 0.84 -46.22
CA THR A 413 -9.45 2.07 -46.19
C THR A 413 -10.31 3.27 -46.55
N ASN A 414 -11.09 3.15 -47.63
CA ASN A 414 -11.93 4.28 -48.00
C ASN A 414 -13.04 4.51 -47.00
N ALA A 415 -13.55 3.45 -46.36
CA ALA A 415 -14.54 3.68 -45.32
C ALA A 415 -13.94 4.40 -44.12
N LEU A 416 -12.63 4.34 -43.94
CA LEU A 416 -12.07 5.01 -42.77
C LEU A 416 -11.51 6.39 -43.07
N ILE A 417 -11.02 6.64 -44.29
CA ILE A 417 -10.25 7.83 -44.59
C ILE A 417 -10.81 8.46 -45.86
N ASP A 418 -11.19 9.73 -45.78
CA ASP A 418 -11.88 10.37 -46.90
C ASP A 418 -10.88 11.00 -47.87
N LYS A 419 -11.40 11.55 -48.98
CA LYS A 419 -10.51 12.01 -50.04
C LYS A 419 -9.65 13.18 -49.58
N ASP A 420 -10.05 13.90 -48.53
CA ASP A 420 -9.23 14.97 -47.98
C ASP A 420 -8.17 14.45 -47.03
N GLY A 421 -8.17 13.16 -46.73
CA GLY A 421 -7.17 12.59 -45.85
C GLY A 421 -7.58 12.50 -44.40
N TRP A 422 -8.82 12.84 -44.07
CA TRP A 422 -9.28 12.77 -42.69
C TRP A 422 -9.58 11.34 -42.30
N LEU A 423 -8.96 10.88 -41.21
CA LEU A 423 -9.25 9.58 -40.61
C LEU A 423 -10.34 9.76 -39.56
N HIS A 424 -11.36 8.90 -39.62
CA HIS A 424 -12.48 8.94 -38.68
C HIS A 424 -12.20 7.99 -37.53
N SER A 425 -11.84 8.56 -36.37
CA SER A 425 -11.22 7.77 -35.31
C SER A 425 -12.17 6.78 -34.66
N GLY A 426 -13.47 7.06 -34.70
CA GLY A 426 -14.41 6.27 -33.95
C GLY A 426 -14.53 6.66 -32.48
N ASP A 427 -13.91 7.78 -32.10
CA ASP A 427 -13.90 8.25 -30.71
C ASP A 427 -14.69 9.55 -30.59
N ILE A 428 -15.40 9.71 -29.47
CA ILE A 428 -16.06 10.96 -29.14
C ILE A 428 -15.08 11.84 -28.37
N ALA A 429 -14.92 13.08 -28.81
CA ALA A 429 -13.98 13.99 -28.20
C ALA A 429 -14.49 15.42 -28.32
N TYR A 430 -13.77 16.34 -27.70
CA TYR A 430 -13.97 17.77 -27.87
C TYR A 430 -12.66 18.45 -27.52
N TRP A 431 -12.54 19.70 -27.93
CA TRP A 431 -11.36 20.52 -27.65
C TRP A 431 -11.82 21.81 -26.99
N ASP A 432 -11.02 22.31 -26.05
CA ASP A 432 -11.44 23.43 -25.23
C ASP A 432 -10.83 24.74 -25.76
N GLU A 433 -10.99 25.83 -24.99
CA GLU A 433 -10.59 27.15 -25.48
C GLU A 433 -9.11 27.19 -25.80
N ASP A 434 -8.28 26.51 -24.99
CA ASP A 434 -6.84 26.46 -25.20
C ASP A 434 -6.42 25.40 -26.21
N GLU A 435 -7.36 24.71 -26.85
CA GLU A 435 -7.06 23.71 -27.87
C GLU A 435 -6.50 22.41 -27.28
N HIS A 436 -6.86 22.08 -26.04
CA HIS A 436 -6.63 20.75 -25.51
C HIS A 436 -7.79 19.83 -25.88
N PHE A 437 -7.47 18.59 -26.24
CA PHE A 437 -8.47 17.58 -26.57
C PHE A 437 -8.76 16.66 -25.39
N PHE A 438 -10.03 16.30 -25.24
CA PHE A 438 -10.51 15.33 -24.27
C PHE A 438 -11.20 14.18 -25.00
N ILE A 439 -10.83 12.95 -24.67
CA ILE A 439 -11.48 11.77 -25.26
C ILE A 439 -12.60 11.35 -24.33
N VAL A 440 -13.83 11.29 -24.85
CA VAL A 440 -14.99 10.97 -24.03
C VAL A 440 -15.27 9.47 -24.01
N ASP A 441 -15.34 8.83 -25.17
CA ASP A 441 -15.59 7.39 -25.16
C ASP A 441 -15.52 6.86 -26.59
N ARG A 442 -15.67 5.59 -26.76
CA ARG A 442 -15.65 4.99 -28.05
C ARG A 442 -17.05 5.18 -28.57
N LEU A 443 -17.18 5.45 -29.83
CA LEU A 443 -18.50 5.79 -30.39
C LEU A 443 -19.40 4.57 -30.40
N LYS A 444 -18.88 3.42 -30.79
CA LYS A 444 -19.68 2.20 -30.85
C LYS A 444 -20.02 1.65 -29.48
N SER A 445 -19.63 2.32 -28.39
CA SER A 445 -19.95 1.88 -27.04
C SER A 445 -20.90 2.80 -26.31
N LEU A 446 -21.55 3.72 -27.01
CA LEU A 446 -22.54 4.59 -26.38
C LEU A 446 -23.83 3.81 -26.17
N ILE A 447 -24.56 4.17 -25.12
CA ILE A 447 -25.80 3.51 -24.77
C ILE A 447 -26.97 4.44 -25.06
N LYS A 448 -28.08 3.87 -25.52
CA LYS A 448 -29.26 4.64 -25.90
C LYS A 448 -30.37 4.28 -24.91
N TYR A 449 -30.59 5.14 -23.93
CA TYR A 449 -31.64 4.97 -22.93
C TYR A 449 -33.02 5.28 -23.49
N LYS A 450 -33.23 6.50 -23.97
CA LYS A 450 -34.48 6.89 -24.62
C LYS A 450 -34.19 7.91 -25.71
N GLY A 451 -33.28 7.55 -26.62
CA GLY A 451 -32.72 8.43 -27.63
C GLY A 451 -31.76 9.46 -27.09
N TYR A 452 -31.19 9.21 -25.91
CA TYR A 452 -30.15 10.05 -25.33
C TYR A 452 -28.91 9.19 -25.14
N GLN A 453 -27.76 9.75 -25.50
CA GLN A 453 -26.50 9.01 -25.51
C GLN A 453 -25.81 9.06 -24.15
N VAL A 454 -25.65 7.90 -23.52
CA VAL A 454 -24.92 7.75 -22.26
C VAL A 454 -23.54 7.15 -22.54
N ALA A 455 -22.51 7.77 -21.98
CA ALA A 455 -21.14 7.33 -22.20
C ALA A 455 -20.72 6.40 -21.08
N PRO A 456 -20.36 5.16 -21.36
CA PRO A 456 -19.98 4.24 -20.27
C PRO A 456 -18.74 4.69 -19.50
N ALA A 457 -17.85 5.45 -20.12
CA ALA A 457 -16.64 5.88 -19.43
C ALA A 457 -16.97 6.80 -18.25
N GLU A 458 -17.99 7.63 -18.37
CA GLU A 458 -18.36 8.50 -17.27
C GLU A 458 -18.83 7.70 -16.07
N LEU A 459 -19.71 6.72 -16.30
CA LEU A 459 -20.16 5.87 -15.21
C LEU A 459 -19.01 5.06 -14.62
N GLU A 460 -18.09 4.59 -15.46
CA GLU A 460 -16.93 3.87 -14.93
C GLU A 460 -16.10 4.78 -14.04
N SER A 461 -15.88 6.00 -14.43
CA SER A 461 -15.07 6.83 -13.60
C SER A 461 -15.74 7.03 -12.28
N ILE A 462 -17.05 7.22 -12.27
CA ILE A 462 -17.78 7.38 -11.03
C ILE A 462 -17.76 6.15 -10.12
N LEU A 463 -17.86 5.00 -10.75
CA LEU A 463 -17.77 3.76 -10.02
C LEU A 463 -16.42 3.59 -9.44
N LEU A 464 -15.42 3.95 -10.21
CA LEU A 464 -14.07 3.77 -9.78
C LEU A 464 -13.72 4.67 -8.65
N GLN A 465 -14.53 5.65 -8.38
CA GLN A 465 -14.24 6.55 -7.25
C GLN A 465 -14.31 5.78 -5.98
N HIS A 466 -15.37 5.03 -5.85
CA HIS A 466 -15.60 4.23 -4.72
C HIS A 466 -14.43 3.31 -4.35
N PRO A 467 -14.22 3.20 -3.05
CA PRO A 467 -13.28 2.54 -2.19
C PRO A 467 -13.49 1.04 -2.12
N ASN A 468 -14.71 0.60 -2.22
CA ASN A 468 -15.02 -0.79 -2.15
C ASN A 468 -14.96 -1.38 -3.52
N ILE A 469 -14.83 -0.50 -4.48
CA ILE A 469 -14.76 -0.84 -5.88
C ILE A 469 -13.37 -0.75 -6.47
N PHE A 470 -12.80 -1.86 -6.80
CA PHE A 470 -11.46 -1.87 -7.38
C PHE A 470 -11.50 -1.50 -8.85
N ASP A 471 -12.33 -2.19 -9.64
CA ASP A 471 -12.38 -1.98 -11.07
C ASP A 471 -13.81 -2.13 -11.56
N ALA A 472 -14.17 -1.37 -12.60
CA ALA A 472 -15.53 -1.39 -13.10
C ALA A 472 -15.54 -1.31 -14.63
N GLY A 473 -16.59 -1.86 -15.21
CA GLY A 473 -16.82 -1.74 -16.63
C GLY A 473 -18.31 -1.61 -16.90
N VAL A 474 -18.70 -0.69 -17.77
CA VAL A 474 -20.11 -0.38 -17.97
C VAL A 474 -20.48 -0.64 -19.42
N ALA A 475 -21.71 -1.09 -19.62
CA ALA A 475 -22.22 -1.38 -20.96
C ALA A 475 -23.74 -1.28 -20.90
N GLY A 476 -24.41 -1.77 -21.94
CA GLY A 476 -25.86 -1.74 -22.00
C GLY A 476 -26.42 -3.15 -21.98
N LEU A 477 -27.40 -3.37 -21.09
CA LEU A 477 -28.13 -4.63 -21.17
C LEU A 477 -29.44 -4.38 -21.91
N PRO A 478 -29.80 -5.24 -22.87
CA PRO A 478 -30.95 -4.95 -23.74
C PRO A 478 -32.29 -5.17 -23.05
N ASP A 479 -33.18 -4.18 -23.21
CA ASP A 479 -34.52 -4.20 -22.64
C ASP A 479 -35.48 -3.56 -23.63
N ASP A 480 -36.61 -4.23 -23.87
CA ASP A 480 -37.58 -3.71 -24.85
C ASP A 480 -38.08 -2.32 -24.47
N ASP A 481 -38.04 -1.98 -23.19
CA ASP A 481 -38.23 -0.61 -22.74
C ASP A 481 -36.86 0.05 -22.62
N ALA A 482 -36.70 1.21 -23.26
CA ALA A 482 -35.47 1.99 -23.29
C ALA A 482 -34.44 1.41 -24.26
N GLY A 483 -34.72 0.29 -24.92
CA GLY A 483 -33.75 -0.31 -25.82
C GLY A 483 -32.62 -1.00 -25.07
N GLU A 484 -31.86 -0.20 -24.33
CA GLU A 484 -30.82 -0.73 -23.44
C GLU A 484 -30.80 0.09 -22.16
N LEU A 485 -30.70 -0.60 -21.03
CA LEU A 485 -30.48 0.07 -19.76
C LEU A 485 -29.00 -0.01 -19.40
N PRO A 486 -28.40 1.03 -18.81
CA PRO A 486 -26.97 0.96 -18.48
C PRO A 486 -26.74 0.03 -17.30
N ALA A 487 -25.69 -0.79 -17.40
CA ALA A 487 -25.35 -1.76 -16.37
C ALA A 487 -23.84 -1.83 -16.20
N ALA A 488 -23.41 -2.52 -15.14
CA ALA A 488 -22.01 -2.55 -14.75
C ALA A 488 -21.55 -3.96 -14.43
N VAL A 489 -20.23 -4.09 -14.37
CA VAL A 489 -19.51 -5.29 -13.97
C VAL A 489 -18.42 -4.77 -13.04
N VAL A 490 -18.48 -5.21 -11.78
CA VAL A 490 -17.70 -4.59 -10.70
C VAL A 490 -16.86 -5.63 -9.98
N VAL A 491 -15.54 -5.43 -9.95
CA VAL A 491 -14.66 -6.17 -9.07
C VAL A 491 -14.40 -5.28 -7.86
N LEU A 492 -14.69 -5.81 -6.68
CA LEU A 492 -14.61 -5.05 -5.43
C LEU A 492 -13.20 -5.14 -4.83
N GLU A 493 -12.93 -4.22 -3.92
CA GLU A 493 -11.66 -4.23 -3.21
C GLU A 493 -11.61 -5.43 -2.26
N HIS A 494 -10.41 -5.93 -2.00
CA HIS A 494 -10.30 -7.08 -1.10
C HIS A 494 -10.77 -6.67 0.28
N GLY A 495 -11.74 -7.40 0.80
CA GLY A 495 -12.33 -7.01 2.06
C GLY A 495 -13.45 -5.97 1.90
N LYS A 496 -14.39 -6.23 1.04
CA LYS A 496 -15.38 -5.23 0.94
C LYS A 496 -16.69 -5.88 0.75
N THR A 497 -17.70 -5.25 1.28
CA THR A 497 -19.00 -5.77 1.04
C THR A 497 -19.72 -4.59 0.51
N MET A 498 -20.21 -4.74 -0.69
CA MET A 498 -20.98 -3.73 -1.38
C MET A 498 -22.06 -4.51 -2.07
N THR A 499 -23.22 -3.92 -2.17
CA THR A 499 -24.29 -4.65 -2.82
C THR A 499 -24.75 -3.94 -4.03
N GLU A 500 -25.43 -4.67 -4.88
CA GLU A 500 -25.92 -4.10 -6.10
C GLU A 500 -26.87 -2.99 -5.78
N LYS A 501 -27.60 -3.07 -4.69
CA LYS A 501 -28.55 -1.99 -4.44
C LYS A 501 -27.80 -0.70 -4.12
N GLU A 502 -26.83 -0.80 -3.21
CA GLU A 502 -26.13 0.41 -2.80
C GLU A 502 -25.11 0.86 -3.84
N ILE A 503 -24.74 -0.01 -4.79
CA ILE A 503 -23.90 0.45 -5.89
C ILE A 503 -24.72 1.27 -6.87
N VAL A 504 -25.92 0.79 -7.25
CA VAL A 504 -26.74 1.61 -8.12
C VAL A 504 -27.20 2.88 -7.40
N ASP A 505 -27.27 2.85 -6.07
CA ASP A 505 -27.63 4.07 -5.34
C ASP A 505 -26.48 5.07 -5.35
N TYR A 506 -25.27 4.61 -5.08
CA TYR A 506 -24.12 5.50 -5.23
C TYR A 506 -24.03 6.06 -6.65
N VAL A 507 -24.42 5.27 -7.66
CA VAL A 507 -24.42 5.78 -9.03
C VAL A 507 -25.48 6.85 -9.21
N ALA A 508 -26.68 6.64 -8.65
CA ALA A 508 -27.74 7.62 -8.71
C ALA A 508 -27.34 8.94 -8.05
N SER A 509 -26.42 8.86 -7.09
CA SER A 509 -26.06 10.06 -6.32
C SER A 509 -25.39 11.14 -7.17
N GLN A 510 -24.72 10.79 -8.26
CA GLN A 510 -23.99 11.78 -9.05
C GLN A 510 -24.32 11.70 -10.54
N VAL A 511 -25.58 11.51 -10.89
CA VAL A 511 -25.97 11.34 -12.28
C VAL A 511 -27.30 12.06 -12.53
N THR A 512 -27.62 12.22 -13.81
CA THR A 512 -28.89 12.75 -14.24
C THR A 512 -29.91 11.61 -14.32
N THR A 513 -30.98 11.78 -15.09
CA THR A 513 -32.06 10.80 -15.12
C THR A 513 -31.71 9.59 -15.97
N ALA A 514 -31.33 9.83 -17.24
CA ALA A 514 -31.03 8.72 -18.14
C ALA A 514 -29.73 8.00 -17.78
N LYS A 515 -28.79 8.70 -17.12
CA LYS A 515 -27.52 8.09 -16.76
C LYS A 515 -27.60 7.11 -15.58
N LYS A 516 -28.79 6.86 -15.02
CA LYS A 516 -28.87 5.98 -13.85
C LYS A 516 -28.64 4.53 -14.25
N LEU A 517 -27.85 3.82 -13.44
CA LEU A 517 -27.50 2.44 -13.71
C LEU A 517 -28.64 1.49 -13.35
N ARG A 518 -29.74 1.65 -14.09
CA ARG A 518 -30.91 0.80 -14.01
C ARG A 518 -30.67 -0.62 -14.52
N GLY A 519 -29.43 -1.00 -14.82
CA GLY A 519 -29.17 -2.31 -15.39
C GLY A 519 -28.64 -3.35 -14.42
N GLY A 520 -28.21 -2.94 -13.23
CA GLY A 520 -27.72 -3.88 -12.24
C GLY A 520 -26.20 -3.97 -12.23
N VAL A 521 -25.72 -4.88 -11.39
CA VAL A 521 -24.30 -5.14 -11.19
C VAL A 521 -24.04 -6.63 -11.25
N VAL A 522 -22.91 -7.01 -11.84
CA VAL A 522 -22.45 -8.38 -11.88
C VAL A 522 -21.04 -8.37 -11.32
N PHE A 523 -20.91 -8.83 -10.08
CA PHE A 523 -19.60 -8.84 -9.44
C PHE A 523 -18.70 -9.85 -10.12
N VAL A 524 -17.45 -9.46 -10.37
CA VAL A 524 -16.47 -10.29 -11.05
C VAL A 524 -15.12 -10.17 -10.35
N ASP A 525 -14.25 -11.14 -10.62
CA ASP A 525 -12.90 -11.16 -10.09
C ASP A 525 -11.92 -10.35 -10.93
N GLU A 526 -12.29 -10.01 -12.17
CA GLU A 526 -11.49 -9.14 -13.01
C GLU A 526 -12.38 -8.67 -14.15
N VAL A 527 -12.13 -7.43 -14.58
CA VAL A 527 -12.83 -6.79 -15.69
C VAL A 527 -12.11 -7.12 -16.99
N PRO A 528 -12.82 -7.49 -18.06
CA PRO A 528 -12.13 -7.90 -19.29
C PRO A 528 -11.53 -6.71 -20.03
N LYS A 529 -10.20 -6.70 -20.09
CA LYS A 529 -9.38 -5.64 -20.67
C LYS A 529 -8.46 -6.21 -21.73
N GLY A 530 -7.82 -5.30 -22.47
CA GLY A 530 -6.81 -5.66 -23.45
C GLY A 530 -5.40 -5.35 -22.94
N LEU A 531 -4.42 -5.63 -23.82
CA LEU A 531 -3.02 -5.44 -23.46
C LEU A 531 -2.75 -4.01 -23.01
N THR A 532 -3.27 -3.03 -23.75
CA THR A 532 -3.12 -1.66 -23.31
C THR A 532 -4.22 -1.23 -22.35
N GLY A 533 -5.12 -2.15 -21.99
CA GLY A 533 -6.19 -1.89 -21.06
C GLY A 533 -7.45 -1.20 -21.58
N LYS A 534 -7.81 -1.40 -22.84
CA LYS A 534 -9.15 -1.01 -23.30
C LYS A 534 -10.15 -2.08 -22.84
N LEU A 535 -11.32 -1.63 -22.37
CA LEU A 535 -12.32 -2.58 -21.92
C LEU A 535 -12.99 -3.26 -23.12
N ASP A 536 -13.28 -4.55 -22.96
CA ASP A 536 -13.94 -5.37 -23.99
C ASP A 536 -15.44 -5.24 -23.87
N ALA A 537 -16.02 -4.25 -24.57
CA ALA A 537 -17.44 -3.95 -24.41
C ALA A 537 -18.32 -5.14 -24.81
N ARG A 538 -17.95 -5.84 -25.87
CA ARG A 538 -18.70 -7.04 -26.24
C ARG A 538 -18.66 -8.08 -25.12
N LYS A 539 -17.49 -8.26 -24.50
CA LYS A 539 -17.35 -9.24 -23.43
C LYS A 539 -18.13 -8.81 -22.19
N ILE A 540 -18.20 -7.50 -21.93
CA ILE A 540 -18.98 -7.01 -20.80
C ILE A 540 -20.47 -7.26 -21.02
N ARG A 541 -20.96 -6.97 -22.22
CA ARG A 541 -22.34 -7.32 -22.54
C ARG A 541 -22.57 -8.82 -22.41
N GLU A 542 -21.60 -9.62 -22.83
CA GLU A 542 -21.70 -11.07 -22.68
C GLU A 542 -21.91 -11.45 -21.22
N ILE A 543 -21.03 -10.96 -20.34
CA ILE A 543 -21.19 -11.22 -18.90
C ILE A 543 -22.55 -10.73 -18.42
N LEU A 544 -23.06 -9.65 -19.01
CA LEU A 544 -24.37 -9.12 -18.60
C LEU A 544 -25.50 -9.99 -19.14
N ILE A 545 -25.42 -11.30 -18.90
CA ILE A 545 -26.50 -12.24 -19.19
C ILE A 545 -26.98 -12.95 -17.94
N LYS A 546 -26.06 -13.30 -17.03
CA LYS A 546 -26.47 -13.87 -15.76
C LYS A 546 -27.35 -12.90 -14.98
N ALA A 547 -27.11 -11.60 -15.13
CA ALA A 547 -27.99 -10.58 -14.56
C ALA A 547 -29.28 -10.43 -15.35
N LYS A 548 -29.31 -10.92 -16.60
CA LYS A 548 -30.56 -11.01 -17.33
C LYS A 548 -31.41 -12.18 -16.85
N LYS A 549 -30.78 -13.28 -16.43
CA LYS A 549 -31.50 -14.35 -15.78
C LYS A 549 -32.15 -13.85 -14.49
N GLY A 550 -33.10 -14.61 -13.98
CA GLY A 550 -34.03 -14.14 -12.95
C GLY A 550 -33.54 -14.03 -11.52
N GLU B 7 13.21 -4.18 22.69
CA GLU B 7 12.23 -3.18 23.12
C GLU B 7 12.88 -1.78 23.23
N ASP B 8 13.61 -1.38 22.20
CA ASP B 8 14.35 -0.13 22.22
C ASP B 8 13.55 0.92 21.47
N ALA B 9 13.65 0.94 20.13
CA ALA B 9 12.83 1.83 19.33
C ALA B 9 11.45 1.26 19.05
N LYS B 10 11.16 0.03 19.50
CA LYS B 10 9.82 -0.51 19.37
C LYS B 10 8.84 0.17 20.32
N ASN B 11 9.34 0.93 21.29
CA ASN B 11 8.50 1.64 22.24
C ASN B 11 8.29 3.10 21.84
N ILE B 12 8.80 3.50 20.69
CA ILE B 12 8.56 4.82 20.14
C ILE B 12 7.60 4.64 18.97
N LYS B 13 6.36 5.09 19.16
CA LYS B 13 5.37 5.00 18.10
C LYS B 13 5.65 6.07 17.05
N LYS B 14 5.85 5.64 15.81
CA LYS B 14 6.28 6.52 14.75
C LYS B 14 5.12 6.79 13.79
N GLY B 15 5.13 8.00 13.20
CA GLY B 15 4.13 8.36 12.24
C GLY B 15 4.45 7.82 10.86
N PRO B 16 3.42 7.36 10.15
CA PRO B 16 3.62 6.82 8.81
C PRO B 16 4.01 7.93 7.84
N ALA B 17 4.37 7.52 6.64
CA ALA B 17 4.66 8.51 5.62
C ALA B 17 3.37 9.19 5.17
N PRO B 18 3.43 10.49 4.87
CA PRO B 18 2.24 11.15 4.32
C PRO B 18 1.92 10.54 2.97
N PHE B 19 0.62 10.40 2.68
CA PHE B 19 0.24 9.87 1.38
C PHE B 19 0.79 10.74 0.25
N TYR B 20 0.64 12.05 0.37
CA TYR B 20 1.25 12.96 -0.59
C TYR B 20 2.50 13.61 0.01
N PRO B 21 3.58 13.74 -0.76
CA PRO B 21 4.79 14.37 -0.20
C PRO B 21 4.47 15.78 0.26
N LEU B 22 5.24 16.24 1.25
CA LEU B 22 4.98 17.56 1.81
C LEU B 22 5.18 18.63 0.74
N GLU B 23 4.15 19.45 0.53
CA GLU B 23 4.18 20.47 -0.51
C GLU B 23 5.18 21.55 -0.14
N ASP B 24 5.73 22.20 -1.16
CA ASP B 24 6.65 23.31 -0.95
C ASP B 24 5.88 24.60 -0.77
N GLY B 25 6.59 25.64 -0.35
CA GLY B 25 6.03 26.96 -0.19
C GLY B 25 5.70 27.31 1.25
N THR B 26 5.46 28.61 1.46
CA THR B 26 4.97 29.08 2.74
C THR B 26 3.55 28.57 2.96
N ALA B 27 3.11 28.62 4.22
CA ALA B 27 1.71 28.34 4.49
C ALA B 27 0.83 29.30 3.69
N GLY B 28 1.27 30.55 3.58
CA GLY B 28 0.55 31.51 2.76
C GLY B 28 0.53 31.15 1.28
N GLU B 29 1.64 30.62 0.75
CA GLU B 29 1.65 30.26 -0.66
C GLU B 29 0.73 29.08 -0.95
N GLN B 30 0.70 28.08 -0.06
CA GLN B 30 -0.19 26.95 -0.29
C GLN B 30 -1.65 27.39 -0.17
N LEU B 31 -1.96 28.22 0.82
CA LEU B 31 -3.31 28.74 0.94
C LEU B 31 -3.70 29.55 -0.30
N HIS B 32 -2.81 30.44 -0.76
CA HIS B 32 -3.11 31.26 -1.92
C HIS B 32 -3.39 30.38 -3.14
N LYS B 33 -2.54 29.39 -3.40
CA LYS B 33 -2.75 28.55 -4.57
C LYS B 33 -4.10 27.85 -4.50
N ALA B 34 -4.38 27.17 -3.38
CA ALA B 34 -5.63 26.43 -3.27
C ALA B 34 -6.84 27.36 -3.43
N MET B 35 -6.82 28.48 -2.70
CA MET B 35 -8.01 29.34 -2.69
C MET B 35 -8.19 30.05 -4.02
N LYS B 36 -7.10 30.36 -4.74
CA LYS B 36 -7.25 30.90 -6.08
C LYS B 36 -7.89 29.88 -6.99
N ARG B 37 -7.49 28.61 -6.87
CA ARG B 37 -8.13 27.57 -7.67
C ARG B 37 -9.63 27.50 -7.38
N TYR B 38 -10.00 27.55 -6.10
CA TYR B 38 -11.42 27.44 -5.77
C TYR B 38 -12.20 28.70 -6.13
N ALA B 39 -11.52 29.85 -6.12
CA ALA B 39 -12.16 31.10 -6.52
C ALA B 39 -12.36 31.18 -8.02
N LEU B 40 -11.61 30.39 -8.80
CA LEU B 40 -11.86 30.31 -10.23
C LEU B 40 -12.96 29.29 -10.59
N VAL B 41 -13.53 28.59 -9.64
CA VAL B 41 -14.64 27.66 -9.89
C VAL B 41 -15.93 28.34 -9.47
N PRO B 42 -16.88 28.56 -10.37
CA PRO B 42 -18.05 29.39 -10.04
C PRO B 42 -18.98 28.71 -9.04
N GLY B 43 -19.50 29.52 -8.12
CA GLY B 43 -20.49 29.04 -7.18
C GLY B 43 -19.95 28.32 -5.97
N THR B 44 -18.63 28.37 -5.76
CA THR B 44 -18.02 27.75 -4.59
C THR B 44 -18.15 28.69 -3.38
N ILE B 45 -18.66 28.16 -2.27
CA ILE B 45 -18.89 28.95 -1.07
C ILE B 45 -17.87 28.56 -0.01
N ALA B 46 -17.19 29.56 0.56
CA ALA B 46 -16.17 29.34 1.57
C ALA B 46 -16.76 29.31 2.98
N PHE B 47 -17.54 30.33 3.35
CA PHE B 47 -18.13 30.44 4.67
C PHE B 47 -19.61 30.72 4.57
N THR B 48 -20.38 30.12 5.47
CA THR B 48 -21.81 30.39 5.60
C THR B 48 -22.11 30.57 7.07
N ASP B 49 -22.57 31.75 7.44
CA ASP B 49 -23.05 31.97 8.81
C ASP B 49 -24.48 31.45 8.91
N ALA B 50 -24.66 30.36 9.66
CA ALA B 50 -25.96 29.70 9.72
C ALA B 50 -26.99 30.49 10.51
N HIS B 51 -26.54 31.44 11.34
CA HIS B 51 -27.47 32.27 12.08
C HIS B 51 -28.10 33.32 11.18
N ILE B 52 -27.28 34.13 10.52
CA ILE B 52 -27.79 35.17 9.62
C ILE B 52 -28.02 34.68 8.20
N GLU B 53 -27.66 33.44 7.89
CA GLU B 53 -27.87 32.86 6.56
C GLU B 53 -27.29 33.76 5.46
N VAL B 54 -26.00 34.04 5.59
CA VAL B 54 -25.24 34.76 4.58
C VAL B 54 -24.14 33.85 4.07
N ASN B 55 -23.98 33.79 2.75
CA ASN B 55 -22.93 33.02 2.11
C ASN B 55 -21.87 33.98 1.61
N ILE B 56 -20.62 33.53 1.64
CA ILE B 56 -19.53 34.26 1.04
C ILE B 56 -18.72 33.27 0.22
N THR B 57 -18.52 33.59 -1.06
CA THR B 57 -17.87 32.66 -1.98
C THR B 57 -16.36 32.70 -1.83
N TYR B 58 -15.72 31.59 -2.24
CA TYR B 58 -14.26 31.58 -2.34
C TYR B 58 -13.75 32.70 -3.22
N ALA B 59 -14.53 33.11 -4.22
CA ALA B 59 -14.11 34.22 -5.08
C ALA B 59 -14.01 35.50 -4.27
N GLU B 60 -15.11 35.89 -3.62
CA GLU B 60 -15.10 37.09 -2.80
C GLU B 60 -14.06 36.99 -1.68
N TYR B 61 -13.92 35.80 -1.08
CA TYR B 61 -13.02 35.67 0.05
C TYR B 61 -11.56 35.79 -0.39
N PHE B 62 -11.22 35.13 -1.50
CA PHE B 62 -9.90 35.26 -2.10
C PHE B 62 -9.60 36.71 -2.42
N GLU B 63 -10.53 37.39 -3.09
CA GLU B 63 -10.25 38.77 -3.49
C GLU B 63 -10.05 39.67 -2.29
N MET B 64 -10.85 39.49 -1.23
CA MET B 64 -10.71 40.37 -0.08
C MET B 64 -9.44 40.06 0.69
N SER B 65 -9.04 38.78 0.79
CA SER B 65 -7.79 38.47 1.46
C SER B 65 -6.60 39.02 0.67
N VAL B 66 -6.64 38.92 -0.66
CA VAL B 66 -5.57 39.49 -1.48
C VAL B 66 -5.51 41.00 -1.31
N ARG B 67 -6.67 41.67 -1.34
CA ARG B 67 -6.69 43.11 -1.17
C ARG B 67 -6.14 43.50 0.19
N LEU B 68 -6.49 42.75 1.23
CA LEU B 68 -6.01 43.01 2.58
C LEU B 68 -4.50 42.80 2.68
N ALA B 69 -3.99 41.76 2.02
CA ALA B 69 -2.56 41.51 1.99
C ALA B 69 -1.81 42.68 1.36
N GLU B 70 -2.22 43.08 0.15
CA GLU B 70 -1.55 44.20 -0.51
C GLU B 70 -1.72 45.49 0.27
N ALA B 71 -2.86 45.69 0.92
CA ALA B 71 -3.05 46.91 1.70
C ALA B 71 -2.08 46.95 2.88
N MET B 72 -1.93 45.83 3.58
CA MET B 72 -0.98 45.81 4.69
C MET B 72 0.46 45.97 4.20
N LYS B 73 0.77 45.35 3.06
CA LYS B 73 2.12 45.48 2.49
C LYS B 73 2.43 46.93 2.13
N ARG B 74 1.51 47.60 1.44
CA ARG B 74 1.67 49.02 1.13
C ARG B 74 1.72 49.86 2.41
N TYR B 75 0.93 49.50 3.41
CA TYR B 75 0.93 50.21 4.69
C TYR B 75 2.27 50.09 5.39
N GLY B 76 3.03 49.04 5.08
CA GLY B 76 4.37 48.92 5.61
C GLY B 76 4.62 47.67 6.44
N LEU B 77 3.75 46.68 6.32
CA LEU B 77 3.90 45.47 7.11
C LEU B 77 4.74 44.43 6.39
N ASN B 78 5.57 43.72 7.16
CA ASN B 78 6.48 42.72 6.65
C ASN B 78 6.73 41.68 7.73
N THR B 79 7.71 40.80 7.51
CA THR B 79 7.99 39.71 8.44
C THR B 79 8.37 40.22 9.83
N ASN B 80 8.65 41.51 9.96
CA ASN B 80 9.02 42.09 11.24
C ASN B 80 7.82 42.55 12.07
N HIS B 81 6.59 42.34 11.60
CA HIS B 81 5.41 42.85 12.28
C HIS B 81 4.45 41.74 12.69
N ARG B 82 3.61 42.06 13.67
CA ARG B 82 2.52 41.22 14.16
C ARG B 82 1.23 42.00 14.07
N ILE B 83 0.14 41.30 13.71
CA ILE B 83 -1.20 41.88 13.81
C ILE B 83 -1.99 41.02 14.77
N VAL B 84 -2.93 41.63 15.47
CA VAL B 84 -3.86 40.93 16.34
C VAL B 84 -5.18 40.75 15.62
N VAL B 85 -5.82 39.61 15.88
CA VAL B 85 -7.20 39.40 15.45
C VAL B 85 -8.04 39.04 16.68
N CYS B 86 -8.95 39.92 17.06
CA CYS B 86 -9.79 39.76 18.24
C CYS B 86 -11.25 39.75 17.79
N SER B 87 -11.84 38.57 17.72
CA SER B 87 -13.21 38.47 17.23
C SER B 87 -13.81 37.12 17.58
N GLU B 88 -15.11 37.13 17.83
CA GLU B 88 -15.87 35.90 17.79
C GLU B 88 -15.85 35.33 16.38
N ASN B 89 -16.30 34.08 16.25
CA ASN B 89 -16.33 33.48 14.93
C ASN B 89 -17.27 34.29 14.03
N SER B 90 -16.90 34.42 12.75
CA SER B 90 -17.69 35.23 11.83
C SER B 90 -17.20 34.97 10.41
N LEU B 91 -17.87 35.60 9.45
CA LEU B 91 -17.47 35.46 8.04
C LEU B 91 -16.20 36.22 7.73
N GLN B 92 -15.85 37.24 8.52
CA GLN B 92 -14.70 38.10 8.23
C GLN B 92 -13.44 37.68 8.97
N PHE B 93 -13.52 36.68 9.84
CA PHE B 93 -12.40 36.38 10.73
C PHE B 93 -11.13 36.08 9.94
N PHE B 94 -11.21 35.18 8.97
CA PHE B 94 -10.00 34.69 8.32
C PHE B 94 -9.49 35.59 7.22
N MET B 95 -10.15 36.71 6.93
CA MET B 95 -9.63 37.62 5.90
C MET B 95 -8.30 38.23 6.31
N PRO B 96 -8.17 38.89 7.46
CA PRO B 96 -6.84 39.40 7.85
C PRO B 96 -5.86 38.29 8.15
N VAL B 97 -6.33 37.13 8.63
CA VAL B 97 -5.41 36.02 8.87
C VAL B 97 -4.77 35.60 7.55
N LEU B 98 -5.59 35.35 6.53
CA LEU B 98 -5.06 34.95 5.23
C LEU B 98 -4.19 36.05 4.62
N GLY B 99 -4.62 37.31 4.70
CA GLY B 99 -3.79 38.37 4.14
C GLY B 99 -2.41 38.42 4.76
N ALA B 100 -2.36 38.35 6.11
CA ALA B 100 -1.07 38.43 6.79
C ALA B 100 -0.21 37.21 6.46
N LEU B 101 -0.80 36.02 6.47
CA LEU B 101 -0.02 34.85 6.06
C LEU B 101 0.49 35.01 4.64
N PHE B 102 -0.27 35.69 3.78
CA PHE B 102 0.16 35.92 2.41
C PHE B 102 1.40 36.80 2.36
N ILE B 103 1.54 37.74 3.29
CA ILE B 103 2.70 38.63 3.20
C ILE B 103 3.72 38.37 4.30
N GLY B 104 3.64 37.25 4.99
CA GLY B 104 4.62 36.95 6.02
C GLY B 104 4.49 37.76 7.30
N VAL B 105 3.30 38.28 7.58
CA VAL B 105 3.02 38.98 8.83
C VAL B 105 2.46 37.98 9.82
N ALA B 106 2.98 38.00 11.04
CA ALA B 106 2.56 37.05 12.04
C ALA B 106 1.22 37.45 12.64
N VAL B 107 0.34 36.47 12.84
CA VAL B 107 -1.01 36.68 13.33
C VAL B 107 -1.12 36.20 14.77
N ALA B 108 -1.63 37.05 15.65
CA ALA B 108 -1.90 36.70 17.05
C ALA B 108 -3.39 36.74 17.33
N PRO B 109 -4.06 35.60 17.38
CA PRO B 109 -5.47 35.61 17.79
C PRO B 109 -5.58 35.79 19.30
N ALA B 110 -6.37 36.78 19.70
CA ALA B 110 -6.65 37.04 21.11
C ALA B 110 -8.09 36.68 21.40
N ASN B 111 -8.30 35.86 22.42
CA ASN B 111 -9.63 35.38 22.81
C ASN B 111 -10.62 36.52 22.99
N ASP B 112 -11.72 36.47 22.21
CA ASP B 112 -12.72 37.55 22.21
C ASP B 112 -13.41 37.73 23.54
N ILE B 113 -13.40 36.74 24.44
CA ILE B 113 -14.02 36.87 25.75
C ILE B 113 -13.00 37.06 26.86
N TYR B 114 -11.74 37.32 26.51
CA TYR B 114 -10.75 37.72 27.50
C TYR B 114 -11.27 38.92 28.30
N ASN B 115 -10.92 38.99 29.57
CA ASN B 115 -11.05 40.25 30.27
C ASN B 115 -9.88 41.16 29.91
N GLU B 116 -9.96 42.42 30.34
CA GLU B 116 -8.94 43.36 29.92
C GLU B 116 -7.56 42.95 30.39
N ARG B 117 -7.49 42.24 31.53
CA ARG B 117 -6.22 41.75 32.05
C ARG B 117 -5.59 40.72 31.12
N GLU B 118 -6.36 39.72 30.72
CA GLU B 118 -5.85 38.66 29.84
C GLU B 118 -5.57 39.19 28.43
N LEU B 119 -6.42 40.10 27.95
CA LEU B 119 -6.19 40.73 26.65
C LEU B 119 -4.91 41.53 26.66
N LEU B 120 -4.69 42.31 27.73
CA LEU B 120 -3.46 43.07 27.84
C LEU B 120 -2.25 42.14 27.83
N ASN B 121 -2.31 41.05 28.60
CA ASN B 121 -1.19 40.11 28.59
C ASN B 121 -0.93 39.58 27.18
N SER B 122 -2.00 39.17 26.50
CA SER B 122 -1.82 38.55 25.18
C SER B 122 -1.15 39.52 24.22
N MET B 123 -1.65 40.76 24.15
CA MET B 123 -1.10 41.70 23.19
C MET B 123 0.25 42.25 23.66
N ASN B 124 0.53 42.19 24.96
CA ASN B 124 1.85 42.56 25.44
C ASN B 124 2.89 41.56 24.97
N ILE B 125 2.51 40.28 24.91
CA ILE B 125 3.41 39.27 24.37
C ILE B 125 3.55 39.43 22.85
N SER B 126 2.42 39.53 22.14
CA SER B 126 2.48 39.51 20.68
C SER B 126 3.04 40.81 20.11
N GLN B 127 2.90 41.93 20.80
CA GLN B 127 3.41 43.23 20.36
C GLN B 127 2.94 43.63 18.96
N PRO B 128 1.63 43.78 18.76
CA PRO B 128 1.10 44.02 17.41
C PRO B 128 1.21 45.47 16.98
N THR B 129 1.43 45.66 15.69
CA THR B 129 1.40 46.99 15.08
C THR B 129 -0.01 47.40 14.68
N VAL B 130 -0.78 46.46 14.15
CA VAL B 130 -2.16 46.69 13.72
C VAL B 130 -3.05 45.70 14.46
N VAL B 131 -4.26 46.15 14.79
CA VAL B 131 -5.23 45.34 15.54
C VAL B 131 -6.52 45.25 14.74
N PHE B 132 -6.90 44.02 14.38
CA PHE B 132 -8.21 43.73 13.78
C PHE B 132 -9.17 43.26 14.87
N VAL B 133 -10.29 43.98 15.04
CA VAL B 133 -11.24 43.68 16.10
C VAL B 133 -12.67 43.85 15.61
N SER B 134 -13.57 42.98 16.07
CA SER B 134 -14.99 43.10 15.80
C SER B 134 -15.58 44.27 16.59
N LYS B 135 -16.84 44.60 16.29
CA LYS B 135 -17.53 45.61 17.07
C LYS B 135 -17.55 45.23 18.55
N LYS B 136 -18.03 44.03 18.85
CA LYS B 136 -18.18 43.61 20.25
C LYS B 136 -16.87 43.72 21.01
N GLY B 137 -15.73 43.59 20.34
CA GLY B 137 -14.45 43.64 21.01
C GLY B 137 -13.74 44.98 20.99
N LEU B 138 -14.30 45.99 20.32
CA LEU B 138 -13.58 47.24 20.19
C LEU B 138 -13.25 47.86 21.55
N GLN B 139 -14.27 48.04 22.39
CA GLN B 139 -14.08 48.83 23.62
C GLN B 139 -12.91 48.29 24.45
N LYS B 140 -12.86 46.98 24.65
CA LYS B 140 -11.79 46.41 25.45
C LYS B 140 -10.42 46.74 24.87
N ILE B 141 -10.25 46.59 23.56
CA ILE B 141 -8.98 46.99 22.95
C ILE B 141 -8.66 48.42 23.34
N LEU B 142 -9.64 49.31 23.21
CA LEU B 142 -9.38 50.70 23.57
C LEU B 142 -8.95 50.81 25.02
N ASN B 143 -9.67 50.13 25.93
CA ASN B 143 -9.35 50.28 27.35
C ASN B 143 -7.94 49.79 27.65
N VAL B 144 -7.36 49.00 26.76
CA VAL B 144 -6.03 48.44 26.95
C VAL B 144 -4.97 49.24 26.21
N GLN B 145 -5.35 49.98 25.17
CA GLN B 145 -4.36 50.46 24.21
C GLN B 145 -3.31 51.35 24.85
N LYS B 146 -3.64 52.05 25.95
CA LYS B 146 -2.68 52.98 26.53
C LYS B 146 -1.41 52.26 26.96
N LYS B 147 -1.51 51.00 27.36
CA LYS B 147 -0.32 50.29 27.82
C LYS B 147 0.41 49.55 26.70
N LEU B 148 -0.01 49.75 25.45
CA LEU B 148 0.61 49.08 24.30
C LEU B 148 0.88 50.12 23.22
N PRO B 149 1.90 50.96 23.40
CA PRO B 149 2.20 51.97 22.37
C PRO B 149 2.62 51.37 21.04
N ILE B 150 2.96 50.08 20.98
CA ILE B 150 3.29 49.45 19.70
C ILE B 150 2.12 49.53 18.74
N ILE B 151 0.90 49.65 19.26
CA ILE B 151 -0.29 49.64 18.41
C ILE B 151 -0.39 50.96 17.69
N GLN B 152 -0.43 50.92 16.36
CA GLN B 152 -0.52 52.12 15.54
C GLN B 152 -1.81 52.23 14.74
N LYS B 153 -2.57 51.14 14.63
CA LYS B 153 -3.74 51.13 13.76
C LYS B 153 -4.75 50.13 14.31
N ILE B 154 -6.01 50.56 14.42
CA ILE B 154 -7.09 49.67 14.81
C ILE B 154 -8.10 49.66 13.67
N ILE B 155 -8.52 48.46 13.27
CA ILE B 155 -9.39 48.28 12.11
C ILE B 155 -10.56 47.41 12.53
N ILE B 156 -11.77 47.84 12.21
CA ILE B 156 -12.99 47.14 12.57
C ILE B 156 -13.28 46.08 11.53
N MET B 157 -13.55 44.85 11.97
CA MET B 157 -13.65 43.73 11.02
C MET B 157 -15.04 43.56 10.41
N ASP B 158 -16.10 43.66 11.22
CA ASP B 158 -17.46 43.33 10.76
C ASP B 158 -18.26 44.57 10.37
N SER B 159 -17.62 45.55 9.74
CA SER B 159 -18.31 46.72 9.21
C SER B 159 -17.83 47.00 7.81
N LYS B 160 -18.72 47.52 6.96
CA LYS B 160 -18.35 47.92 5.61
C LYS B 160 -17.96 49.39 5.54
N THR B 161 -18.60 50.23 6.33
CA THR B 161 -18.23 51.63 6.44
C THR B 161 -17.31 51.80 7.64
N ASP B 162 -16.73 52.99 7.75
CA ASP B 162 -15.99 53.33 8.96
C ASP B 162 -16.93 53.19 10.16
N TYR B 163 -16.36 52.85 11.31
CA TYR B 163 -17.13 52.54 12.51
C TYR B 163 -16.52 53.31 13.68
N GLN B 164 -17.28 54.27 14.20
CA GLN B 164 -16.91 54.98 15.42
C GLN B 164 -15.51 55.60 15.32
N GLY B 165 -15.14 56.02 14.10
CA GLY B 165 -13.87 56.63 13.86
C GLY B 165 -12.75 55.69 13.48
N PHE B 166 -13.04 54.41 13.30
CA PHE B 166 -12.03 53.44 12.92
C PHE B 166 -12.36 52.92 11.54
N GLN B 167 -11.32 52.72 10.73
CA GLN B 167 -11.55 52.18 9.40
C GLN B 167 -12.01 50.72 9.50
N SER B 168 -12.79 50.31 8.51
CA SER B 168 -13.08 48.91 8.31
C SER B 168 -12.07 48.30 7.37
N MET B 169 -12.15 46.98 7.20
CA MET B 169 -11.20 46.34 6.30
C MET B 169 -11.37 46.87 4.87
N TYR B 170 -12.61 47.22 4.50
CA TYR B 170 -12.88 47.72 3.16
C TYR B 170 -12.36 49.13 2.95
N THR B 171 -12.67 50.05 3.87
CA THR B 171 -12.16 51.41 3.71
C THR B 171 -10.64 51.45 3.85
N PHE B 172 -10.07 50.57 4.68
CA PHE B 172 -8.62 50.47 4.79
C PHE B 172 -8.00 50.05 3.46
N VAL B 173 -8.48 48.93 2.91
CA VAL B 173 -8.00 48.46 1.62
C VAL B 173 -8.09 49.58 0.58
N THR B 174 -9.23 50.27 0.54
CA THR B 174 -9.38 51.35 -0.43
C THR B 174 -8.42 52.50 -0.14
N SER B 175 -8.09 52.70 1.15
CA SER B 175 -7.15 53.74 1.55
C SER B 175 -5.73 53.46 1.05
N HIS B 176 -5.37 52.19 0.90
CA HIS B 176 -4.00 51.87 0.51
C HIS B 176 -3.90 51.07 -0.78
N LEU B 177 -4.94 50.81 -1.39
CA LEU B 177 -4.71 49.99 -2.56
C LEU B 177 -4.53 50.85 -3.80
N PRO B 178 -3.70 50.41 -4.74
CA PRO B 178 -3.47 51.19 -5.94
C PRO B 178 -4.67 51.10 -6.86
N PRO B 179 -4.80 52.03 -7.80
CA PRO B 179 -5.94 51.98 -8.72
C PRO B 179 -5.83 50.77 -9.63
N GLY B 180 -6.97 50.12 -9.87
CA GLY B 180 -6.97 49.01 -10.80
C GLY B 180 -6.14 47.82 -10.35
N PHE B 181 -5.99 47.62 -9.05
CA PHE B 181 -5.31 46.45 -8.54
C PHE B 181 -6.05 45.20 -9.02
N ASN B 182 -5.30 44.21 -9.52
CA ASN B 182 -5.89 42.97 -10.01
C ASN B 182 -5.55 41.84 -9.05
N GLU B 183 -6.56 41.33 -8.34
CA GLU B 183 -6.30 40.31 -7.33
C GLU B 183 -5.66 39.05 -7.91
N TYR B 184 -6.03 38.69 -9.15
CA TYR B 184 -5.57 37.43 -9.72
C TYR B 184 -4.18 37.52 -10.34
N ASP B 185 -3.56 38.69 -10.34
CA ASP B 185 -2.13 38.82 -10.65
C ASP B 185 -1.29 38.89 -9.39
N PHE B 186 -1.91 38.89 -8.22
CA PHE B 186 -1.18 38.96 -6.97
C PHE B 186 -0.30 37.73 -6.78
N VAL B 187 0.90 37.94 -6.24
CA VAL B 187 1.81 36.86 -5.90
C VAL B 187 2.18 36.96 -4.42
N PRO B 188 1.85 35.97 -3.59
CA PRO B 188 2.20 36.04 -2.18
C PRO B 188 3.72 36.03 -1.98
N GLU B 189 4.15 36.60 -0.86
CA GLU B 189 5.58 36.71 -0.56
C GLU B 189 6.18 35.33 -0.31
N SER B 190 7.45 35.19 -0.68
CA SER B 190 8.25 34.01 -0.37
C SER B 190 9.25 34.34 0.73
N PHE B 191 9.53 33.36 1.58
CA PHE B 191 10.45 33.53 2.71
C PHE B 191 10.65 32.17 3.36
N ASP B 192 11.62 32.13 4.29
CA ASP B 192 11.96 30.91 5.00
C ASP B 192 10.79 30.45 5.87
N ARG B 193 10.19 29.31 5.52
CA ARG B 193 9.00 28.88 6.23
C ARG B 193 9.31 28.27 7.59
N ASP B 194 10.58 27.95 7.86
CA ASP B 194 10.94 27.42 9.17
C ASP B 194 11.19 28.53 10.18
N LYS B 195 11.64 29.71 9.71
CA LYS B 195 12.00 30.81 10.59
C LYS B 195 10.95 31.91 10.65
N THR B 196 10.01 31.95 9.70
CA THR B 196 8.95 32.96 9.69
C THR B 196 7.75 32.47 10.48
N ILE B 197 7.33 33.26 11.48
CA ILE B 197 6.21 32.87 12.32
C ILE B 197 4.90 33.13 11.57
N ALA B 198 4.05 32.12 11.52
CA ALA B 198 2.70 32.27 10.99
C ALA B 198 1.74 32.71 12.09
N LEU B 199 1.68 31.96 13.20
CA LEU B 199 0.75 32.30 14.27
C LEU B 199 1.45 32.37 15.63
N ILE B 200 0.98 33.30 16.44
CA ILE B 200 1.31 33.38 17.86
C ILE B 200 0.02 33.11 18.62
N MET B 201 -0.15 31.88 19.07
CA MET B 201 -1.34 31.46 19.78
C MET B 201 -1.12 31.62 21.28
N ASN B 202 -2.21 31.66 22.02
CA ASN B 202 -2.15 31.77 23.48
C ASN B 202 -2.29 30.38 24.10
N SER B 203 -1.42 30.10 25.08
CA SER B 203 -1.42 28.80 25.72
C SER B 203 -2.55 28.69 26.74
N SER B 204 -2.87 27.44 27.11
CA SER B 204 -4.04 27.15 27.95
C SER B 204 -4.13 28.03 29.19
N GLY B 205 -3.02 28.60 29.66
CA GLY B 205 -3.07 29.48 30.80
C GLY B 205 -3.23 28.81 32.15
N SER B 206 -3.18 27.48 32.21
CA SER B 206 -3.38 26.81 33.48
C SER B 206 -2.21 27.11 34.41
N THR B 207 -2.51 27.33 35.69
CA THR B 207 -1.50 27.63 36.70
C THR B 207 -0.60 28.79 36.26
N GLY B 208 -1.21 29.91 35.92
CA GLY B 208 -0.47 31.12 35.56
C GLY B 208 -1.02 31.95 34.41
N LEU B 209 -0.37 33.07 34.12
CA LEU B 209 -0.78 33.88 32.99
C LEU B 209 -0.45 33.16 31.68
N PRO B 210 -1.29 33.30 30.65
CA PRO B 210 -1.02 32.61 29.39
C PRO B 210 0.31 33.01 28.76
N LYS B 211 0.79 32.15 27.87
CA LYS B 211 2.04 32.36 27.17
C LYS B 211 1.78 32.51 25.66
N GLY B 212 2.79 33.06 24.97
CA GLY B 212 2.74 33.20 23.53
C GLY B 212 3.37 32.04 22.80
N VAL B 213 2.56 31.24 22.12
CA VAL B 213 3.03 30.05 21.42
C VAL B 213 3.34 30.43 19.97
N ALA B 214 4.63 30.48 19.63
CA ALA B 214 5.04 30.86 18.29
C ALA B 214 5.07 29.64 17.39
N LEU B 215 4.35 29.73 16.28
CA LEU B 215 4.20 28.61 15.35
C LEU B 215 4.66 29.10 13.98
N PRO B 216 5.75 28.59 13.44
CA PRO B 216 6.19 29.01 12.10
C PRO B 216 5.34 28.38 11.00
N HIS B 217 5.47 28.97 9.80
CA HIS B 217 4.71 28.49 8.64
C HIS B 217 4.85 26.99 8.41
N ARG B 218 6.02 26.41 8.73
CA ARG B 218 6.22 24.98 8.55
C ARG B 218 5.16 24.17 9.29
N ASN B 219 4.80 24.58 10.51
CA ASN B 219 3.81 23.83 11.27
C ASN B 219 2.46 23.83 10.56
N ALA B 220 2.07 25.00 10.02
CA ALA B 220 0.83 25.07 9.25
C ALA B 220 0.91 24.21 8.00
N CYS B 221 2.07 24.19 7.34
CA CYS B 221 2.21 23.38 6.13
C CYS B 221 2.06 21.89 6.43
N VAL B 222 2.59 21.44 7.57
CA VAL B 222 2.43 20.03 7.91
C VAL B 222 0.97 19.73 8.23
N ARG B 223 0.28 20.68 8.89
CA ARG B 223 -1.16 20.49 9.08
C ARG B 223 -1.88 20.37 7.73
N PHE B 224 -1.50 21.20 6.76
CA PHE B 224 -2.13 21.14 5.44
C PHE B 224 -1.77 19.85 4.72
N SER B 225 -0.66 19.22 5.10
CA SER B 225 -0.38 17.86 4.68
C SER B 225 -1.37 16.88 5.30
N HIS B 226 -1.59 16.97 6.61
CA HIS B 226 -2.47 16.00 7.27
C HIS B 226 -3.91 16.09 6.78
N CYS B 227 -4.46 17.31 6.69
CA CYS B 227 -5.88 17.40 6.42
C CYS B 227 -6.23 16.97 5.00
N ARG B 228 -5.27 17.03 4.09
CA ARG B 228 -5.45 16.50 2.73
C ARG B 228 -5.01 15.06 2.61
N ASP B 229 -4.61 14.42 3.71
CA ASP B 229 -4.15 13.03 3.68
C ASP B 229 -5.36 12.09 3.74
N PRO B 230 -5.43 11.11 2.85
CA PRO B 230 -6.62 10.22 2.83
C PRO B 230 -6.83 9.44 4.12
N ILE B 231 -5.79 9.24 4.93
CA ILE B 231 -5.91 8.45 6.16
C ILE B 231 -6.07 9.33 7.38
N PHE B 232 -5.26 10.37 7.49
CA PHE B 232 -5.26 11.25 8.65
C PHE B 232 -6.04 12.53 8.43
N GLY B 233 -6.73 12.64 7.30
CA GLY B 233 -7.50 13.82 6.96
C GLY B 233 -8.92 13.46 6.56
N ASN B 234 -9.42 14.19 5.57
CA ASN B 234 -10.78 14.09 5.11
C ASN B 234 -10.79 13.70 3.63
N GLN B 235 -11.83 12.94 3.23
CA GLN B 235 -11.95 12.66 1.80
C GLN B 235 -12.15 13.99 1.11
N ILE B 236 -11.17 14.40 0.30
CA ILE B 236 -11.15 15.74 -0.28
C ILE B 236 -12.05 15.76 -1.50
N ILE B 237 -13.27 16.29 -1.35
CA ILE B 237 -14.12 16.63 -2.47
C ILE B 237 -14.51 18.08 -2.25
N PRO B 238 -14.20 18.99 -3.17
CA PRO B 238 -14.62 20.38 -3.00
C PRO B 238 -16.13 20.49 -3.02
N ASP B 239 -16.63 21.59 -2.47
CA ASP B 239 -18.06 21.81 -2.34
C ASP B 239 -18.66 20.77 -1.39
N THR B 240 -17.97 20.52 -0.28
CA THR B 240 -18.42 19.68 0.82
C THR B 240 -18.76 20.59 1.99
N ALA B 241 -19.85 20.29 2.69
CA ALA B 241 -20.28 21.14 3.79
C ALA B 241 -19.90 20.53 5.11
N ILE B 242 -19.18 21.31 5.90
CA ILE B 242 -18.79 20.96 7.26
C ILE B 242 -19.41 21.98 8.20
N LEU B 243 -19.83 21.52 9.36
CA LEU B 243 -20.34 22.38 10.42
C LEU B 243 -19.29 22.44 11.53
N SER B 244 -18.77 23.63 11.79
CA SER B 244 -17.72 23.86 12.77
C SER B 244 -18.29 24.64 13.95
N VAL B 245 -18.02 24.15 15.16
CA VAL B 245 -18.51 24.82 16.37
C VAL B 245 -17.34 25.09 17.30
N VAL B 246 -16.18 25.42 16.72
CA VAL B 246 -14.94 25.55 17.48
C VAL B 246 -14.43 26.99 17.37
N PRO B 247 -13.97 27.60 18.46
CA PRO B 247 -13.53 29.00 18.38
C PRO B 247 -12.28 29.14 17.53
N PHE B 248 -12.25 30.20 16.71
CA PHE B 248 -11.22 30.40 15.69
C PHE B 248 -9.91 30.87 16.28
N HIS B 249 -9.94 31.60 17.41
CA HIS B 249 -8.71 32.09 18.03
C HIS B 249 -7.90 30.98 18.66
N HIS B 250 -8.49 29.81 18.86
CA HIS B 250 -7.86 28.66 19.49
C HIS B 250 -7.31 27.73 18.42
N GLY B 251 -6.21 27.06 18.75
CA GLY B 251 -5.51 26.29 17.73
C GLY B 251 -6.38 25.23 17.09
N PHE B 252 -7.32 24.66 17.85
CA PHE B 252 -8.19 23.61 17.34
C PHE B 252 -9.17 24.16 16.30
N GLY B 253 -9.64 25.39 16.49
CA GLY B 253 -10.47 26.03 15.48
C GLY B 253 -9.64 26.60 14.36
N MET B 254 -8.50 27.22 14.73
CA MET B 254 -7.63 27.86 13.75
C MET B 254 -7.15 26.88 12.68
N PHE B 255 -6.49 25.80 13.08
CA PHE B 255 -5.83 24.98 12.07
C PHE B 255 -6.78 23.99 11.41
N THR B 256 -7.87 23.63 12.07
CA THR B 256 -8.93 22.91 11.37
C THR B 256 -9.58 23.77 10.30
N THR B 257 -9.92 25.02 10.62
CA THR B 257 -10.57 25.86 9.62
C THR B 257 -9.63 26.16 8.47
N LEU B 258 -8.34 26.40 8.78
CA LEU B 258 -7.38 26.62 7.71
C LEU B 258 -7.29 25.40 6.81
N GLY B 259 -7.30 24.19 7.40
CA GLY B 259 -7.31 23.02 6.56
C GLY B 259 -8.56 22.90 5.73
N PHE B 260 -9.70 23.34 6.25
CA PHE B 260 -10.95 23.31 5.50
C PHE B 260 -10.87 24.23 4.28
N LEU B 261 -10.24 25.41 4.45
CA LEU B 261 -10.06 26.29 3.30
C LEU B 261 -9.08 25.70 2.30
N ILE B 262 -7.99 25.11 2.78
CA ILE B 262 -7.03 24.49 1.86
C ILE B 262 -7.73 23.41 1.07
N CYS B 263 -8.77 22.79 1.64
CA CYS B 263 -9.51 21.73 0.97
C CYS B 263 -10.71 22.22 0.18
N GLY B 264 -11.02 23.51 0.19
CA GLY B 264 -12.16 23.98 -0.58
C GLY B 264 -13.52 23.58 -0.03
N PHE B 265 -13.62 23.31 1.27
CA PHE B 265 -14.88 22.91 1.86
C PHE B 265 -15.77 24.12 2.07
N ARG B 266 -17.04 23.86 2.35
CA ARG B 266 -17.98 24.91 2.72
C ARG B 266 -18.07 24.90 4.24
N VAL B 267 -17.52 25.93 4.89
CA VAL B 267 -17.46 25.98 6.34
C VAL B 267 -18.70 26.71 6.84
N VAL B 268 -19.59 25.98 7.49
CA VAL B 268 -20.84 26.51 8.02
C VAL B 268 -20.62 26.78 9.50
N LEU B 269 -21.00 27.97 9.95
CA LEU B 269 -20.63 28.47 11.26
C LEU B 269 -21.85 28.71 12.13
N MET B 270 -21.85 28.09 13.31
CA MET B 270 -22.68 28.53 14.43
C MET B 270 -21.78 28.76 15.63
N TYR B 271 -21.97 29.90 16.30
CA TYR B 271 -21.28 30.20 17.55
C TYR B 271 -22.17 30.15 18.78
N ARG B 272 -23.48 30.21 18.60
CA ARG B 272 -24.46 30.01 19.66
C ARG B 272 -25.13 28.67 19.41
N PHE B 273 -25.05 27.76 20.37
CA PHE B 273 -25.53 26.39 20.18
C PHE B 273 -26.97 26.30 20.66
N GLU B 274 -27.88 25.93 19.77
CA GLU B 274 -29.29 25.79 20.11
C GLU B 274 -29.82 24.46 19.60
N GLU B 275 -30.79 23.91 20.33
CA GLU B 275 -31.28 22.57 20.04
C GLU B 275 -31.82 22.45 18.62
N GLU B 276 -32.82 23.28 18.28
CA GLU B 276 -33.49 23.15 17.00
C GLU B 276 -32.67 23.73 15.85
N LEU B 277 -32.02 24.87 16.09
CA LEU B 277 -31.21 25.49 15.04
C LEU B 277 -30.05 24.60 14.62
N PHE B 278 -29.47 23.84 15.55
CA PHE B 278 -28.37 22.95 15.21
C PHE B 278 -28.80 21.93 14.16
N LEU B 279 -29.92 21.24 14.41
CA LEU B 279 -30.39 20.23 13.46
C LEU B 279 -30.97 20.85 12.21
N ARG B 280 -31.64 22.00 12.33
CA ARG B 280 -32.10 22.69 11.14
C ARG B 280 -30.92 23.03 10.25
N THR B 281 -29.80 23.44 10.85
CA THR B 281 -28.59 23.73 10.10
C THR B 281 -28.01 22.48 9.48
N LEU B 282 -27.94 21.38 10.25
CA LEU B 282 -27.43 20.14 9.70
C LEU B 282 -28.24 19.69 8.50
N GLN B 283 -29.56 19.84 8.57
CA GLN B 283 -30.43 19.35 7.52
C GLN B 283 -30.44 20.28 6.32
N ASP B 284 -30.67 21.59 6.55
CA ASP B 284 -30.94 22.50 5.45
C ASP B 284 -29.73 22.67 4.54
N TYR B 285 -28.53 22.57 5.10
CA TYR B 285 -27.32 22.72 4.33
C TYR B 285 -26.71 21.39 3.91
N LYS B 286 -27.38 20.28 4.23
CA LYS B 286 -26.90 18.96 3.86
C LYS B 286 -25.46 18.75 4.32
N ILE B 287 -25.25 18.96 5.63
CA ILE B 287 -23.90 18.93 6.19
C ILE B 287 -23.35 17.52 6.09
N GLN B 288 -22.16 17.39 5.51
CA GLN B 288 -21.54 16.08 5.41
C GLN B 288 -20.57 15.78 6.53
N SER B 289 -20.01 16.80 7.18
CA SER B 289 -19.15 16.47 8.33
C SER B 289 -19.30 17.51 9.43
N ALA B 290 -19.43 17.05 10.66
CA ALA B 290 -19.54 17.94 11.82
C ALA B 290 -18.29 17.83 12.67
N LEU B 291 -17.74 18.98 13.04
CA LEU B 291 -16.62 19.08 13.97
C LEU B 291 -17.17 19.68 15.26
N LEU B 292 -17.12 18.91 16.35
CA LEU B 292 -17.79 19.28 17.57
C LEU B 292 -16.83 19.14 18.74
N VAL B 293 -17.25 19.68 19.87
CA VAL B 293 -16.60 19.47 21.16
C VAL B 293 -17.46 18.50 21.94
N PRO B 294 -16.87 17.71 22.85
CA PRO B 294 -17.65 16.61 23.46
C PRO B 294 -18.84 17.06 24.30
N THR B 295 -18.81 18.27 24.88
CA THR B 295 -19.92 18.70 25.71
C THR B 295 -21.23 18.73 24.95
N LEU B 296 -21.19 18.77 23.63
CA LEU B 296 -22.39 18.83 22.82
C LEU B 296 -22.95 17.45 22.48
N PHE B 297 -22.23 16.36 22.77
CA PHE B 297 -22.72 15.06 22.30
C PHE B 297 -23.96 14.62 23.06
N SER B 298 -23.86 14.50 24.39
CA SER B 298 -25.01 14.08 25.18
C SER B 298 -26.17 15.06 25.01
N PHE B 299 -25.85 16.35 24.89
CA PHE B 299 -26.88 17.37 24.76
C PHE B 299 -27.75 17.16 23.53
N PHE B 300 -27.31 16.30 22.62
CA PHE B 300 -28.13 15.93 21.47
C PHE B 300 -28.08 14.42 21.24
N ALA B 301 -27.42 13.66 22.12
CA ALA B 301 -27.30 12.23 21.89
C ALA B 301 -28.59 11.48 22.21
N LYS B 302 -29.29 11.89 23.27
CA LYS B 302 -30.51 11.23 23.70
C LYS B 302 -31.74 12.15 23.67
N SER B 303 -31.76 13.10 22.73
CA SER B 303 -32.93 13.94 22.56
C SER B 303 -33.99 13.20 21.73
N THR B 304 -35.23 13.68 21.82
CA THR B 304 -36.32 13.09 21.06
C THR B 304 -36.56 13.77 19.72
N LEU B 305 -35.76 14.78 19.37
CA LEU B 305 -36.01 15.55 18.16
C LEU B 305 -35.23 15.03 16.96
N ILE B 306 -34.20 14.20 17.19
CA ILE B 306 -33.28 13.82 16.12
C ILE B 306 -34.01 13.08 15.01
N ASP B 307 -35.03 12.30 15.37
CA ASP B 307 -35.76 11.54 14.35
C ASP B 307 -36.63 12.44 13.49
N LYS B 308 -36.94 13.65 13.94
CA LYS B 308 -37.82 14.56 13.20
C LYS B 308 -37.09 15.33 12.10
N TYR B 309 -35.77 15.23 12.01
CA TYR B 309 -34.98 15.93 11.01
C TYR B 309 -34.31 14.92 10.08
N ASP B 310 -34.13 15.32 8.82
CA ASP B 310 -33.39 14.50 7.88
C ASP B 310 -31.90 14.77 8.04
N LEU B 311 -31.17 13.78 8.57
CA LEU B 311 -29.73 13.85 8.75
C LEU B 311 -29.04 12.76 7.94
N SER B 312 -29.65 12.34 6.83
CA SER B 312 -29.11 11.23 6.07
C SER B 312 -27.74 11.56 5.49
N ASN B 313 -27.45 12.85 5.26
CA ASN B 313 -26.20 13.24 4.62
C ASN B 313 -25.01 13.26 5.55
N LEU B 314 -25.23 13.18 6.86
CA LEU B 314 -24.15 13.30 7.83
C LEU B 314 -23.39 11.98 7.84
N HIS B 315 -22.13 12.02 7.41
CA HIS B 315 -21.30 10.83 7.29
C HIS B 315 -20.12 10.84 8.24
N GLU B 316 -19.85 11.94 8.95
CA GLU B 316 -18.68 12.01 9.81
C GLU B 316 -18.96 12.99 10.95
N ILE B 317 -18.66 12.58 12.18
CA ILE B 317 -18.67 13.44 13.35
C ILE B 317 -17.32 13.33 14.06
N ALA B 318 -16.61 14.45 14.16
CA ALA B 318 -15.30 14.54 14.79
C ALA B 318 -15.42 15.29 16.10
N SER B 319 -14.50 14.96 17.01
CA SER B 319 -14.44 15.58 18.32
C SER B 319 -12.98 15.89 18.66
N GLY B 320 -12.80 16.87 19.54
CA GLY B 320 -11.45 17.22 19.97
C GLY B 320 -11.50 18.19 21.14
N GLY B 321 -10.30 18.46 21.66
CA GLY B 321 -10.12 19.46 22.70
C GLY B 321 -10.37 18.97 24.11
N ALA B 322 -10.99 17.81 24.28
CA ALA B 322 -11.27 17.28 25.60
C ALA B 322 -11.69 15.82 25.51
N PRO B 323 -11.76 15.11 26.63
CA PRO B 323 -12.15 13.69 26.61
C PRO B 323 -13.57 13.52 26.07
N LEU B 324 -13.74 12.49 25.25
CA LEU B 324 -15.05 12.07 24.78
C LEU B 324 -15.47 10.81 25.53
N SER B 325 -16.68 10.80 26.08
CA SER B 325 -17.18 9.61 26.73
C SER B 325 -17.22 8.46 25.73
N LYS B 326 -16.64 7.32 26.10
CA LYS B 326 -16.65 6.19 25.18
C LYS B 326 -18.07 5.74 24.89
N GLU B 327 -18.91 5.71 25.91
CA GLU B 327 -20.29 5.23 25.76
C GLU B 327 -21.11 6.17 24.88
N VAL B 328 -21.02 7.48 25.14
CA VAL B 328 -21.73 8.46 24.33
C VAL B 328 -21.24 8.39 22.88
N GLY B 329 -19.93 8.26 22.69
CA GLY B 329 -19.40 8.21 21.33
C GLY B 329 -19.86 6.99 20.57
N GLU B 330 -19.82 5.82 21.20
CA GLU B 330 -20.31 4.61 20.54
C GLU B 330 -21.80 4.71 20.25
N ALA B 331 -22.56 5.29 21.18
CA ALA B 331 -23.99 5.46 20.97
C ALA B 331 -24.25 6.32 19.74
N VAL B 332 -23.60 7.48 19.67
CA VAL B 332 -23.83 8.39 18.55
C VAL B 332 -23.36 7.75 17.25
N ALA B 333 -22.25 7.02 17.28
CA ALA B 333 -21.78 6.34 16.07
C ALA B 333 -22.77 5.28 15.60
N LYS B 334 -23.44 4.60 16.52
CA LYS B 334 -24.42 3.59 16.12
C LYS B 334 -25.73 4.22 15.66
N ARG B 335 -26.11 5.37 16.25
CA ARG B 335 -27.35 6.02 15.84
C ARG B 335 -27.27 6.59 14.44
N PHE B 336 -26.08 6.96 13.98
CA PHE B 336 -25.87 7.51 12.65
C PHE B 336 -25.20 6.55 11.70
N ASN B 337 -25.09 5.28 12.07
CA ASN B 337 -24.44 4.28 11.22
C ASN B 337 -23.03 4.73 10.85
N LEU B 338 -22.26 5.08 11.86
CA LEU B 338 -20.91 5.60 11.71
C LEU B 338 -19.89 4.57 12.16
N PRO B 339 -18.74 4.50 11.48
CA PRO B 339 -17.67 3.60 11.94
C PRO B 339 -17.12 3.99 13.29
N GLY B 340 -17.51 5.15 13.80
CA GLY B 340 -17.01 5.68 15.05
C GLY B 340 -17.02 7.19 15.02
N ILE B 341 -16.70 7.79 16.15
CA ILE B 341 -16.53 9.23 16.22
C ILE B 341 -15.07 9.55 15.94
N ARG B 342 -14.82 10.29 14.86
CA ARG B 342 -13.45 10.65 14.49
C ARG B 342 -12.88 11.56 15.57
N GLN B 343 -11.70 11.26 16.06
CA GLN B 343 -11.16 12.00 17.21
C GLN B 343 -9.81 12.62 16.86
N GLY B 344 -9.50 13.72 17.54
CA GLY B 344 -8.17 14.30 17.42
C GLY B 344 -7.64 14.86 18.72
N TYR B 345 -6.36 14.58 19.02
CA TYR B 345 -5.71 15.06 20.23
C TYR B 345 -4.57 16.00 19.88
N GLY B 346 -4.53 17.15 20.53
CA GLY B 346 -3.46 18.11 20.31
C GLY B 346 -3.36 19.10 21.45
N LEU B 347 -2.26 19.85 21.44
CA LEU B 347 -2.02 20.96 22.33
C LEU B 347 -1.74 22.20 21.51
N THR B 348 -1.94 23.38 22.12
CA THR B 348 -1.57 24.61 21.42
C THR B 348 -0.11 24.57 20.97
N GLU B 349 0.75 23.93 21.78
CA GLU B 349 2.17 23.86 21.50
C GLU B 349 2.53 22.85 20.41
N THR B 350 1.58 21.98 20.02
CA THR B 350 1.77 21.06 18.91
C THR B 350 1.04 21.51 17.65
N THR B 351 0.54 22.74 17.63
CA THR B 351 -0.09 23.35 16.46
C THR B 351 -1.49 22.80 16.22
N SER B 352 -1.61 21.47 16.21
CA SER B 352 -2.84 20.82 15.80
C SER B 352 -2.79 19.40 16.33
N ALA B 353 -3.76 18.59 15.94
CA ALA B 353 -3.79 17.20 16.39
C ALA B 353 -2.53 16.47 15.95
N ILE B 354 -1.79 15.94 16.93
CA ILE B 354 -0.69 15.05 16.65
C ILE B 354 -1.09 13.59 16.85
N LEU B 355 -2.30 13.34 17.35
CA LEU B 355 -2.92 12.02 17.33
C LEU B 355 -4.31 12.16 16.72
N ILE B 356 -4.56 11.43 15.64
CA ILE B 356 -5.81 11.48 14.89
C ILE B 356 -6.29 10.05 14.71
N THR B 357 -7.60 9.82 14.86
CA THR B 357 -8.12 8.49 14.51
C THR B 357 -8.04 8.36 13.00
N PRO B 358 -7.27 7.41 12.47
CA PRO B 358 -7.15 7.29 11.01
C PRO B 358 -8.37 6.61 10.41
N ASN B 359 -8.68 7.01 9.19
CA ASN B 359 -9.85 6.49 8.49
C ASN B 359 -9.75 4.98 8.35
N GLY B 360 -10.79 4.27 8.79
CA GLY B 360 -10.86 2.83 8.67
C GLY B 360 -10.20 2.05 9.79
N ASP B 361 -9.63 2.71 10.78
CA ASP B 361 -8.90 2.08 11.88
C ASP B 361 -9.39 2.62 13.21
N ASP B 362 -10.70 2.55 13.41
CA ASP B 362 -11.31 3.05 14.63
C ASP B 362 -11.09 2.09 15.79
N LYS B 363 -11.05 2.66 17.00
CA LYS B 363 -11.02 1.91 18.26
C LYS B 363 -11.68 2.75 19.36
N PRO B 364 -12.83 2.34 19.87
CA PRO B 364 -13.60 3.22 20.76
C PRO B 364 -12.84 3.52 22.05
N GLY B 365 -12.86 4.80 22.44
CA GLY B 365 -12.13 5.24 23.61
C GLY B 365 -10.75 5.80 23.32
N ALA B 366 -10.21 5.55 22.14
CA ALA B 366 -8.90 6.05 21.76
C ALA B 366 -9.02 7.44 21.19
N VAL B 367 -7.89 8.13 21.08
CA VAL B 367 -7.82 9.41 20.41
C VAL B 367 -7.12 9.32 19.07
N GLY B 368 -6.68 8.12 18.66
CA GLY B 368 -6.10 7.93 17.35
C GLY B 368 -4.70 7.36 17.39
N LYS B 369 -3.95 7.55 16.31
CA LYS B 369 -2.56 7.14 16.19
C LYS B 369 -1.68 8.33 15.80
N VAL B 370 -0.37 8.10 15.90
CA VAL B 370 0.59 9.16 15.59
C VAL B 370 0.43 9.60 14.14
N VAL B 371 0.45 10.92 13.94
CA VAL B 371 0.24 11.51 12.61
C VAL B 371 1.55 11.43 11.83
N PRO B 372 1.52 11.51 10.50
CA PRO B 372 2.76 11.56 9.72
C PRO B 372 3.70 12.66 10.22
N PHE B 373 5.00 12.37 10.13
CA PHE B 373 6.09 13.28 10.49
C PHE B 373 6.31 13.31 11.99
N PHE B 374 5.56 12.55 12.78
CA PHE B 374 5.64 12.65 14.24
C PHE B 374 6.05 11.33 14.86
N GLU B 375 6.56 11.44 16.08
CA GLU B 375 6.79 10.29 16.93
C GLU B 375 6.19 10.61 18.29
N ALA B 376 5.82 9.55 19.00
CA ALA B 376 5.21 9.63 20.32
C ALA B 376 5.71 8.49 21.19
N LYS B 377 5.94 8.78 22.45
CA LYS B 377 6.34 7.80 23.44
C LYS B 377 5.65 8.10 24.75
N VAL B 378 5.74 7.16 25.69
CA VAL B 378 5.15 7.34 27.02
C VAL B 378 6.25 7.04 28.03
N VAL B 379 6.54 8.01 28.90
CA VAL B 379 7.69 7.95 29.77
C VAL B 379 7.26 7.88 31.22
N ASP B 380 8.17 7.33 32.03
CA ASP B 380 7.98 7.19 33.46
C ASP B 380 8.01 8.54 34.16
N LEU B 381 7.10 8.72 35.13
CA LEU B 381 6.94 10.03 35.76
C LEU B 381 8.10 10.38 36.68
N ASP B 382 8.93 9.43 37.04
CA ASP B 382 9.99 9.67 38.00
C ASP B 382 11.38 9.52 37.40
N THR B 383 11.55 8.68 36.38
CA THR B 383 12.84 8.44 35.77
C THR B 383 12.91 8.78 34.29
N GLY B 384 11.78 9.07 33.64
CA GLY B 384 11.85 9.41 32.24
C GLY B 384 12.16 8.27 31.29
N LYS B 385 12.25 7.04 31.79
CA LYS B 385 12.54 5.90 30.91
C LYS B 385 11.33 5.60 30.03
N THR B 386 11.59 5.30 28.76
CA THR B 386 10.50 4.96 27.84
C THR B 386 9.82 3.67 28.28
N LEU B 387 8.48 3.70 28.32
CA LEU B 387 7.67 2.58 28.76
C LEU B 387 7.17 1.77 27.57
N GLY B 388 6.59 0.61 27.87
CA GLY B 388 6.13 -0.31 26.84
C GLY B 388 4.62 -0.33 26.71
N VAL B 389 4.15 -1.32 25.93
CA VAL B 389 2.73 -1.40 25.57
C VAL B 389 1.87 -1.45 26.82
N ASN B 390 0.74 -0.76 26.76
CA ASN B 390 -0.29 -0.78 27.81
C ASN B 390 0.26 -0.35 29.16
N GLN B 391 1.34 0.43 29.17
CA GLN B 391 1.87 1.04 30.39
C GLN B 391 1.62 2.54 30.36
N ARG B 392 1.17 3.07 31.48
CA ARG B 392 0.80 4.46 31.59
C ARG B 392 1.99 5.32 31.98
N GLY B 393 2.05 6.51 31.39
CA GLY B 393 3.07 7.46 31.73
C GLY B 393 2.71 8.79 31.12
N GLU B 394 3.67 9.70 31.14
CA GLU B 394 3.48 10.98 30.50
C GLU B 394 3.66 10.82 29.00
N LEU B 395 2.73 11.39 28.23
CA LEU B 395 2.83 11.36 26.79
C LEU B 395 3.86 12.39 26.33
N CYS B 396 4.77 11.97 25.46
CA CYS B 396 5.76 12.85 24.83
C CYS B 396 5.63 12.71 23.32
N VAL B 397 5.78 13.83 22.62
CA VAL B 397 5.61 13.85 21.18
C VAL B 397 6.68 14.75 20.58
N ARG B 398 7.03 14.48 19.33
CA ARG B 398 8.05 15.25 18.62
C ARG B 398 7.75 15.23 17.12
N GLY B 399 7.96 16.37 16.47
CA GLY B 399 7.75 16.49 15.05
C GLY B 399 7.82 17.94 14.59
N PRO B 400 7.61 18.19 13.30
CA PRO B 400 7.72 19.56 12.78
C PRO B 400 6.52 20.45 13.03
N MET B 401 5.51 20.03 13.80
CA MET B 401 4.47 20.95 14.23
C MET B 401 4.64 21.39 15.68
N ILE B 402 5.70 20.93 16.35
CA ILE B 402 6.00 21.48 17.66
C ILE B 402 6.31 22.96 17.50
N MET B 403 5.92 23.75 18.50
CA MET B 403 6.16 25.19 18.41
C MET B 403 7.66 25.48 18.36
N SER B 404 8.00 26.59 17.72
CA SER B 404 9.39 27.04 17.78
C SER B 404 9.77 27.52 19.18
N GLY B 405 8.80 27.94 19.98
CA GLY B 405 9.06 28.33 21.36
C GLY B 405 8.02 29.33 21.84
N TYR B 406 8.03 29.55 23.15
CA TYR B 406 7.23 30.60 23.76
C TYR B 406 7.88 31.95 23.53
N VAL B 407 7.06 32.96 23.23
CA VAL B 407 7.59 34.27 22.87
C VAL B 407 8.24 34.90 24.09
N ASN B 408 9.52 35.24 23.99
CA ASN B 408 10.23 35.94 25.05
C ASN B 408 10.22 35.15 26.36
N ASN B 409 10.30 33.81 26.27
CA ASN B 409 10.30 32.98 27.48
C ASN B 409 11.05 31.68 27.23
N PRO B 410 12.37 31.76 27.04
CA PRO B 410 13.13 30.53 26.74
C PRO B 410 13.15 29.54 27.90
N GLU B 411 13.03 30.02 29.13
CA GLU B 411 13.05 29.11 30.27
C GLU B 411 11.88 28.14 30.23
N ALA B 412 10.68 28.64 29.97
CA ALA B 412 9.51 27.76 29.85
C ALA B 412 9.61 26.87 28.61
N THR B 413 10.17 27.40 27.53
CA THR B 413 10.29 26.61 26.30
C THR B 413 11.19 25.40 26.55
N ASN B 414 12.33 25.62 27.20
CA ASN B 414 13.27 24.54 27.49
C ASN B 414 12.73 23.61 28.57
N ALA B 415 11.93 24.14 29.51
CA ALA B 415 11.30 23.27 30.50
C ALA B 415 10.23 22.37 29.89
N LEU B 416 9.72 22.73 28.71
CA LEU B 416 8.69 21.90 28.08
C LEU B 416 9.24 20.99 26.99
N ILE B 417 10.32 21.39 26.31
CA ILE B 417 10.79 20.73 25.10
C ILE B 417 12.30 20.52 25.22
N ASP B 418 12.74 19.28 25.10
CA ASP B 418 14.14 18.93 25.36
C ASP B 418 14.97 19.07 24.07
N LYS B 419 16.27 18.78 24.19
CA LYS B 419 17.18 19.05 23.08
C LYS B 419 16.89 18.16 21.86
N ASP B 420 16.31 16.98 22.08
CA ASP B 420 15.94 16.09 20.99
C ASP B 420 14.56 16.40 20.40
N GLY B 421 13.86 17.41 20.92
CA GLY B 421 12.59 17.81 20.34
C GLY B 421 11.36 17.19 20.96
N TRP B 422 11.51 16.44 22.05
CA TRP B 422 10.35 15.84 22.69
C TRP B 422 9.65 16.91 23.54
N LEU B 423 8.36 17.11 23.26
CA LEU B 423 7.51 17.98 24.07
C LEU B 423 6.84 17.14 25.15
N HIS B 424 6.88 17.63 26.38
CA HIS B 424 6.29 16.92 27.51
C HIS B 424 4.87 17.43 27.72
N SER B 425 3.89 16.61 27.33
CA SER B 425 2.51 17.07 27.16
C SER B 425 1.84 17.39 28.48
N GLY B 426 2.28 16.77 29.57
CA GLY B 426 1.59 16.91 30.83
C GLY B 426 0.40 15.99 31.00
N ASP B 427 0.18 15.08 30.05
CA ASP B 427 -0.94 14.16 30.10
C ASP B 427 -0.43 12.74 30.33
N ILE B 428 -1.15 11.99 31.13
CA ILE B 428 -0.91 10.56 31.30
C ILE B 428 -1.71 9.84 30.23
N ALA B 429 -1.04 8.96 29.48
CA ALA B 429 -1.59 8.26 28.33
C ALA B 429 -0.92 6.88 28.24
N TYR B 430 -1.40 6.09 27.29
CA TYR B 430 -0.75 4.82 26.97
C TYR B 430 -1.19 4.40 25.58
N TRP B 431 -0.46 3.44 25.00
CA TRP B 431 -0.77 2.87 23.69
C TRP B 431 -0.86 1.36 23.80
N ASP B 432 -1.78 0.76 23.04
CA ASP B 432 -2.03 -0.68 23.13
C ASP B 432 -1.34 -1.40 21.98
N GLU B 433 -1.63 -2.71 21.84
CA GLU B 433 -0.93 -3.53 20.85
C GLU B 433 -1.12 -2.99 19.44
N ASP B 434 -2.30 -2.45 19.14
CA ASP B 434 -2.59 -1.95 17.81
C ASP B 434 -2.04 -0.54 17.57
N GLU B 435 -1.32 0.02 18.55
CA GLU B 435 -0.71 1.34 18.45
C GLU B 435 -1.72 2.47 18.52
N HIS B 436 -2.88 2.23 19.15
CA HIS B 436 -3.79 3.32 19.47
C HIS B 436 -3.40 3.91 20.83
N PHE B 437 -3.48 5.23 20.94
CA PHE B 437 -3.22 5.92 22.19
C PHE B 437 -4.52 6.22 22.89
N PHE B 438 -4.52 6.05 24.22
CA PHE B 438 -5.63 6.43 25.08
C PHE B 438 -5.11 7.50 26.01
N ILE B 439 -5.86 8.59 26.17
CA ILE B 439 -5.49 9.65 27.10
C ILE B 439 -6.19 9.37 28.42
N VAL B 440 -5.40 9.18 29.47
CA VAL B 440 -5.93 8.77 30.77
C VAL B 440 -6.28 9.96 31.63
N ASP B 441 -5.37 10.93 31.72
CA ASP B 441 -5.71 12.04 32.61
C ASP B 441 -4.69 13.16 32.46
N ARG B 442 -4.98 14.30 33.09
CA ARG B 442 -4.05 15.41 33.17
C ARG B 442 -3.13 15.17 34.38
N LEU B 443 -1.82 15.33 34.19
CA LEU B 443 -0.89 14.94 35.24
C LEU B 443 -1.05 15.80 36.49
N LYS B 444 -1.03 17.12 36.34
CA LYS B 444 -1.12 18.03 37.48
C LYS B 444 -2.51 18.13 38.07
N SER B 445 -3.45 17.28 37.63
CA SER B 445 -4.81 17.30 38.15
C SER B 445 -5.11 16.09 39.03
N LEU B 446 -4.08 15.33 39.42
CA LEU B 446 -4.28 14.19 40.31
C LEU B 446 -4.38 14.63 41.76
N ILE B 447 -5.28 13.99 42.51
CA ILE B 447 -5.40 14.21 43.94
C ILE B 447 -5.18 12.88 44.64
N LYS B 448 -3.92 12.53 44.83
CA LYS B 448 -3.61 11.24 45.41
C LYS B 448 -2.72 11.27 46.64
N TYR B 449 -3.30 11.55 47.81
CA TYR B 449 -2.55 11.59 49.05
C TYR B 449 -2.02 10.19 49.24
N LYS B 450 -2.91 9.22 49.01
CA LYS B 450 -2.58 7.80 49.09
C LYS B 450 -1.58 7.63 47.96
N GLY B 451 -0.48 6.93 48.19
CA GLY B 451 0.52 6.87 47.16
C GLY B 451 0.35 5.89 46.02
N GLN B 453 -1.32 7.49 42.97
CA GLN B 453 -1.75 8.36 41.90
C GLN B 453 -3.16 8.17 41.36
N VAL B 454 -4.18 8.32 42.18
CA VAL B 454 -5.53 8.16 41.66
C VAL B 454 -5.95 9.32 40.76
N ALA B 455 -6.49 9.01 39.59
CA ALA B 455 -6.90 10.03 38.65
C ALA B 455 -8.35 10.40 38.76
N PRO B 456 -8.66 11.68 38.87
CA PRO B 456 -10.06 12.11 38.97
C PRO B 456 -10.88 11.78 37.74
N ALA B 457 -10.26 11.61 36.58
CA ALA B 457 -11.03 11.25 35.38
C ALA B 457 -11.67 9.88 35.54
N GLU B 458 -10.97 8.96 36.21
CA GLU B 458 -11.55 7.65 36.50
C GLU B 458 -12.74 7.78 37.45
N LEU B 459 -12.59 8.59 38.50
CA LEU B 459 -13.69 8.82 39.44
C LEU B 459 -14.88 9.48 38.74
N GLU B 460 -14.63 10.38 37.80
CA GLU B 460 -15.71 10.95 37.00
C GLU B 460 -16.37 9.87 36.14
N SER B 461 -15.59 8.93 35.62
CA SER B 461 -16.14 7.85 34.81
C SER B 461 -17.06 6.96 35.63
N ILE B 462 -16.68 6.66 36.88
CA ILE B 462 -17.52 5.82 37.73
C ILE B 462 -18.87 6.49 37.98
N LEU B 463 -18.89 7.80 38.14
CA LEU B 463 -20.16 8.51 38.33
C LEU B 463 -21.01 8.46 37.06
N LEU B 464 -20.39 8.59 35.90
CA LEU B 464 -21.12 8.62 34.64
C LEU B 464 -21.60 7.22 34.25
N GLY B 473 -17.63 16.17 38.66
CA GLY B 473 -16.27 16.71 38.66
C GLY B 473 -15.51 16.47 39.94
N VAL B 474 -14.23 16.09 39.83
CA VAL B 474 -13.46 15.64 40.99
C VAL B 474 -12.21 16.50 41.14
N ALA B 475 -11.77 16.66 42.38
CA ALA B 475 -10.56 17.41 42.71
C ALA B 475 -9.98 16.95 44.04
N GLY B 483 -2.80 16.35 52.52
CA GLY B 483 -3.99 17.16 52.60
C GLY B 483 -5.25 16.34 52.42
N GLU B 484 -5.89 16.46 51.25
CA GLU B 484 -7.07 15.67 50.92
C GLU B 484 -6.66 14.57 49.96
N LEU B 485 -7.09 13.34 50.25
CA LEU B 485 -6.92 12.21 49.33
C LEU B 485 -8.21 12.00 48.56
N PRO B 486 -9.33 11.80 49.25
CA PRO B 486 -10.62 11.69 48.56
C PRO B 486 -11.12 13.05 48.08
N ALA B 487 -12.03 13.02 47.10
CA ALA B 487 -12.57 14.23 46.49
C ALA B 487 -14.08 14.07 46.28
N ALA B 488 -14.72 15.15 45.82
CA ALA B 488 -16.17 15.24 45.69
C ALA B 488 -16.56 15.74 44.30
N VAL B 490 -20.45 16.72 41.67
CA VAL B 490 -21.87 17.09 41.59
C VAL B 490 -22.44 16.28 40.42
N VAL B 491 -23.38 15.38 40.71
CA VAL B 491 -23.99 14.52 39.70
C VAL B 491 -25.34 15.10 39.28
N LEU B 492 -25.59 15.13 37.97
CA LEU B 492 -26.80 15.76 37.43
C LEU B 492 -27.99 14.80 37.39
N GLU B 493 -28.14 14.02 36.34
CA GLU B 493 -29.27 13.12 36.26
C GLU B 493 -28.95 11.78 35.64
N HIS B 494 -27.70 11.36 35.72
CA HIS B 494 -27.21 10.10 35.11
C HIS B 494 -27.66 8.75 35.75
N GLY B 495 -27.91 7.70 34.94
CA GLY B 495 -28.38 6.43 35.48
C GLY B 495 -27.45 5.34 36.00
N LYS B 496 -26.62 5.70 36.96
CA LYS B 496 -25.75 4.74 37.61
C LYS B 496 -25.87 5.11 39.07
N THR B 499 -29.01 9.56 42.02
CA THR B 499 -30.01 9.79 43.06
C THR B 499 -29.80 10.78 44.19
N GLU B 500 -30.79 11.59 44.48
CA GLU B 500 -30.67 12.66 45.51
C GLU B 500 -30.43 12.25 47.00
N LYS B 501 -30.62 10.98 47.28
CA LYS B 501 -30.55 10.31 48.53
C LYS B 501 -29.27 10.24 49.26
N GLU B 502 -28.16 10.67 48.65
CA GLU B 502 -26.77 10.68 49.15
C GLU B 502 -26.24 9.32 48.89
N ILE B 503 -27.03 8.56 48.16
CA ILE B 503 -26.50 7.28 47.73
C ILE B 503 -25.50 7.49 46.60
N VAL B 504 -25.25 8.75 46.23
CA VAL B 504 -24.27 9.05 45.19
C VAL B 504 -22.88 8.59 45.59
N ASP B 505 -22.62 8.42 46.88
CA ASP B 505 -21.35 7.88 47.34
C ASP B 505 -21.23 6.38 47.03
N TYR B 506 -21.97 5.93 46.02
CA TYR B 506 -21.85 4.56 45.51
C TYR B 506 -20.43 4.23 45.10
N VAL B 507 -19.66 5.27 44.90
CA VAL B 507 -18.30 5.15 44.47
C VAL B 507 -17.55 4.37 45.48
N ALA B 508 -17.84 4.50 46.73
CA ALA B 508 -17.15 3.81 47.81
C ALA B 508 -17.19 2.30 47.61
N SER B 509 -18.40 1.79 47.57
CA SER B 509 -18.60 0.37 47.44
C SER B 509 -18.15 -0.24 46.14
N GLN B 510 -18.70 0.26 45.05
CA GLN B 510 -18.44 -0.33 43.75
C GLN B 510 -17.14 0.15 43.23
N VAL B 511 -16.96 0.04 41.91
CA VAL B 511 -15.73 0.39 41.16
C VAL B 511 -14.55 1.10 41.82
N THR B 512 -14.77 2.19 42.54
CA THR B 512 -13.66 2.85 43.16
C THR B 512 -13.33 1.98 44.34
N THR B 513 -12.27 1.21 44.17
CA THR B 513 -11.81 0.30 45.17
C THR B 513 -10.51 0.81 45.74
N ALA B 514 -9.47 0.72 44.97
CA ALA B 514 -8.18 1.19 45.47
C ALA B 514 -8.18 2.69 45.69
N LYS B 515 -9.01 3.42 44.94
CA LYS B 515 -9.14 4.86 45.14
C LYS B 515 -9.95 5.10 46.41
N LYS B 516 -10.50 6.30 46.55
CA LYS B 516 -11.29 6.61 47.73
C LYS B 516 -12.11 7.89 47.58
N LEU B 517 -13.44 7.74 47.63
CA LEU B 517 -14.34 8.89 47.63
C LEU B 517 -14.62 9.30 49.07
N ARG B 518 -14.72 10.61 49.30
CA ARG B 518 -15.10 11.09 50.62
C ARG B 518 -15.69 12.50 50.61
N GLY B 519 -15.94 13.08 49.44
CA GLY B 519 -16.49 14.41 49.35
C GLY B 519 -17.98 14.37 49.09
N GLY B 520 -18.56 15.55 49.31
CA GLY B 520 -19.96 15.82 49.17
C GLY B 520 -20.36 15.88 47.73
N VAL B 521 -21.65 15.89 47.50
CA VAL B 521 -22.18 15.93 46.17
C VAL B 521 -23.15 17.10 46.10
N VAL B 522 -23.10 17.82 44.99
CA VAL B 522 -23.94 18.97 44.75
C VAL B 522 -24.73 18.82 43.47
N PHE B 523 -26.02 19.00 43.60
CA PHE B 523 -27.00 18.90 42.52
C PHE B 523 -26.95 17.55 41.85
N VAL B 527 -24.08 21.76 35.16
CA VAL B 527 -22.72 21.40 34.74
C VAL B 527 -21.96 22.63 34.26
N PRO B 528 -20.77 22.90 34.81
CA PRO B 528 -19.94 24.03 34.34
C PRO B 528 -19.14 23.59 33.12
N LYS B 529 -19.35 24.27 31.98
CA LYS B 529 -18.73 23.79 30.75
C LYS B 529 -17.47 24.61 30.46
N GLY B 530 -16.62 24.05 29.58
CA GLY B 530 -15.36 24.67 29.25
C GLY B 530 -15.32 25.36 27.89
N LEU B 531 -14.24 26.10 27.66
CA LEU B 531 -14.12 26.93 26.48
C LEU B 531 -14.09 26.08 25.20
N THR B 532 -13.04 25.28 25.04
CA THR B 532 -12.94 24.33 23.95
C THR B 532 -13.17 22.93 24.51
N GLY B 533 -14.21 22.26 24.02
CA GLY B 533 -14.49 20.94 24.56
C GLY B 533 -15.09 21.07 25.93
N LYS B 534 -14.62 20.24 26.85
CA LYS B 534 -14.88 20.42 28.27
C LYS B 534 -13.74 21.23 28.87
N LEU B 535 -13.73 21.39 30.19
CA LEU B 535 -12.70 22.18 30.85
C LEU B 535 -12.54 21.68 32.27
N ASP B 536 -11.31 21.73 32.78
CA ASP B 536 -11.07 21.33 34.16
C ASP B 536 -11.45 22.48 35.09
N ALA B 537 -12.75 22.78 35.07
CA ALA B 537 -13.32 23.92 35.79
C ALA B 537 -13.21 23.73 37.29
N ARG B 538 -11.99 23.73 37.81
CA ARG B 538 -11.83 23.68 39.27
C ARG B 538 -12.48 24.90 39.91
N LYS B 539 -12.21 26.08 39.35
CA LYS B 539 -12.87 27.30 39.83
C LYS B 539 -14.39 27.14 39.80
N ILE B 540 -14.93 26.70 38.67
CA ILE B 540 -16.36 26.43 38.57
C ILE B 540 -16.64 24.95 38.74
N MET C 6 33.68 -23.07 40.53
CA MET C 6 33.27 -24.15 41.43
C MET C 6 33.23 -25.47 40.69
N GLU C 7 33.88 -26.48 41.24
CA GLU C 7 33.84 -27.83 40.68
C GLU C 7 32.67 -28.64 41.19
N ASP C 8 31.70 -28.01 41.85
CA ASP C 8 30.39 -28.61 42.02
C ASP C 8 29.61 -28.63 40.70
N ALA C 9 30.19 -28.09 39.63
CA ALA C 9 29.67 -28.22 38.28
C ALA C 9 29.67 -29.66 37.78
N LYS C 10 30.07 -30.63 38.61
CA LYS C 10 29.72 -32.03 38.37
C LYS C 10 28.23 -32.26 38.52
N ASN C 11 27.48 -31.27 38.99
CA ASN C 11 26.03 -31.31 39.05
C ASN C 11 25.39 -31.03 37.70
N ILE C 12 26.16 -30.59 36.72
CA ILE C 12 25.65 -30.37 35.38
C ILE C 12 25.63 -31.70 34.63
N LYS C 13 24.52 -32.06 34.02
CA LYS C 13 24.49 -33.33 33.31
C LYS C 13 24.69 -33.15 31.83
N LYS C 14 25.64 -33.87 31.30
CA LYS C 14 25.95 -33.73 29.94
C LYS C 14 25.37 -34.86 29.16
N GLY C 15 24.74 -34.51 28.06
CA GLY C 15 24.20 -35.48 27.16
C GLY C 15 25.38 -36.06 26.48
N PRO C 16 25.30 -37.32 26.15
CA PRO C 16 26.30 -38.18 25.55
C PRO C 16 26.62 -37.90 24.11
N ALA C 17 27.66 -38.52 23.61
CA ALA C 17 27.92 -38.38 22.20
C ALA C 17 26.94 -39.29 21.45
N PRO C 18 26.60 -38.89 20.25
CA PRO C 18 25.70 -39.59 19.34
C PRO C 18 26.24 -40.82 18.68
N PHE C 19 25.38 -41.82 18.61
CA PHE C 19 25.78 -43.04 17.92
C PHE C 19 26.39 -42.72 16.55
N TYR C 20 25.59 -42.10 15.68
CA TYR C 20 26.20 -41.69 14.41
C TYR C 20 26.74 -40.27 14.52
N PRO C 21 27.92 -40.01 13.98
CA PRO C 21 28.49 -38.65 14.04
C PRO C 21 27.63 -37.64 13.31
N LEU C 22 27.67 -36.40 13.79
CA LEU C 22 26.84 -35.34 13.26
C LEU C 22 27.20 -35.08 11.80
N GLU C 23 26.22 -35.25 10.92
CA GLU C 23 26.39 -35.01 9.49
C GLU C 23 26.77 -33.56 9.23
N ASP C 24 27.40 -33.33 8.07
CA ASP C 24 27.80 -31.99 7.68
C ASP C 24 26.73 -31.36 6.80
N GLY C 25 26.90 -30.07 6.55
CA GLY C 25 26.07 -29.35 5.59
C GLY C 25 24.84 -28.71 6.21
N THR C 26 24.20 -27.84 5.42
CA THR C 26 22.95 -27.24 5.85
C THR C 26 21.87 -28.31 6.05
N ALA C 27 20.85 -27.97 6.84
CA ALA C 27 19.69 -28.87 6.96
C ALA C 27 19.01 -29.07 5.61
N GLY C 28 18.96 -28.02 4.79
CA GLY C 28 18.47 -28.19 3.43
C GLY C 28 19.21 -29.28 2.68
N GLU C 29 20.55 -29.28 2.75
CA GLU C 29 21.33 -30.28 2.04
C GLU C 29 21.06 -31.69 2.57
N GLN C 30 20.92 -31.85 3.88
CA GLN C 30 20.67 -33.17 4.43
C GLN C 30 19.30 -33.70 4.03
N LEU C 31 18.27 -32.84 4.15
CA LEU C 31 16.94 -33.25 3.70
C LEU C 31 16.95 -33.60 2.23
N HIS C 32 17.58 -32.77 1.41
CA HIS C 32 17.66 -33.01 -0.03
C HIS C 32 18.36 -34.34 -0.32
N LYS C 33 19.46 -34.61 0.38
CA LYS C 33 20.21 -35.83 0.15
C LYS C 33 19.38 -37.07 0.50
N ALA C 34 18.67 -37.04 1.63
CA ALA C 34 17.82 -38.17 1.97
C ALA C 34 16.70 -38.34 0.95
N MET C 35 16.02 -37.24 0.61
CA MET C 35 14.80 -37.33 -0.17
C MET C 35 15.09 -37.69 -1.62
N LYS C 36 16.25 -37.29 -2.14
CA LYS C 36 16.62 -37.68 -3.49
C LYS C 36 16.78 -39.20 -3.60
N ARG C 37 17.15 -39.87 -2.49
CA ARG C 37 17.22 -41.32 -2.46
C ARG C 37 15.83 -41.94 -2.32
N TYR C 38 15.05 -41.46 -1.34
CA TYR C 38 13.69 -41.97 -1.18
C TYR C 38 12.86 -41.79 -2.44
N ALA C 39 13.13 -40.75 -3.22
CA ALA C 39 12.33 -40.51 -4.42
C ALA C 39 12.49 -41.60 -5.46
N LEU C 40 13.63 -42.30 -5.47
CA LEU C 40 13.89 -43.31 -6.48
C LEU C 40 13.51 -44.72 -6.04
N VAL C 41 13.09 -44.90 -4.79
CA VAL C 41 12.50 -46.16 -4.36
C VAL C 41 11.04 -46.13 -4.79
N PRO C 42 10.61 -47.03 -5.66
CA PRO C 42 9.32 -46.84 -6.32
C PRO C 42 8.17 -46.95 -5.32
N GLY C 43 7.31 -45.93 -5.33
CA GLY C 43 6.09 -45.99 -4.56
C GLY C 43 6.17 -45.55 -3.12
N THR C 44 7.31 -45.06 -2.65
CA THR C 44 7.38 -44.56 -1.29
C THR C 44 6.55 -43.29 -1.15
N ILE C 45 5.80 -43.21 -0.07
CA ILE C 45 4.83 -42.14 0.15
C ILE C 45 5.34 -41.25 1.26
N ALA C 46 5.47 -39.96 1.00
CA ALA C 46 5.88 -39.03 2.03
C ALA C 46 4.69 -38.60 2.89
N PHE C 47 3.55 -38.29 2.27
CA PHE C 47 2.40 -37.76 2.99
C PHE C 47 1.12 -38.43 2.54
N THR C 48 0.24 -38.72 3.49
CA THR C 48 -1.07 -39.26 3.19
C THR C 48 -2.14 -38.45 3.91
N ASP C 49 -3.10 -37.92 3.14
CA ASP C 49 -4.30 -37.31 3.67
C ASP C 49 -5.32 -38.42 3.93
N ALA C 50 -5.58 -38.72 5.20
CA ALA C 50 -6.48 -39.82 5.51
C ALA C 50 -7.94 -39.50 5.19
N HIS C 51 -8.31 -38.22 5.10
CA HIS C 51 -9.71 -37.89 4.88
C HIS C 51 -10.12 -38.12 3.44
N ILE C 52 -9.41 -37.48 2.50
CA ILE C 52 -9.72 -37.60 1.08
C ILE C 52 -9.03 -38.78 0.44
N GLU C 53 -8.27 -39.55 1.22
CA GLU C 53 -7.45 -40.67 0.74
C GLU C 53 -6.64 -40.33 -0.50
N VAL C 54 -5.66 -39.45 -0.35
CA VAL C 54 -4.71 -39.11 -1.41
C VAL C 54 -3.31 -39.22 -0.84
N ASN C 55 -2.40 -39.83 -1.61
CA ASN C 55 -0.99 -39.97 -1.25
C ASN C 55 -0.13 -39.09 -2.16
N ILE C 56 0.91 -38.50 -1.60
CA ILE C 56 1.98 -37.90 -2.41
C ILE C 56 3.26 -38.69 -2.15
N THR C 57 3.92 -39.11 -3.22
CA THR C 57 5.12 -39.92 -3.08
C THR C 57 6.31 -39.04 -2.76
N TYR C 58 7.37 -39.68 -2.27
CA TYR C 58 8.64 -38.98 -2.14
C TYR C 58 9.13 -38.44 -3.48
N ALA C 59 8.85 -39.16 -4.57
CA ALA C 59 9.19 -38.63 -5.89
C ALA C 59 8.48 -37.30 -6.16
N GLU C 60 7.14 -37.30 -6.06
CA GLU C 60 6.39 -36.07 -6.30
C GLU C 60 6.84 -34.96 -5.34
N TYR C 61 7.06 -35.32 -4.08
CA TYR C 61 7.36 -34.29 -3.08
C TYR C 61 8.75 -33.70 -3.27
N PHE C 62 9.74 -34.57 -3.51
CA PHE C 62 11.08 -34.10 -3.81
C PHE C 62 11.08 -33.21 -5.04
N GLU C 63 10.40 -33.65 -6.10
CA GLU C 63 10.42 -32.90 -7.35
C GLU C 63 9.76 -31.54 -7.19
N MET C 64 8.61 -31.48 -6.50
CA MET C 64 7.95 -30.19 -6.33
C MET C 64 8.73 -29.29 -5.38
N SER C 65 9.32 -29.84 -4.33
CA SER C 65 10.15 -29.02 -3.47
C SER C 65 11.31 -28.42 -4.23
N VAL C 66 11.93 -29.20 -5.13
CA VAL C 66 13.07 -28.70 -5.89
C VAL C 66 12.62 -27.65 -6.90
N ARG C 67 11.52 -27.90 -7.60
CA ARG C 67 10.97 -26.89 -8.49
C ARG C 67 10.68 -25.62 -7.73
N LEU C 68 10.18 -25.74 -6.50
CA LEU C 68 9.89 -24.56 -5.68
C LEU C 68 11.16 -23.82 -5.31
N ALA C 69 12.18 -24.56 -4.86
CA ALA C 69 13.42 -23.91 -4.47
C ALA C 69 14.00 -23.14 -5.65
N GLU C 70 14.03 -23.77 -6.82
CA GLU C 70 14.61 -23.11 -7.99
C GLU C 70 13.74 -21.95 -8.45
N ALA C 71 12.41 -22.09 -8.40
CA ALA C 71 11.53 -20.99 -8.79
C ALA C 71 11.71 -19.78 -7.87
N MET C 72 11.79 -20.04 -6.56
CA MET C 72 12.00 -18.95 -5.60
C MET C 72 13.37 -18.33 -5.77
N LYS C 73 14.37 -19.14 -6.11
CA LYS C 73 15.71 -18.61 -6.37
C LYS C 73 15.71 -17.71 -7.60
N ARG C 74 15.12 -18.17 -8.71
CA ARG C 74 14.99 -17.35 -9.90
C ARG C 74 14.13 -16.11 -9.66
N TYR C 75 13.27 -16.13 -8.64
CA TYR C 75 12.44 -14.98 -8.34
C TYR C 75 13.21 -13.89 -7.60
N GLY C 76 14.29 -14.23 -6.91
CA GLY C 76 15.11 -13.24 -6.23
C GLY C 76 15.37 -13.53 -4.77
N LEU C 77 14.81 -14.62 -4.24
CA LEU C 77 14.92 -14.91 -2.81
C LEU C 77 16.28 -15.51 -2.49
N ASN C 78 16.76 -15.21 -1.28
CA ASN C 78 18.07 -15.65 -0.81
C ASN C 78 18.09 -15.50 0.71
N THR C 79 19.30 -15.65 1.33
CA THR C 79 19.29 -15.67 2.80
C THR C 79 18.98 -14.33 3.42
N ASN C 80 18.59 -13.30 2.68
CA ASN C 80 18.11 -12.06 3.28
C ASN C 80 16.60 -11.95 3.23
N HIS C 81 15.91 -13.03 2.86
CA HIS C 81 14.45 -13.03 2.78
C HIS C 81 13.87 -14.10 3.70
N ARG C 82 12.62 -13.86 4.09
CA ARG C 82 11.78 -14.85 4.75
C ARG C 82 10.52 -15.07 3.91
N ILE C 83 10.02 -16.29 3.92
CA ILE C 83 8.70 -16.59 3.39
C ILE C 83 7.85 -16.98 4.58
N VAL C 84 6.52 -16.89 4.40
CA VAL C 84 5.58 -17.35 5.41
C VAL C 84 4.81 -18.51 4.85
N VAL C 85 4.59 -19.52 5.67
CA VAL C 85 3.69 -20.62 5.34
C VAL C 85 2.55 -20.59 6.34
N CYS C 86 1.34 -20.35 5.84
CA CYS C 86 0.17 -20.16 6.69
C CYS C 86 -0.87 -21.15 6.21
N SER C 87 -1.01 -22.27 6.91
CA SER C 87 -1.91 -23.28 6.38
C SER C 87 -2.17 -24.32 7.45
N GLU C 88 -3.37 -24.91 7.38
CA GLU C 88 -3.64 -26.10 8.15
C GLU C 88 -2.67 -27.19 7.72
N ASN C 89 -2.52 -28.20 8.57
CA ASN C 89 -1.81 -29.39 8.15
C ASN C 89 -2.41 -29.88 6.84
N SER C 90 -1.57 -30.12 5.86
CA SER C 90 -2.04 -30.56 4.54
C SER C 90 -0.92 -31.29 3.82
N LEU C 91 -1.28 -31.90 2.69
CA LEU C 91 -0.28 -32.50 1.82
C LEU C 91 0.71 -31.47 1.31
N GLN C 92 0.29 -30.21 1.20
CA GLN C 92 1.13 -29.20 0.56
C GLN C 92 2.00 -28.44 1.54
N PHE C 93 1.71 -28.50 2.84
CA PHE C 93 2.38 -27.63 3.81
C PHE C 93 3.90 -27.55 3.62
N PHE C 94 4.54 -28.69 3.37
CA PHE C 94 5.99 -28.74 3.49
C PHE C 94 6.73 -28.52 2.18
N MET C 95 6.02 -28.40 1.06
CA MET C 95 6.69 -28.10 -0.20
C MET C 95 7.41 -26.76 -0.15
N PRO C 96 6.74 -25.66 0.21
CA PRO C 96 7.49 -24.39 0.32
C PRO C 96 8.52 -24.44 1.43
N VAL C 97 8.30 -25.21 2.49
CA VAL C 97 9.27 -25.27 3.59
C VAL C 97 10.57 -25.89 3.11
N LEU C 98 10.46 -27.04 2.45
CA LEU C 98 11.63 -27.71 1.92
C LEU C 98 12.32 -26.86 0.85
N GLY C 99 11.54 -26.22 -0.03
CA GLY C 99 12.16 -25.32 -1.00
C GLY C 99 12.99 -24.24 -0.32
N ALA C 100 12.36 -23.55 0.65
CA ALA C 100 13.06 -22.50 1.37
C ALA C 100 14.36 -23.01 1.97
N LEU C 101 14.29 -24.12 2.71
CA LEU C 101 15.51 -24.67 3.30
C LEU C 101 16.55 -25.01 2.23
N PHE C 102 16.10 -25.48 1.06
CA PHE C 102 17.05 -25.83 0.00
C PHE C 102 17.84 -24.62 -0.46
N ILE C 103 17.21 -23.46 -0.52
CA ILE C 103 17.91 -22.29 -1.03
C ILE C 103 18.30 -21.32 0.09
N GLY C 104 18.36 -21.80 1.33
CA GLY C 104 18.77 -20.93 2.42
C GLY C 104 17.83 -19.78 2.75
N VAL C 105 16.57 -19.83 2.33
CA VAL C 105 15.58 -18.82 2.70
C VAL C 105 14.90 -19.25 4.00
N ALA C 106 14.66 -18.28 4.90
CA ALA C 106 14.07 -18.58 6.19
C ALA C 106 12.56 -18.75 6.06
N VAL C 107 12.02 -19.70 6.81
CA VAL C 107 10.61 -20.04 6.80
C VAL C 107 9.99 -19.56 8.10
N ALA C 108 8.90 -18.81 7.99
CA ALA C 108 8.12 -18.36 9.14
C ALA C 108 6.74 -19.00 9.03
N PRO C 109 6.45 -20.03 9.81
CA PRO C 109 5.10 -20.58 9.82
C PRO C 109 4.20 -19.68 10.65
N ALA C 110 2.97 -19.48 10.18
CA ALA C 110 2.01 -18.65 10.88
C ALA C 110 0.76 -19.47 11.16
N ASN C 111 0.38 -19.51 12.44
CA ASN C 111 -0.77 -20.28 12.90
C ASN C 111 -2.01 -19.96 12.09
N ASP C 112 -2.60 -20.98 11.45
CA ASP C 112 -3.76 -20.78 10.59
C ASP C 112 -5.03 -20.39 11.34
N ILE C 113 -5.08 -20.50 12.66
CA ILE C 113 -6.27 -20.08 13.39
C ILE C 113 -5.92 -18.86 14.23
N TYR C 114 -4.90 -18.12 13.79
CA TYR C 114 -4.69 -16.79 14.29
C TYR C 114 -5.84 -15.86 13.89
N ASN C 115 -6.10 -14.87 14.72
CA ASN C 115 -6.90 -13.73 14.30
C ASN C 115 -6.01 -12.74 13.56
N GLU C 116 -6.65 -11.77 12.90
CA GLU C 116 -5.87 -10.82 12.10
C GLU C 116 -4.81 -10.10 12.93
N ARG C 117 -5.05 -9.88 14.23
CA ARG C 117 -4.06 -9.18 15.05
C ARG C 117 -2.83 -10.04 15.29
N GLU C 118 -3.03 -11.29 15.72
CA GLU C 118 -1.90 -12.18 15.94
C GLU C 118 -1.18 -12.48 14.64
N LEU C 119 -1.92 -12.62 13.55
CA LEU C 119 -1.33 -12.82 12.24
C LEU C 119 -0.47 -11.63 11.83
N LEU C 120 -1.00 -10.41 12.03
CA LEU C 120 -0.25 -9.21 11.70
C LEU C 120 1.03 -9.12 12.53
N ASN C 121 0.96 -9.44 13.82
CA ASN C 121 2.17 -9.41 14.64
C ASN C 121 3.19 -10.44 14.16
N SER C 122 2.72 -11.65 13.86
CA SER C 122 3.62 -12.69 13.38
C SER C 122 4.37 -12.23 12.14
N MET C 123 3.64 -11.82 11.11
CA MET C 123 4.30 -11.44 9.87
C MET C 123 5.02 -10.11 9.98
N ASN C 124 4.67 -9.28 10.97
CA ASN C 124 5.42 -8.06 11.21
C ASN C 124 6.79 -8.37 11.82
N ILE C 125 6.84 -9.40 12.65
CA ILE C 125 8.12 -9.83 13.19
C ILE C 125 8.95 -10.50 12.10
N SER C 126 8.34 -11.44 11.36
CA SER C 126 9.12 -12.22 10.40
C SER C 126 9.47 -11.42 9.16
N GLN C 127 8.63 -10.48 8.75
CA GLN C 127 8.91 -9.63 7.60
C GLN C 127 9.17 -10.47 6.35
N PRO C 128 8.18 -11.24 5.93
CA PRO C 128 8.35 -12.08 4.74
C PRO C 128 8.20 -11.28 3.46
N THR C 129 8.79 -11.81 2.39
CA THR C 129 8.59 -11.25 1.06
C THR C 129 7.49 -11.98 0.31
N VAL C 130 7.40 -13.29 0.49
CA VAL C 130 6.38 -14.12 -0.15
C VAL C 130 5.56 -14.79 0.93
N VAL C 131 4.27 -14.98 0.65
CA VAL C 131 3.36 -15.61 1.57
C VAL C 131 2.75 -16.81 0.85
N PHE C 132 3.08 -18.01 1.31
CA PHE C 132 2.35 -19.19 0.91
C PHE C 132 1.16 -19.39 1.85
N VAL C 133 -0.03 -19.57 1.29
CA VAL C 133 -1.24 -19.66 2.09
C VAL C 133 -2.22 -20.60 1.43
N SER C 134 -3.11 -21.16 2.25
CA SER C 134 -4.22 -21.97 1.79
C SER C 134 -5.43 -21.07 1.50
N LYS C 135 -6.44 -21.65 0.83
CA LYS C 135 -7.65 -20.91 0.53
C LYS C 135 -8.34 -20.44 1.80
N LYS C 136 -8.53 -21.36 2.75
CA LYS C 136 -9.15 -21.01 4.04
C LYS C 136 -8.56 -19.72 4.61
N GLY C 137 -7.28 -19.47 4.41
CA GLY C 137 -6.59 -18.35 5.01
C GLY C 137 -6.32 -17.17 4.13
N LEU C 138 -6.71 -17.22 2.85
CA LEU C 138 -6.42 -16.12 1.94
C LEU C 138 -6.87 -14.78 2.51
N GLN C 139 -8.16 -14.67 2.83
CA GLN C 139 -8.77 -13.39 3.19
C GLN C 139 -8.04 -12.72 4.35
N LYS C 140 -7.83 -13.46 5.44
CA LYS C 140 -7.08 -12.89 6.57
C LYS C 140 -5.77 -12.31 6.08
N ILE C 141 -5.00 -13.11 5.34
CA ILE C 141 -3.74 -12.63 4.77
C ILE C 141 -3.97 -11.28 4.09
N LEU C 142 -4.98 -11.22 3.22
CA LEU C 142 -5.27 -9.96 2.53
C LEU C 142 -5.52 -8.84 3.53
N ASN C 143 -6.40 -9.07 4.52
CA ASN C 143 -6.70 -8.02 5.48
C ASN C 143 -5.46 -7.48 6.17
N VAL C 144 -4.35 -8.22 6.12
CA VAL C 144 -3.14 -7.82 6.81
C VAL C 144 -2.15 -7.21 5.82
N GLN C 145 -2.21 -7.68 4.56
CA GLN C 145 -1.24 -7.26 3.56
C GLN C 145 -1.09 -5.74 3.53
N LYS C 146 -2.21 -5.03 3.41
CA LYS C 146 -2.17 -3.56 3.32
C LYS C 146 -1.24 -2.96 4.35
N LYS C 147 -1.28 -3.47 5.59
CA LYS C 147 -0.44 -2.95 6.66
C LYS C 147 1.01 -3.44 6.59
N LEU C 148 1.35 -4.31 5.64
CA LEU C 148 2.72 -4.80 5.50
C LEU C 148 3.15 -4.70 4.05
N PRO C 149 3.88 -3.64 3.68
CA PRO C 149 4.26 -3.46 2.27
C PRO C 149 5.39 -4.37 1.80
N ILE C 150 6.02 -5.12 2.70
CA ILE C 150 7.10 -6.01 2.31
C ILE C 150 6.58 -7.29 1.66
N ILE C 151 5.31 -7.62 1.86
CA ILE C 151 4.67 -8.73 1.16
C ILE C 151 4.42 -8.31 -0.28
N GLN C 152 5.14 -8.91 -1.21
CA GLN C 152 5.01 -8.55 -2.62
C GLN C 152 4.37 -9.64 -3.47
N LYS C 153 4.21 -10.84 -2.94
CA LYS C 153 3.71 -11.97 -3.70
C LYS C 153 2.93 -12.86 -2.76
N ILE C 154 1.78 -13.35 -3.21
CA ILE C 154 0.97 -14.28 -2.44
C ILE C 154 0.66 -15.47 -3.32
N ILE C 155 0.90 -16.67 -2.81
CA ILE C 155 0.77 -17.90 -3.58
C ILE C 155 -0.19 -18.84 -2.87
N ILE C 156 -1.10 -19.43 -3.62
CA ILE C 156 -2.08 -20.36 -3.08
C ILE C 156 -1.47 -21.75 -3.08
N MET C 157 -1.63 -22.46 -1.96
CA MET C 157 -0.99 -23.76 -1.81
C MET C 157 -1.85 -24.91 -2.31
N ASP C 158 -3.13 -24.89 -1.99
CA ASP C 158 -4.04 -25.99 -2.30
C ASP C 158 -4.89 -25.65 -3.52
N SER C 159 -4.22 -25.48 -4.65
CA SER C 159 -4.85 -25.10 -5.90
C SER C 159 -3.94 -25.48 -7.06
N LYS C 160 -4.46 -26.25 -8.02
CA LYS C 160 -3.70 -26.50 -9.24
C LYS C 160 -3.50 -25.21 -10.02
N THR C 161 -4.60 -24.55 -10.36
CA THR C 161 -4.61 -23.35 -11.17
C THR C 161 -4.73 -22.11 -10.29
N ASP C 162 -4.51 -20.95 -10.91
CA ASP C 162 -4.66 -19.69 -10.21
C ASP C 162 -6.01 -19.64 -9.52
N TYR C 163 -6.06 -18.88 -8.42
CA TYR C 163 -7.23 -18.85 -7.55
C TYR C 163 -7.47 -17.40 -7.13
N GLN C 164 -8.54 -16.81 -7.68
CA GLN C 164 -8.94 -15.45 -7.34
C GLN C 164 -7.79 -14.45 -7.58
N GLY C 165 -7.16 -14.55 -8.75
CA GLY C 165 -6.13 -13.62 -9.13
C GLY C 165 -4.80 -13.84 -8.47
N PHE C 166 -4.53 -15.04 -7.98
CA PHE C 166 -3.24 -15.38 -7.40
C PHE C 166 -2.74 -16.66 -8.04
N GLN C 167 -1.43 -16.76 -8.20
CA GLN C 167 -0.80 -17.98 -8.69
C GLN C 167 -0.81 -19.08 -7.62
N SER C 168 -0.91 -20.31 -8.08
CA SER C 168 -0.69 -21.46 -7.21
C SER C 168 0.81 -21.70 -7.09
N MET C 169 1.18 -22.79 -6.44
CA MET C 169 2.59 -23.16 -6.45
C MET C 169 2.99 -23.65 -7.85
N TYR C 170 2.06 -24.32 -8.54
CA TYR C 170 2.33 -24.79 -9.88
C TYR C 170 2.51 -23.64 -10.85
N THR C 171 1.60 -22.66 -10.77
CA THR C 171 1.71 -21.48 -11.63
C THR C 171 2.98 -20.69 -11.33
N PHE C 172 3.29 -20.51 -10.05
CA PHE C 172 4.51 -19.80 -9.70
C PHE C 172 5.74 -20.49 -10.29
N VAL C 173 5.82 -21.81 -10.11
CA VAL C 173 6.97 -22.57 -10.62
C VAL C 173 7.09 -22.39 -12.13
N THR C 174 5.97 -22.58 -12.86
CA THR C 174 6.00 -22.38 -14.30
C THR C 174 6.52 -20.98 -14.65
N SER C 175 5.97 -19.96 -13.99
CA SER C 175 6.39 -18.58 -14.25
C SER C 175 7.89 -18.41 -14.13
N HIS C 176 8.55 -19.12 -13.23
CA HIS C 176 9.96 -18.80 -13.00
C HIS C 176 10.95 -19.94 -13.26
N LEU C 177 10.49 -21.11 -13.70
CA LEU C 177 11.44 -22.23 -13.80
C LEU C 177 12.09 -22.27 -15.17
N PRO C 178 13.42 -22.37 -15.25
CA PRO C 178 14.07 -22.40 -16.56
C PRO C 178 13.57 -23.58 -17.38
N PRO C 179 13.55 -23.45 -18.70
CA PRO C 179 13.07 -24.55 -19.54
C PRO C 179 14.02 -25.74 -19.49
N GLY C 180 13.44 -26.94 -19.55
CA GLY C 180 14.23 -28.13 -19.46
C GLY C 180 14.80 -28.41 -18.09
N PHE C 181 14.31 -27.71 -17.06
CA PHE C 181 14.77 -27.95 -15.70
C PHE C 181 14.66 -29.43 -15.34
N ASN C 182 15.71 -29.96 -14.72
CA ASN C 182 15.73 -31.35 -14.27
C ASN C 182 15.92 -31.36 -12.76
N GLU C 183 14.90 -31.85 -12.03
CA GLU C 183 14.93 -31.78 -10.58
C GLU C 183 16.13 -32.51 -9.99
N TYR C 184 16.62 -33.54 -10.67
CA TYR C 184 17.70 -34.37 -10.13
C TYR C 184 19.08 -33.80 -10.39
N ASP C 185 19.21 -32.76 -11.21
CA ASP C 185 20.47 -32.03 -11.34
C ASP C 185 20.59 -30.84 -10.39
N PHE C 186 19.50 -30.43 -9.76
CA PHE C 186 19.53 -29.28 -8.86
C PHE C 186 20.45 -29.53 -7.69
N VAL C 187 21.21 -28.51 -7.30
CA VAL C 187 22.05 -28.57 -6.11
C VAL C 187 21.58 -27.54 -5.11
N PRO C 188 21.18 -27.93 -3.90
CA PRO C 188 20.80 -26.95 -2.88
C PRO C 188 21.97 -26.05 -2.49
N GLU C 189 21.62 -24.83 -2.06
CA GLU C 189 22.61 -23.85 -1.65
C GLU C 189 23.41 -24.36 -0.46
N SER C 190 24.64 -23.89 -0.37
CA SER C 190 25.51 -24.16 0.76
C SER C 190 25.79 -22.85 1.46
N PHE C 191 25.93 -22.89 2.79
CA PHE C 191 26.12 -21.64 3.53
C PHE C 191 26.32 -21.97 4.99
N ASP C 192 26.65 -20.94 5.76
CA ASP C 192 26.99 -21.08 7.18
C ASP C 192 25.75 -21.53 7.94
N ARG C 193 25.71 -22.81 8.30
CA ARG C 193 24.55 -23.33 9.01
C ARG C 193 24.48 -22.86 10.46
N ASP C 194 25.56 -22.27 10.98
CA ASP C 194 25.50 -21.68 12.32
C ASP C 194 24.80 -20.33 12.31
N LYS C 195 24.99 -19.54 11.25
CA LYS C 195 24.50 -18.18 11.20
C LYS C 195 23.27 -18.01 10.32
N THR C 196 22.92 -19.01 9.52
CA THR C 196 21.81 -18.91 8.58
C THR C 196 20.54 -19.47 9.22
N ILE C 197 19.48 -18.67 9.19
CA ILE C 197 18.23 -19.03 9.85
C ILE C 197 17.39 -19.90 8.92
N ALA C 198 16.92 -21.04 9.43
CA ALA C 198 15.99 -21.93 8.75
C ALA C 198 14.55 -21.63 9.13
N LEU C 199 14.24 -21.57 10.42
CA LEU C 199 12.87 -21.41 10.86
C LEU C 199 12.73 -20.27 11.86
N ILE C 200 11.64 -19.54 11.71
CA ILE C 200 11.23 -18.47 12.62
C ILE C 200 9.90 -18.91 13.20
N MET C 201 9.93 -19.49 14.39
CA MET C 201 8.75 -20.03 15.05
C MET C 201 8.18 -19.00 16.02
N ASN C 202 6.86 -18.97 16.14
CA ASN C 202 6.22 -18.17 17.17
C ASN C 202 6.34 -18.86 18.53
N SER C 203 6.57 -18.06 19.57
CA SER C 203 6.50 -18.53 20.95
C SER C 203 5.67 -17.53 21.72
N SER C 204 4.46 -17.93 22.12
CA SER C 204 3.58 -17.04 22.89
C SER C 204 3.93 -17.18 24.36
N GLY C 205 4.44 -16.09 24.95
CA GLY C 205 4.74 -16.07 26.36
C GLY C 205 3.51 -15.86 27.22
N THR C 207 0.89 -14.00 28.91
CA THR C 207 0.20 -12.73 28.94
C THR C 207 0.74 -11.74 27.91
N GLY C 208 1.92 -12.02 27.37
CA GLY C 208 2.48 -11.17 26.33
C GLY C 208 2.19 -11.69 24.93
N LEU C 209 2.16 -10.76 23.98
CA LEU C 209 1.96 -11.11 22.57
C LEU C 209 3.11 -12.02 22.10
N PRO C 210 2.88 -12.80 21.03
CA PRO C 210 3.88 -13.78 20.62
C PRO C 210 5.16 -13.14 20.11
N LYS C 211 6.26 -13.88 20.24
CA LYS C 211 7.57 -13.50 19.74
C LYS C 211 7.94 -14.37 18.55
N GLY C 212 9.09 -14.05 17.95
CA GLY C 212 9.63 -14.81 16.84
C GLY C 212 10.93 -15.49 17.18
N VAL C 213 10.90 -16.81 17.37
CA VAL C 213 12.09 -17.58 17.73
C VAL C 213 12.87 -17.90 16.46
N ALA C 214 14.17 -17.57 16.45
CA ALA C 214 15.03 -17.77 15.29
C ALA C 214 15.84 -19.03 15.50
N LEU C 215 15.75 -19.95 14.53
CA LEU C 215 16.46 -21.22 14.58
C LEU C 215 17.33 -21.37 13.34
N PRO C 216 18.65 -21.30 13.47
CA PRO C 216 19.50 -21.55 12.30
C PRO C 216 19.59 -23.04 11.96
N HIS C 217 20.09 -23.28 10.75
CA HIS C 217 20.14 -24.65 10.24
C HIS C 217 20.89 -25.59 11.19
N ARG C 218 21.89 -25.10 11.91
CA ARG C 218 22.58 -25.95 12.86
C ARG C 218 21.60 -26.71 13.74
N ASN C 219 20.60 -26.00 14.29
CA ASN C 219 19.67 -26.63 15.23
C ASN C 219 18.88 -27.74 14.56
N ALA C 220 18.45 -27.52 13.32
CA ALA C 220 17.77 -28.56 12.58
C ALA C 220 18.68 -29.77 12.38
N CYS C 221 19.93 -29.53 12.00
CA CYS C 221 20.85 -30.64 11.78
C CYS C 221 21.00 -31.46 13.05
N VAL C 222 21.12 -30.78 14.19
CA VAL C 222 21.21 -31.50 15.47
C VAL C 222 19.95 -32.34 15.67
N ARG C 223 18.79 -31.75 15.38
CA ARG C 223 17.53 -32.51 15.50
C ARG C 223 17.55 -33.76 14.62
N PHE C 224 18.09 -33.64 13.39
CA PHE C 224 18.14 -34.76 12.46
C PHE C 224 19.07 -35.86 12.97
N SER C 225 20.18 -35.47 13.58
CA SER C 225 20.97 -36.39 14.38
C SER C 225 20.07 -37.12 15.39
N HIS C 226 19.36 -36.36 16.23
CA HIS C 226 18.57 -36.99 17.30
C HIS C 226 17.60 -38.01 16.73
N CYS C 227 16.88 -37.62 15.67
CA CYS C 227 15.80 -38.47 15.20
C CYS C 227 16.32 -39.68 14.46
N ARG C 228 17.56 -39.62 13.95
CA ARG C 228 18.14 -40.83 13.37
C ARG C 228 18.91 -41.66 14.38
N ASP C 229 19.03 -41.19 15.62
CA ASP C 229 19.81 -41.88 16.64
C ASP C 229 19.05 -43.10 17.16
N PRO C 230 19.65 -44.29 17.14
CA PRO C 230 18.94 -45.48 17.64
C PRO C 230 18.55 -45.39 19.10
N ILE C 231 19.14 -44.47 19.87
CA ILE C 231 18.79 -44.35 21.27
C ILE C 231 17.78 -43.22 21.47
N PHE C 232 18.15 -42.01 21.06
CA PHE C 232 17.31 -40.85 21.28
C PHE C 232 16.30 -40.60 20.16
N GLY C 233 16.45 -41.27 19.02
CA GLY C 233 15.45 -41.21 17.97
C GLY C 233 14.84 -42.57 17.74
N ASN C 234 14.70 -42.97 16.49
CA ASN C 234 14.27 -44.33 16.15
C ASN C 234 14.81 -44.68 14.78
N GLN C 235 15.63 -45.73 14.72
CA GLN C 235 16.34 -46.10 13.49
C GLN C 235 15.37 -46.27 12.31
N ILE C 236 15.91 -46.03 11.11
CA ILE C 236 15.09 -46.00 9.89
C ILE C 236 14.78 -47.42 9.44
N ILE C 237 13.54 -47.67 9.07
CA ILE C 237 13.19 -48.93 8.46
C ILE C 237 12.14 -48.63 7.45
N PRO C 238 12.16 -49.32 6.34
CA PRO C 238 11.20 -49.09 5.26
C PRO C 238 9.77 -49.43 5.67
N ASP C 239 8.82 -48.72 5.07
CA ASP C 239 7.40 -49.02 5.23
C ASP C 239 6.87 -48.60 6.60
N THR C 240 7.37 -47.48 7.14
CA THR C 240 7.00 -47.01 8.46
C THR C 240 6.01 -45.86 8.32
N ALA C 241 4.78 -46.08 8.79
CA ALA C 241 3.80 -45.02 8.88
C ALA C 241 3.78 -44.45 10.29
N ILE C 242 3.80 -43.14 10.39
CA ILE C 242 3.52 -42.46 11.64
C ILE C 242 2.26 -41.63 11.45
N LEU C 243 1.50 -41.52 12.52
CA LEU C 243 0.33 -40.65 12.57
C LEU C 243 0.61 -39.57 13.60
N SER C 244 0.72 -38.33 13.15
CA SER C 244 0.87 -37.21 14.04
C SER C 244 -0.36 -36.32 13.94
N VAL C 245 -0.82 -35.84 15.09
CA VAL C 245 -1.94 -34.92 15.12
C VAL C 245 -1.45 -33.65 15.80
N VAL C 246 -0.16 -33.37 15.65
CA VAL C 246 0.48 -32.12 16.06
C VAL C 246 0.47 -31.15 14.89
N PRO C 247 0.23 -29.85 15.13
CA PRO C 247 0.20 -28.89 14.02
C PRO C 247 1.59 -28.55 13.51
N PHE C 248 1.69 -28.41 12.19
CA PHE C 248 2.98 -28.18 11.53
C PHE C 248 3.55 -26.80 11.83
N HIS C 249 2.69 -25.81 12.06
CA HIS C 249 3.21 -24.49 12.34
C HIS C 249 3.83 -24.37 13.71
N HIS C 250 3.78 -25.41 14.54
CA HIS C 250 4.38 -25.38 15.86
C HIS C 250 5.69 -26.17 15.85
N GLY C 251 6.63 -25.74 16.69
CA GLY C 251 7.99 -26.29 16.63
C GLY C 251 8.01 -27.79 16.87
N PHE C 252 7.18 -28.25 17.81
CA PHE C 252 6.98 -29.68 18.02
C PHE C 252 6.60 -30.38 16.71
N GLY C 253 5.56 -29.87 16.04
CA GLY C 253 5.15 -30.47 14.77
C GLY C 253 6.14 -30.25 13.65
N MET C 254 6.64 -29.01 13.52
CA MET C 254 7.63 -28.72 12.49
C MET C 254 8.80 -29.71 12.54
N PHE C 255 9.38 -29.89 13.73
CA PHE C 255 10.63 -30.62 13.81
C PHE C 255 10.44 -32.11 14.03
N THR C 256 9.25 -32.57 14.41
CA THR C 256 9.06 -34.01 14.29
C THR C 256 8.81 -34.39 12.83
N THR C 257 8.03 -33.57 12.09
CA THR C 257 7.73 -33.92 10.71
C THR C 257 8.96 -33.84 9.81
N LEU C 258 9.81 -32.82 9.99
CA LEU C 258 11.05 -32.78 9.20
C LEU C 258 11.86 -34.05 9.41
N GLY C 259 12.08 -34.44 10.67
CA GLY C 259 12.81 -35.67 10.94
C GLY C 259 12.15 -36.89 10.33
N PHE C 260 10.81 -36.92 10.32
CA PHE C 260 10.12 -38.00 9.63
C PHE C 260 10.46 -38.02 8.14
N LEU C 261 10.58 -36.84 7.54
CA LEU C 261 10.93 -36.81 6.12
C LEU C 261 12.36 -37.31 5.91
N ILE C 262 13.28 -36.92 6.79
CA ILE C 262 14.66 -37.36 6.58
C ILE C 262 14.82 -38.85 6.83
N CYS C 263 13.85 -39.49 7.50
CA CYS C 263 13.86 -40.94 7.74
C CYS C 263 13.06 -41.73 6.70
N GLY C 264 12.52 -41.07 5.69
CA GLY C 264 11.72 -41.77 4.70
C GLY C 264 10.43 -42.34 5.21
N PHE C 265 9.86 -41.80 6.29
CA PHE C 265 8.60 -42.30 6.82
C PHE C 265 7.41 -41.82 5.98
N ARG C 266 6.31 -42.55 6.10
CA ARG C 266 5.03 -42.15 5.52
C ARG C 266 4.24 -41.41 6.59
N VAL C 267 4.15 -40.09 6.48
CA VAL C 267 3.49 -39.27 7.48
C VAL C 267 2.02 -39.19 7.09
N VAL C 268 1.16 -39.75 7.94
CA VAL C 268 -0.30 -39.73 7.74
C VAL C 268 -0.90 -38.60 8.56
N LEU C 269 -1.64 -37.72 7.90
CA LEU C 269 -2.23 -36.55 8.52
C LEU C 269 -3.69 -36.80 8.89
N MET C 270 -4.16 -36.08 9.90
CA MET C 270 -5.59 -35.90 10.11
C MET C 270 -5.87 -34.43 10.36
N TYR C 271 -6.92 -33.93 9.71
CA TYR C 271 -7.33 -32.54 9.87
C TYR C 271 -8.37 -32.34 10.95
N ARG C 272 -9.00 -33.40 11.43
CA ARG C 272 -10.02 -33.28 12.47
C ARG C 272 -10.13 -34.59 13.24
N PHE C 273 -10.05 -34.51 14.57
CA PHE C 273 -10.05 -35.71 15.39
C PHE C 273 -11.45 -36.18 15.73
N GLU C 274 -11.67 -37.51 15.65
CA GLU C 274 -13.00 -38.07 15.71
C GLU C 274 -13.20 -39.22 16.71
N GLU C 275 -12.14 -39.77 17.27
CA GLU C 275 -12.22 -40.88 18.23
C GLU C 275 -12.63 -42.20 17.59
N GLU C 276 -13.23 -42.15 16.40
CA GLU C 276 -13.46 -43.32 15.59
C GLU C 276 -12.54 -43.33 14.38
N LEU C 277 -12.63 -42.31 13.53
CA LEU C 277 -11.77 -42.24 12.35
C LEU C 277 -10.29 -42.34 12.74
N PHE C 278 -9.94 -41.89 13.94
CA PHE C 278 -8.56 -41.96 14.41
C PHE C 278 -8.10 -43.41 14.54
N LEU C 279 -8.87 -44.23 15.26
CA LEU C 279 -8.52 -45.64 15.45
C LEU C 279 -8.59 -46.42 14.15
N ARG C 280 -9.61 -46.13 13.32
CA ARG C 280 -9.68 -46.80 12.02
C ARG C 280 -8.49 -46.46 11.15
N THR C 281 -7.98 -45.23 11.26
CA THR C 281 -6.79 -44.88 10.48
C THR C 281 -5.54 -45.56 11.04
N LEU C 282 -5.40 -45.58 12.37
CA LEU C 282 -4.32 -46.34 12.98
C LEU C 282 -4.29 -47.77 12.44
N GLN C 283 -5.43 -48.45 12.49
CA GLN C 283 -5.48 -49.84 12.06
C GLN C 283 -5.20 -49.95 10.57
N ASP C 284 -6.06 -49.34 9.74
CA ASP C 284 -6.08 -49.64 8.32
C ASP C 284 -4.80 -49.18 7.62
N TYR C 285 -4.13 -48.16 8.13
CA TYR C 285 -2.82 -47.77 7.60
C TYR C 285 -1.68 -48.46 8.33
N LYS C 286 -1.98 -49.36 9.27
CA LYS C 286 -0.95 -50.09 9.98
C LYS C 286 0.09 -49.15 10.59
N ILE C 287 -0.38 -47.99 11.04
CA ILE C 287 0.46 -47.01 11.71
C ILE C 287 1.36 -47.71 12.71
N GLN C 288 2.66 -47.60 12.51
CA GLN C 288 3.60 -48.19 13.45
C GLN C 288 4.02 -47.20 14.52
N SER C 289 3.87 -45.89 14.30
CA SER C 289 4.18 -44.96 15.36
C SER C 289 3.10 -43.90 15.44
N ALA C 290 2.75 -43.47 16.67
CA ALA C 290 1.78 -42.40 16.84
C ALA C 290 2.38 -41.31 17.72
N LEU C 291 2.18 -40.05 17.31
CA LEU C 291 2.67 -38.89 18.05
C LEU C 291 1.49 -38.13 18.63
N LEU C 292 1.51 -37.88 19.95
CA LEU C 292 0.32 -37.41 20.64
C LEU C 292 0.66 -36.39 21.72
N VAL C 293 -0.42 -35.74 22.17
CA VAL C 293 -0.45 -34.84 23.32
C VAL C 293 -1.01 -35.61 24.51
N PRO C 294 -0.66 -35.25 25.74
CA PRO C 294 -1.14 -36.04 26.90
C PRO C 294 -2.65 -36.01 27.07
N THR C 295 -3.33 -34.97 26.57
CA THR C 295 -4.78 -34.88 26.74
C THR C 295 -5.50 -36.09 26.15
N LEU C 296 -4.87 -36.77 25.23
CA LEU C 296 -5.46 -37.92 24.60
C LEU C 296 -5.17 -39.23 25.30
N PHE C 297 -4.34 -39.28 26.30
CA PHE C 297 -3.91 -40.56 26.86
C PHE C 297 -4.94 -41.16 27.80
N SER C 298 -5.34 -40.37 28.78
CA SER C 298 -6.34 -40.78 29.74
C SER C 298 -7.59 -41.02 28.94
N PHE C 299 -7.78 -40.18 27.92
CA PHE C 299 -8.92 -40.20 26.95
C PHE C 299 -8.95 -41.55 26.21
N PHE C 300 -7.80 -42.16 26.27
CA PHE C 300 -7.59 -43.39 25.59
C PHE C 300 -6.61 -44.39 26.18
N ALA C 301 -6.71 -44.58 27.47
CA ALA C 301 -5.99 -45.60 28.22
C ALA C 301 -7.00 -46.47 28.96
N LYS C 302 -8.25 -46.10 28.88
CA LYS C 302 -9.28 -46.88 29.50
C LYS C 302 -10.50 -47.01 28.63
N SER C 303 -10.41 -46.61 27.40
CA SER C 303 -11.56 -46.79 26.52
C SER C 303 -11.63 -48.21 26.09
N THR C 304 -12.80 -48.67 25.74
CA THR C 304 -12.90 -50.03 25.35
C THR C 304 -13.15 -50.14 23.90
N LEU C 305 -13.44 -49.05 23.27
CA LEU C 305 -13.69 -49.05 21.83
C LEU C 305 -12.44 -49.43 21.04
N ILE C 306 -11.26 -49.04 21.53
CA ILE C 306 -10.03 -49.43 20.87
C ILE C 306 -9.86 -50.94 20.89
N ASP C 307 -10.48 -51.62 21.86
CA ASP C 307 -10.47 -53.08 21.90
C ASP C 307 -11.08 -53.70 20.66
N LYS C 308 -11.86 -52.93 19.90
CA LYS C 308 -12.47 -53.47 18.69
C LYS C 308 -11.61 -53.23 17.45
N TYR C 309 -10.37 -52.76 17.62
CA TYR C 309 -9.50 -52.39 16.51
C TYR C 309 -8.15 -53.09 16.64
N ASP C 310 -7.57 -53.47 15.50
CA ASP C 310 -6.26 -54.09 15.44
C ASP C 310 -5.22 -52.98 15.41
N LEU C 311 -4.42 -52.88 16.47
CA LEU C 311 -3.31 -51.94 16.53
C LEU C 311 -2.01 -52.67 16.87
N SER C 312 -1.90 -53.94 16.44
CA SER C 312 -0.72 -54.74 16.76
C SER C 312 0.53 -54.22 16.06
N ASN C 313 0.38 -53.45 15.00
CA ASN C 313 1.50 -52.81 14.33
C ASN C 313 2.01 -51.57 15.05
N LEU C 314 1.28 -51.07 16.04
CA LEU C 314 1.67 -49.84 16.75
C LEU C 314 2.72 -50.20 17.78
N HIS C 315 3.98 -49.89 17.48
CA HIS C 315 5.09 -50.22 18.36
C HIS C 315 5.60 -49.02 19.17
N GLU C 316 5.06 -47.83 18.94
CA GLU C 316 5.49 -46.63 19.64
C GLU C 316 4.32 -45.66 19.76
N ILE C 317 4.07 -45.20 20.97
CA ILE C 317 3.22 -44.05 21.21
C ILE C 317 4.04 -43.00 21.95
N ALA C 318 4.15 -41.82 21.34
CA ALA C 318 4.95 -40.74 21.87
C ALA C 318 4.02 -39.64 22.36
N SER C 319 4.52 -38.87 23.33
CA SER C 319 3.79 -37.75 23.89
C SER C 319 4.72 -36.56 24.03
N GLY C 320 4.14 -35.37 23.97
CA GLY C 320 4.95 -34.20 24.25
C GLY C 320 4.12 -32.94 24.35
N GLY C 321 4.82 -31.85 24.69
CA GLY C 321 4.24 -30.52 24.72
C GLY C 321 3.52 -30.16 26.01
N ALA C 322 3.35 -31.09 26.94
CA ALA C 322 2.60 -30.84 28.16
C ALA C 322 2.99 -31.91 29.18
N PRO C 323 2.66 -31.70 30.45
CA PRO C 323 2.87 -32.77 31.45
C PRO C 323 1.99 -33.98 31.13
N LEU C 324 2.55 -35.17 31.41
CA LEU C 324 1.86 -36.43 31.16
C LEU C 324 1.74 -37.23 32.45
N SER C 325 0.53 -37.67 32.77
CA SER C 325 0.28 -38.47 33.96
C SER C 325 1.15 -39.72 33.97
N LYS C 326 1.97 -39.87 35.01
CA LYS C 326 2.71 -41.13 35.17
C LYS C 326 1.77 -42.31 35.17
N GLU C 327 0.62 -42.18 35.84
CA GLU C 327 -0.35 -43.27 35.89
C GLU C 327 -1.00 -43.51 34.53
N VAL C 328 -1.42 -42.44 33.85
CA VAL C 328 -2.05 -42.62 32.54
C VAL C 328 -1.05 -43.18 31.54
N GLY C 329 0.19 -42.68 31.56
CA GLY C 329 1.21 -43.22 30.67
C GLY C 329 1.52 -44.68 30.95
N GLU C 330 1.57 -45.05 32.24
CA GLU C 330 1.81 -46.45 32.60
C GLU C 330 0.65 -47.34 32.13
N ALA C 331 -0.58 -46.91 32.40
CA ALA C 331 -1.74 -47.62 31.90
C ALA C 331 -1.66 -47.85 30.40
N VAL C 332 -1.42 -46.78 29.64
CA VAL C 332 -1.43 -46.87 28.19
C VAL C 332 -0.30 -47.76 27.69
N ALA C 333 0.91 -47.60 28.25
CA ALA C 333 2.06 -48.36 27.75
C ALA C 333 1.92 -49.84 28.06
N LYS C 334 1.33 -50.17 29.22
CA LYS C 334 1.07 -51.58 29.55
C LYS C 334 -0.06 -52.15 28.69
N ARG C 335 -1.03 -51.31 28.33
CA ARG C 335 -2.17 -51.78 27.55
C ARG C 335 -1.76 -52.15 26.12
N PHE C 336 -1.03 -51.25 25.45
CA PHE C 336 -0.52 -51.52 24.11
C PHE C 336 0.83 -52.22 24.15
N ASN C 337 1.27 -52.69 25.32
CA ASN C 337 2.39 -53.63 25.42
C ASN C 337 3.71 -52.95 25.07
N LEU C 338 3.97 -51.82 25.70
CA LEU C 338 5.14 -50.99 25.43
C LEU C 338 6.04 -50.91 26.65
N PRO C 339 7.33 -50.62 26.45
CA PRO C 339 8.26 -50.48 27.59
C PRO C 339 8.11 -49.17 28.33
N GLY C 340 7.45 -48.20 27.73
CA GLY C 340 7.17 -46.91 28.31
C GLY C 340 6.53 -46.07 27.24
N ILE C 341 5.81 -45.02 27.61
CA ILE C 341 5.26 -44.11 26.60
C ILE C 341 6.37 -43.14 26.22
N ARG C 342 6.80 -43.21 24.95
CA ARG C 342 7.88 -42.34 24.50
C ARG C 342 7.51 -40.91 24.80
N GLN C 343 8.48 -40.09 25.19
CA GLN C 343 8.12 -38.75 25.63
C GLN C 343 9.21 -37.74 25.32
N GLY C 344 8.80 -36.50 25.09
CA GLY C 344 9.74 -35.43 24.84
C GLY C 344 9.53 -34.04 25.42
N TYR C 345 10.59 -33.48 26.00
CA TYR C 345 10.50 -32.18 26.64
C TYR C 345 11.37 -31.19 25.90
N GLY C 346 10.73 -30.14 25.37
CA GLY C 346 11.43 -29.04 24.73
C GLY C 346 10.55 -27.82 24.70
N LEU C 347 11.12 -26.73 24.20
CA LEU C 347 10.42 -25.47 24.03
C LEU C 347 10.63 -24.98 22.61
N THR C 348 9.76 -24.08 22.15
CA THR C 348 10.00 -23.47 20.86
C THR C 348 11.41 -22.87 20.81
N GLU C 349 11.95 -22.46 21.96
CA GLU C 349 13.26 -21.84 22.04
C GLU C 349 14.41 -22.84 22.05
N THR C 350 14.11 -24.12 22.27
CA THR C 350 15.10 -25.18 22.16
C THR C 350 14.98 -25.94 20.85
N THR C 351 14.16 -25.46 19.91
CA THR C 351 14.00 -26.11 18.61
C THR C 351 13.14 -27.36 18.71
N SER C 352 13.55 -28.33 19.51
CA SER C 352 12.84 -29.59 19.66
C SER C 352 13.11 -30.14 21.05
N ALA C 353 12.78 -31.41 21.28
CA ALA C 353 12.95 -32.01 22.59
C ALA C 353 14.43 -32.16 22.93
N ILE C 354 14.85 -31.50 24.01
CA ILE C 354 16.22 -31.65 24.50
C ILE C 354 16.30 -32.65 25.64
N LEU C 355 15.17 -33.08 26.18
CA LEU C 355 15.08 -34.24 27.05
C LEU C 355 14.20 -35.26 26.33
N ILE C 356 14.78 -36.40 26.00
CA ILE C 356 14.06 -37.45 25.28
C ILE C 356 14.18 -38.74 26.09
N THR C 357 13.13 -39.53 26.09
CA THR C 357 13.28 -40.79 26.80
C THR C 357 13.98 -41.79 25.88
N PRO C 358 15.23 -42.17 26.20
CA PRO C 358 15.96 -43.10 25.33
C PRO C 358 15.32 -44.48 25.35
N ASN C 359 15.57 -45.23 24.28
CA ASN C 359 14.76 -46.41 23.97
C ASN C 359 14.90 -47.48 25.04
N GLY C 360 16.13 -47.86 25.38
CA GLY C 360 16.35 -48.94 26.32
C GLY C 360 16.48 -48.54 27.78
N ASP C 361 16.12 -47.29 28.14
CA ASP C 361 16.42 -46.73 29.46
C ASP C 361 15.20 -45.92 29.91
N ASP C 362 14.17 -46.62 30.38
CA ASP C 362 12.91 -45.99 30.76
C ASP C 362 12.82 -45.79 32.26
N LYS C 363 12.08 -44.76 32.66
CA LYS C 363 11.73 -44.46 34.04
C LYS C 363 10.40 -43.68 34.02
N PRO C 364 9.28 -44.34 34.31
CA PRO C 364 7.96 -43.70 34.13
C PRO C 364 7.85 -42.35 34.82
N GLY C 365 7.06 -41.46 34.22
CA GLY C 365 6.88 -40.11 34.72
C GLY C 365 8.02 -39.16 34.43
N ALA C 366 9.20 -39.66 34.09
CA ALA C 366 10.29 -38.82 33.66
C ALA C 366 10.08 -38.39 32.21
N VAL C 367 10.92 -37.45 31.77
CA VAL C 367 10.84 -36.95 30.40
C VAL C 367 12.10 -37.36 29.65
N GLY C 368 12.75 -38.45 30.08
CA GLY C 368 13.98 -38.89 29.44
C GLY C 368 15.21 -38.20 30.02
N LYS C 369 16.29 -38.27 29.25
CA LYS C 369 17.58 -37.75 29.69
C LYS C 369 18.09 -36.70 28.70
N VAL C 370 19.19 -36.04 29.08
CA VAL C 370 19.76 -35.00 28.22
C VAL C 370 20.17 -35.61 26.89
N VAL C 371 19.76 -34.97 25.80
CA VAL C 371 20.05 -35.45 24.45
C VAL C 371 21.46 -35.05 24.05
N PRO C 372 22.06 -35.74 23.08
CA PRO C 372 23.45 -35.41 22.69
C PRO C 372 23.59 -33.93 22.33
N PHE C 373 24.76 -33.38 22.66
CA PHE C 373 25.18 -32.01 22.40
C PHE C 373 24.63 -31.01 23.40
N PHE C 374 23.93 -31.43 24.45
CA PHE C 374 23.31 -30.50 25.38
C PHE C 374 23.80 -30.72 26.80
N GLU C 375 23.82 -29.62 27.56
CA GLU C 375 24.01 -29.64 29.00
C GLU C 375 22.74 -29.12 29.67
N ALA C 376 22.50 -29.61 30.88
CA ALA C 376 21.33 -29.26 31.67
C ALA C 376 21.70 -29.17 33.14
N LYS C 377 21.14 -28.17 33.83
CA LYS C 377 21.33 -27.99 35.25
C LYS C 377 20.03 -27.54 35.89
N VAL C 378 20.01 -27.54 37.22
CA VAL C 378 18.84 -27.16 38.00
C VAL C 378 19.31 -26.14 39.04
N VAL C 379 18.91 -24.88 38.87
CA VAL C 379 19.43 -23.79 39.70
C VAL C 379 18.43 -23.46 40.80
N ASP C 380 18.95 -22.81 41.84
CA ASP C 380 18.15 -22.43 43.01
C ASP C 380 17.28 -21.22 42.70
N LEU C 381 15.99 -21.30 43.04
CA LEU C 381 15.04 -20.25 42.69
C LEU C 381 15.41 -18.90 43.26
N ASP C 382 16.18 -18.86 44.35
CA ASP C 382 16.56 -17.61 45.00
C ASP C 382 17.90 -17.09 44.50
N THR C 383 18.93 -17.93 44.55
CA THR C 383 20.30 -17.52 44.25
C THR C 383 20.61 -17.56 42.76
N GLY C 384 20.41 -18.72 42.14
CA GLY C 384 20.88 -18.96 40.79
C GLY C 384 22.03 -19.94 40.70
N LYS C 385 22.31 -20.69 41.76
CA LYS C 385 23.44 -21.61 41.81
C LYS C 385 22.97 -23.05 41.59
N THR C 386 23.82 -23.83 40.92
CA THR C 386 23.48 -25.19 40.54
C THR C 386 23.19 -26.05 41.76
N LEU C 387 22.05 -26.75 41.74
CA LEU C 387 21.73 -27.74 42.76
C LEU C 387 22.40 -29.07 42.44
N GLY C 388 22.10 -30.07 43.26
CA GLY C 388 22.63 -31.41 43.04
C GLY C 388 21.52 -32.41 42.83
N VAL C 389 21.84 -33.70 43.02
CA VAL C 389 20.88 -34.76 42.74
C VAL C 389 19.58 -34.53 43.51
N ASN C 390 18.48 -34.97 42.90
CA ASN C 390 17.16 -35.01 43.54
C ASN C 390 16.84 -33.73 44.31
N GLN C 391 17.22 -32.58 43.75
CA GLN C 391 16.93 -31.28 44.34
C GLN C 391 16.21 -30.43 43.31
N ARG C 392 15.03 -29.93 43.67
CA ARG C 392 14.16 -29.27 42.71
C ARG C 392 14.57 -27.82 42.50
N GLY C 393 14.66 -27.42 41.23
CA GLY C 393 14.99 -26.05 40.90
C GLY C 393 14.54 -25.73 39.49
N GLU C 394 14.96 -24.56 39.01
CA GLU C 394 14.63 -24.16 37.66
C GLU C 394 15.53 -24.88 36.67
N LEU C 395 14.93 -25.46 35.64
CA LEU C 395 15.65 -26.21 34.63
C LEU C 395 16.30 -25.25 33.64
N CYS C 396 17.63 -25.22 33.62
CA CYS C 396 18.40 -24.45 32.65
C CYS C 396 19.08 -25.41 31.69
N VAL C 397 19.02 -25.08 30.40
CA VAL C 397 19.55 -25.95 29.37
C VAL C 397 20.45 -25.11 28.46
N ARG C 398 21.35 -25.79 27.75
CA ARG C 398 22.13 -25.11 26.73
C ARG C 398 22.70 -26.15 25.79
N GLY C 399 22.96 -25.72 24.55
CA GLY C 399 23.41 -26.62 23.50
C GLY C 399 23.19 -26.01 22.13
N PRO C 400 23.44 -26.80 21.08
CA PRO C 400 23.37 -26.26 19.71
C PRO C 400 21.96 -26.11 19.15
N MET C 401 20.93 -26.61 19.83
CA MET C 401 19.54 -26.38 19.41
C MET C 401 18.89 -25.21 20.13
N ILE C 402 19.63 -24.49 20.97
CA ILE C 402 19.10 -23.29 21.58
C ILE C 402 19.02 -22.20 20.52
N MET C 403 17.87 -21.56 20.41
CA MET C 403 17.68 -20.50 19.43
C MET C 403 18.79 -19.47 19.52
N SER C 404 19.06 -18.80 18.40
CA SER C 404 19.96 -17.66 18.44
C SER C 404 19.35 -16.48 19.17
N GLY C 405 18.02 -16.43 19.31
CA GLY C 405 17.37 -15.34 20.00
C GLY C 405 16.05 -14.94 19.39
N TYR C 406 15.36 -13.96 19.97
CA TYR C 406 14.09 -13.50 19.45
C TYR C 406 14.30 -12.42 18.39
N VAL C 407 13.59 -12.58 17.28
CA VAL C 407 13.65 -11.64 16.15
C VAL C 407 13.45 -10.22 16.63
N ASN C 408 14.50 -9.40 16.53
CA ASN C 408 14.46 -8.00 16.93
C ASN C 408 13.90 -7.84 18.35
N ASN C 409 14.48 -8.58 19.28
CA ASN C 409 14.12 -8.44 20.68
C ASN C 409 15.26 -8.96 21.55
N PRO C 410 16.41 -8.29 21.54
CA PRO C 410 17.53 -8.76 22.37
C PRO C 410 17.23 -8.64 23.85
N GLU C 411 16.41 -7.68 24.26
CA GLU C 411 16.03 -7.58 25.66
C GLU C 411 15.37 -8.87 26.14
N ALA C 412 14.40 -9.38 25.38
CA ALA C 412 13.77 -10.65 25.71
C ALA C 412 14.79 -11.78 25.72
N THR C 413 15.60 -11.87 24.66
CA THR C 413 16.60 -12.93 24.58
C THR C 413 17.45 -12.97 25.85
N ASN C 414 17.93 -11.80 26.29
CA ASN C 414 18.81 -11.75 27.45
C ASN C 414 18.05 -12.01 28.74
N ALA C 415 16.79 -11.62 28.81
CA ALA C 415 15.97 -12.02 29.96
C ALA C 415 15.81 -13.53 30.04
N LEU C 416 15.86 -14.21 28.89
CA LEU C 416 15.70 -15.66 28.82
C LEU C 416 17.02 -16.41 28.91
N ILE C 417 18.08 -15.85 28.34
CA ILE C 417 19.38 -16.50 28.23
C ILE C 417 20.41 -15.66 28.96
N ASP C 418 21.19 -16.30 29.83
CA ASP C 418 22.23 -15.59 30.57
C ASP C 418 23.55 -15.62 29.78
N LYS C 419 24.52 -14.82 30.24
CA LYS C 419 25.80 -14.71 29.55
C LYS C 419 26.57 -16.02 29.54
N ASP C 420 26.17 -17.01 30.34
CA ASP C 420 26.79 -18.32 30.29
C ASP C 420 26.22 -19.21 29.19
N GLY C 421 25.22 -18.73 28.46
CA GLY C 421 24.58 -19.53 27.42
C GLY C 421 23.45 -20.40 27.89
N TRP C 422 23.05 -20.29 29.15
CA TRP C 422 21.98 -21.12 29.70
C TRP C 422 20.63 -20.49 29.44
N LEU C 423 19.68 -21.31 29.00
CA LEU C 423 18.30 -20.91 28.89
C LEU C 423 17.60 -21.30 30.18
N HIS C 424 16.94 -20.34 30.80
CA HIS C 424 16.16 -20.59 32.01
C HIS C 424 14.75 -20.94 31.58
N SER C 425 14.39 -22.22 31.72
CA SER C 425 13.16 -22.72 31.11
C SER C 425 11.93 -22.17 31.79
N GLY C 426 11.98 -21.94 33.09
CA GLY C 426 10.81 -21.60 33.86
C GLY C 426 10.04 -22.80 34.37
N ASP C 427 10.54 -24.01 34.16
CA ASP C 427 9.89 -25.23 34.60
C ASP C 427 10.72 -25.86 35.71
N ILE C 428 10.10 -26.07 36.86
CA ILE C 428 10.75 -26.69 38.01
C ILE C 428 10.86 -28.19 37.78
N ALA C 429 12.08 -28.71 37.93
CA ALA C 429 12.42 -30.08 37.62
C ALA C 429 13.56 -30.54 38.54
N TYR C 430 13.88 -31.84 38.44
CA TYR C 430 14.99 -32.43 39.19
C TYR C 430 15.51 -33.63 38.42
N TRP C 431 16.79 -33.92 38.58
CA TRP C 431 17.41 -35.10 38.00
C TRP C 431 17.88 -36.02 39.10
N ASP C 432 17.67 -37.32 38.92
CA ASP C 432 17.96 -38.30 39.96
C ASP C 432 19.35 -38.91 39.75
N GLU C 433 19.63 -40.01 40.45
CA GLU C 433 20.96 -40.63 40.34
C GLU C 433 21.22 -41.15 38.94
N ASP C 434 20.17 -41.57 38.23
CA ASP C 434 20.32 -42.13 36.89
C ASP C 434 20.45 -41.07 35.80
N GLU C 435 20.29 -39.80 36.14
CA GLU C 435 20.34 -38.67 35.21
C GLU C 435 19.06 -38.54 34.39
N HIS C 436 17.98 -39.19 34.82
CA HIS C 436 16.65 -38.94 34.25
C HIS C 436 16.09 -37.66 34.84
N PHE C 437 15.56 -36.79 33.98
CA PHE C 437 14.93 -35.57 34.47
C PHE C 437 13.43 -35.79 34.67
N PHE C 438 12.85 -34.89 35.47
CA PHE C 438 11.45 -34.99 35.90
C PHE C 438 10.90 -33.58 35.91
N ILE C 439 9.95 -33.29 35.03
CA ILE C 439 9.32 -31.98 35.01
C ILE C 439 8.30 -31.92 36.13
N VAL C 440 8.53 -31.02 37.09
CA VAL C 440 7.79 -30.99 38.36
C VAL C 440 6.62 -30.02 38.30
N ASP C 441 6.87 -28.79 37.88
CA ASP C 441 5.81 -27.79 37.79
C ASP C 441 6.27 -26.66 36.87
N ARG C 442 5.38 -25.70 36.65
CA ARG C 442 5.71 -24.49 35.90
C ARG C 442 5.91 -23.35 36.88
N LEU C 443 6.94 -22.54 36.64
CA LEU C 443 7.37 -21.58 37.65
C LEU C 443 6.34 -20.48 37.87
N LYS C 444 5.73 -19.99 36.80
CA LYS C 444 4.77 -18.90 36.91
C LYS C 444 3.36 -19.43 37.16
S SO4 D . -22.96 -11.64 -9.16
O1 SO4 D . -22.28 -11.68 -7.87
O2 SO4 D . -23.67 -10.40 -9.35
O3 SO4 D . -23.89 -12.75 -9.26
O4 SO4 D . -21.97 -11.79 -10.20
C01 DYD E . 10.36 10.16 -51.60
C02 DYD E . 11.87 10.18 -51.48
C03 DYD E . 12.30 9.86 -50.06
C04 DYD E . 13.73 10.34 -49.88
C05 DYD E . 13.89 10.95 -48.50
C06 DYD E . 14.02 12.46 -48.59
O07 DYD E . 15.03 10.38 -47.93
O08 DYD E . 12.44 9.22 -52.32
C01 DYD F . 22.18 -3.20 -10.16
C02 DYD F . 22.20 -1.83 -10.84
C03 DYD F . 23.20 -1.81 -12.00
C04 DYD F . 22.88 -0.67 -12.96
C05 DYD F . 24.03 -0.58 -13.97
C06 DYD F . 24.11 0.81 -14.60
O07 DYD F . 23.88 -1.55 -14.98
O08 DYD F . 20.92 -1.59 -11.34
C1 EDO G . 16.45 -22.54 -22.67
O1 EDO G . 16.35 -23.39 -23.81
C2 EDO G . 17.02 -23.28 -21.45
O2 EDO G . 17.13 -22.39 -20.33
C1 EDO H . 19.62 -28.66 -33.02
O1 EDO H . 19.20 -27.67 -33.96
C2 EDO H . 20.82 -28.13 -32.25
O2 EDO H . 21.09 -29.03 -31.17
C1 EDO I . 12.98 12.51 -19.91
O1 EDO I . 12.29 13.44 -19.07
C2 EDO I . 13.39 13.17 -21.23
O2 EDO I . 14.60 13.93 -21.07
C1 EDO J . -4.06 13.25 -14.65
O1 EDO J . -4.46 12.31 -15.66
C2 EDO J . -2.74 13.91 -15.03
O2 EDO J . -2.95 15.25 -15.48
C1 EDO K . 14.24 9.72 -0.32
O1 EDO K . 15.35 9.80 -1.18
C2 EDO K . 14.09 8.28 0.12
O2 EDO K . 15.35 7.69 0.40
C1 EDO L . -22.07 18.32 -26.45
O1 EDO L . -22.21 18.51 -27.83
C2 EDO L . -21.27 19.49 -25.91
O2 EDO L . -22.05 20.42 -25.15
C1 EDO M . 25.39 -16.02 -49.58
O1 EDO M . 24.79 -15.96 -48.32
C2 EDO M . 24.64 -17.07 -50.34
O2 EDO M . 23.25 -16.80 -50.27
C1 EDO N . 3.75 -5.82 -22.34
O1 EDO N . 4.61 -6.44 -23.27
C2 EDO N . 4.49 -5.90 -21.05
O2 EDO N . 5.72 -5.24 -21.23
C1 EDO O . -5.41 -22.31 -31.09
O1 EDO O . -5.79 -23.60 -31.53
C2 EDO O . -4.88 -22.38 -29.70
O2 EDO O . -3.93 -21.38 -29.59
C1 EDO P . 37.38 -4.44 -42.36
O1 EDO P . 37.61 -4.38 -43.74
C2 EDO P . 37.97 -3.20 -41.79
O2 EDO P . 37.29 -2.13 -42.42
C1 EDO Q . -1.92 9.34 -45.94
O1 EDO Q . -3.20 9.91 -45.86
C2 EDO Q . -0.88 10.32 -45.40
O2 EDO Q . -0.96 11.55 -46.12
C1 EDO R . -3.01 18.13 -44.34
O1 EDO R . -2.65 19.42 -44.76
C2 EDO R . -2.30 17.81 -43.06
O2 EDO R . -2.15 18.95 -42.24
C1 EDO S . -10.64 2.30 -5.69
O1 EDO S . -10.57 1.40 -4.58
C2 EDO S . -11.08 3.66 -5.20
O2 EDO S . -10.72 3.80 -3.83
C1 EDO T . 14.41 -15.21 -52.27
O1 EDO T . 12.98 -15.09 -52.27
C2 EDO T . 14.85 -15.58 -50.90
O2 EDO T . 15.02 -16.99 -50.84
H21 EDO T . 14.12 -15.27 -50.17
C1 EDO U . -10.27 1.71 -35.48
O1 EDO U . -11.02 2.62 -36.22
C2 EDO U . -9.71 2.46 -34.28
O2 EDO U . -9.54 1.66 -33.11
C1 EDO V . 19.70 -14.88 -26.94
O1 EDO V . 21.05 -14.58 -27.09
C2 EDO V . 19.53 -15.39 -25.54
O2 EDO V . 20.48 -16.42 -25.29
O39 SLU W . -3.62 2.55 -29.10
C16 SLU W . -3.17 2.71 -30.13
C14 SLU W . -1.89 3.50 -30.28
N15 SLU W . -1.44 4.35 -29.17
C13 SLU W . -1.00 3.58 -31.38
S12 SLU W . 0.00 4.50 -30.95
C11 SLU W . -0.31 4.97 -29.56
C8 SLU W . 0.28 5.78 -28.61
S9 SLU W . -0.07 6.23 -27.23
C4 SLU W . 1.10 7.00 -26.80
C5 SLU W . 1.33 7.67 -25.65
C6 SLU W . 2.50 8.34 -25.49
O10 SLU W . 2.89 9.06 -24.41
C3 SLU W . 2.05 7.02 -27.79
N7 SLU W . 1.53 6.19 -28.96
C2 SLU W . 3.21 7.68 -27.63
C1 SLU W . 3.43 8.35 -26.47
N40 SLU W . -3.76 2.19 -31.31
S17 SLU W . -5.15 1.29 -31.03
O18 SLU W . -4.81 0.25 -30.17
O19 SLU W . -5.51 0.44 -32.03
O20 SLU W . -6.49 1.98 -30.48
C21 SLU W . -6.74 3.31 -30.44
C22 SLU W . -7.74 3.33 -29.32
C23 SLU W . -8.22 4.72 -29.40
O27 SLU W . -9.19 4.91 -30.28
C24 SLU W . -8.75 4.98 -28.07
O28 SLU W . -10.06 4.35 -27.86
C25 SLU W . -7.77 4.36 -27.31
O26 SLU W . -7.08 3.38 -28.09
N35 SLU W . -6.91 5.30 -26.69
C32 SLU W . -6.96 6.19 -25.75
N31 SLU W . -7.91 6.65 -24.94
C30 SLU W . -7.64 7.59 -24.07
N29 SLU W . -6.41 8.07 -24.00
C33 SLU W . -5.75 6.69 -25.69
C34 SLU W . -5.49 7.67 -24.78
N38 SLU W . -4.22 8.22 -24.68
N37 SLU W . -5.01 6.10 -26.60
C36 SLU W . -5.74 5.23 -27.22
S SO4 X . 11.31 13.25 13.81
O1 SO4 X . 12.52 13.33 14.62
O2 SO4 X . 10.13 13.47 14.65
O3 SO4 X . 11.35 14.27 12.77
O4 SO4 X . 11.23 11.91 13.21
S SO4 Y . 10.56 25.45 0.41
O1 SO4 Y . 11.41 26.61 0.07
O2 SO4 Y . 10.75 25.12 1.82
O3 SO4 Y . 9.16 25.79 0.17
O4 SO4 Y . 10.93 24.31 -0.44
S SO4 Z . -10.97 36.54 -13.26
O1 SO4 Z . -11.14 37.99 -13.18
O2 SO4 Z . -11.78 35.90 -12.22
O3 SO4 Z . -11.43 36.07 -14.57
O4 SO4 Z . -9.56 36.19 -13.08
C1 EDO AA . 4.08 8.28 0.23
O1 EDO AA . 4.86 7.08 0.11
C2 EDO AA . 4.79 9.43 -0.46
O2 EDO AA . 5.14 10.44 0.50
H21 EDO AA . 5.70 9.07 -0.96
C1 EDO BA . -20.64 39.23 3.70
O1 EDO BA . -20.02 40.05 2.70
C2 EDO BA . -21.15 40.08 4.84
O2 EDO BA . -22.20 40.94 4.38
C1 EDO CA . 11.67 38.39 1.71
O1 EDO CA . 11.35 38.85 0.40
C2 EDO CA . 10.92 39.20 2.77
O2 EDO CA . 9.54 38.79 2.79
C1 EDO DA . -9.25 16.41 11.27
O1 EDO DA . -9.26 17.29 10.17
C2 EDO DA . -8.36 15.24 10.95
O2 EDO DA . -7.16 15.71 10.36
C1 EDO EA . -6.33 34.79 -14.75
O1 EDO EA . -7.75 34.81 -14.58
C2 EDO EA . -5.68 34.41 -13.44
O2 EDO EA . -4.28 34.54 -13.61
C1 EDO FA . 10.89 31.72 18.89
O1 EDO FA . 11.88 30.96 19.54
C2 EDO FA . 9.95 32.21 19.94
O2 EDO FA . 10.19 33.58 20.22
C1 EDO GA . 8.77 36.31 31.08
O1 EDO GA . 7.78 35.72 31.90
C2 EDO GA . 10.03 35.56 31.35
O2 EDO GA . 11.01 36.03 30.45
O39 SLU HA . -6.85 21.37 22.69
C16 SLU HA . -5.91 21.86 22.07
C14 SLU HA . -5.76 21.62 20.60
N15 SLU HA . -6.54 20.76 19.99
C13 SLU HA . -4.84 22.33 19.87
S12 SLU HA . -5.09 21.71 18.25
C11 SLU HA . -6.38 20.60 18.68
C8 SLU HA . -7.09 19.74 17.88
S9 SLU HA . -8.27 18.61 18.45
C4 SLU HA . -8.67 17.95 16.86
C5 SLU HA . -9.56 16.97 16.40
C6 SLU HA . -9.63 16.70 15.03
O10 SLU HA . -10.50 15.72 14.53
C3 SLU HA . -7.83 18.68 16.00
N7 SLU HA . -7.06 19.56 16.58
C2 SLU HA . -7.92 18.36 14.61
C1 SLU HA . -8.81 17.39 14.16
N40 SLU HA . -4.87 22.69 22.69
S17 SLU HA . -4.91 23.08 24.30
O18 SLU HA . -5.78 24.21 24.46
O19 SLU HA . -3.65 23.59 24.76
O20 SLU HA . -5.45 21.94 25.13
C21 SLU HA . -4.97 20.63 24.95
C22 SLU HA . -5.23 19.82 26.20
C23 SLU HA . -4.37 18.63 26.19
O27 SLU HA . -3.19 18.88 26.88
C24 SLU HA . -5.21 17.61 26.81
O28 SLU HA . -5.16 17.61 28.18
C25 SLU HA . -6.57 18.03 26.40
O26 SLU HA . -6.57 19.43 26.26
N35 SLU HA . -7.04 17.43 25.17
C32 SLU HA . -7.71 16.24 25.08
N31 SLU HA . -8.09 15.31 25.97
C30 SLU HA . -8.73 14.22 25.56
N29 SLU HA . -9.03 13.99 24.28
C33 SLU HA . -7.99 16.04 23.70
C34 SLU HA . -8.68 14.86 23.31
N38 SLU HA . -9.03 14.56 21.94
N37 SLU HA . -7.50 17.10 23.05
C36 SLU HA . -6.94 17.93 23.93
S SO4 IA . -2.11 -48.00 0.55
O1 SO4 IA . -2.65 -46.65 0.43
O2 SO4 IA . -1.97 -48.34 1.97
O3 SO4 IA . -3.00 -48.97 -0.09
O4 SO4 IA . -0.79 -48.05 -0.11
S SO4 JA . 28.15 -22.13 34.22
O1 SO4 JA . 28.73 -20.97 34.89
O2 SO4 JA . 27.22 -22.82 35.13
O3 SO4 JA . 27.44 -21.69 33.02
O4 SO4 JA . 29.22 -23.05 33.83
C01 DYD KA . -8.87 -31.62 3.27
C02 DYD KA . -9.30 -30.18 2.94
C03 DYD KA . -8.99 -29.21 4.08
C04 DYD KA . -10.09 -28.15 4.12
C05 DYD KA . -9.68 -27.05 3.13
C06 DYD KA . -10.62 -25.85 3.19
O07 DYD KA . -9.71 -27.57 1.83
O08 DYD KA . -8.65 -29.76 1.77
C01 DYD LA . -3.07 -29.83 23.88
C02 DYD LA . -1.55 -29.71 23.96
C03 DYD LA . -1.03 -29.45 22.55
C04 DYD LA . 0.49 -29.32 22.57
C05 DYD LA . 0.85 -27.99 21.92
C06 DYD LA . 0.44 -27.99 20.44
O07 DYD LA . 2.23 -27.77 22.03
O08 DYD LA . -1.21 -28.66 24.82
C1 EDO MA . 29.39 -27.90 7.96
O1 EDO MA . 29.64 -26.79 7.10
C2 EDO MA . 30.67 -28.72 8.12
O2 EDO MA . 31.61 -28.01 8.93
C1 EDO NA . -18.25 -37.94 7.37
O1 EDO NA . -17.43 -39.03 7.82
C2 EDO NA . -17.55 -36.61 7.58
O2 EDO NA . -16.91 -36.20 6.36
C1 EDO OA . 22.93 -12.67 -0.72
O1 EDO OA . 22.98 -14.04 -0.30
C2 EDO OA . 24.00 -11.87 0.01
O2 EDO OA . 23.97 -10.51 -0.43
C1 EDO PA . 9.99 -18.73 -17.77
O1 EDO PA . 9.53 -19.55 -18.86
C2 EDO PA . 11.46 -19.04 -17.49
O2 EDO PA . 11.87 -18.40 -16.28
C1 EDO QA . 16.41 -38.22 -14.14
O1 EDO QA . 15.65 -37.84 -15.28
C2 EDO QA . 17.73 -37.48 -14.08
O2 EDO QA . 18.61 -38.09 -13.12
C1 EDO RA . 14.28 -11.00 10.77
O1 EDO RA . 13.99 -9.89 9.91
C2 EDO RA . 15.21 -11.97 10.05
O2 EDO RA . 15.76 -12.90 11.00
C1 EDO SA . -12.43 -23.82 -0.34
O1 EDO SA . -12.29 -22.93 -1.45
C2 EDO SA . -11.95 -23.17 0.96
O2 EDO SA . -12.73 -21.99 1.23
C1 EDO TA . -10.43 -10.78 13.57
O1 EDO TA . -9.97 -12.13 13.64
C2 EDO TA . -9.92 -9.99 14.76
O2 EDO TA . -8.49 -9.89 14.72
C1 EDO UA . -11.62 -32.44 7.35
O1 EDO UA . -11.74 -32.66 5.94
C2 EDO UA . -11.39 -33.76 8.07
O2 EDO UA . -9.99 -34.10 8.10
C1 EDO VA . 13.52 -34.78 44.92
O1 EDO VA . 12.90 -33.77 44.11
C2 EDO VA . 12.66 -36.03 44.97
O2 EDO VA . 11.28 -35.67 44.81
C1 EDO WA . -6.04 -47.80 2.02
O1 EDO WA . -4.81 -48.17 2.66
C2 EDO WA . -7.18 -47.83 3.04
O2 EDO WA . -6.72 -47.28 4.28
C1 EDO XA . 20.81 -43.98 9.62
O1 EDO XA . 21.38 -45.01 8.81
C2 EDO XA . 21.53 -42.65 9.37
O2 EDO XA . 21.21 -42.17 8.06
C1 EDO YA . 8.42 -38.89 17.32
O1 EDO YA . 9.76 -38.64 16.97
C2 EDO YA . 8.29 -40.36 17.53
O2 EDO YA . 9.27 -40.72 18.52
C1 EDO ZA . 16.31 -46.41 0.97
O1 EDO ZA . 16.97 -45.55 0.08
C2 EDO ZA . 16.28 -45.75 2.32
O2 EDO ZA . 17.55 -45.16 2.62
C1 EDO AB . 23.04 -35.21 -4.47
O1 EDO AB . 23.66 -36.15 -5.30
C2 EDO AB . 23.21 -35.60 -3.07
O2 EDO AB . 24.58 -35.66 -2.90
C1 EDO BB . -1.30 -29.14 -5.45
O1 EDO BB . -2.65 -28.87 -5.06
C2 EDO BB . -0.50 -30.01 -4.51
O2 EDO BB . -0.88 -31.38 -4.55
O39 SLU CB . 5.98 -27.47 23.77
C16 SLU CB . 6.93 -27.07 23.15
C14 SLU CB . 7.69 -27.93 22.46
N15 SLU CB . 7.59 -29.25 22.58
C13 SLU CB . 8.63 -27.63 21.57
S12 SLU CB . 9.24 -28.94 21.05
C11 SLU CB . 8.45 -29.89 21.83
C8 SLU CB . 8.56 -31.23 21.70
S9 SLU CB . 7.91 -32.36 22.46
C4 SLU CB . 8.41 -33.52 21.76
C5 SLU CB . 8.21 -34.82 21.94
C6 SLU CB . 8.83 -35.75 21.14
O10 SLU CB . 8.64 -37.08 21.30
C3 SLU CB . 9.20 -33.10 20.80
N7 SLU CB . 9.28 -31.79 20.77
C2 SLU CB . 9.81 -33.95 20.00
C1 SLU CB . 9.65 -35.31 20.14
N40 SLU CB . 7.23 -25.76 23.11
S17 SLU CB . 6.33 -24.78 23.83
O18 SLU CB . 5.05 -24.65 23.18
O19 SLU CB . 6.87 -23.48 23.71
O20 SLU CB . 6.06 -25.08 25.23
C21 SLU CB . 7.00 -25.15 26.27
C22 SLU CB . 6.35 -25.71 27.55
C23 SLU CB . 7.42 -26.18 28.44
O27 SLU CB . 7.91 -25.10 29.13
C24 SLU CB . 6.75 -27.12 29.35
O28 SLU CB . 6.07 -26.49 30.40
C25 SLU CB . 5.75 -27.72 28.48
O26 SLU CB . 5.60 -26.88 27.35
N35 SLU CB . 6.20 -29.02 28.07
C32 SLU CB . 6.22 -30.16 28.69
N31 SLU CB . 5.87 -30.50 29.92
C30 SLU CB . 6.00 -31.81 30.33
N29 SLU CB . 6.49 -32.72 29.44
C33 SLU CB . 6.67 -31.06 27.88
C34 SLU CB . 6.81 -32.30 28.24
N38 SLU CB . 7.30 -33.10 27.31
N37 SLU CB . 6.95 -30.50 26.75
C36 SLU CB . 6.65 -29.25 26.88
#